data_1HKB
#
_entry.id   1HKB
#
_cell.length_a   83.000
_cell.length_b   122.000
_cell.length_c   123.000
_cell.angle_alpha   90.00
_cell.angle_beta   92.00
_cell.angle_gamma   90.00
#
_symmetry.space_group_name_H-M   'P 1 21 1'
#
loop_
_entity.id
_entity.type
_entity.pdbx_description
1 polymer 'D-GLUCOSE 6-PHOSPHOTRANSFERASE'
2 non-polymer beta-D-glucopyranose
3 non-polymer 6-O-phosphono-alpha-D-glucopyranose
4 non-polymer 'CALCIUM ION'
5 water water
#
_entity_poly.entity_id   1
_entity_poly.type   'polypeptide(L)'
_entity_poly.pdbx_seq_one_letter_code
;MIAAQLLAYYFTELKDDQVKKIDKYLYAMRLSDETLIDIMTRFRKEMKNGLSRDFNPTATVKMLPTFVRSIPDGSEKGDF
IALDLGGSSFRILRVQVNHEKNQNVHMESEVYDTPENIVHGSGSQLFDHVAECLGDFMEKRKIKDKKLPVGFTFSFPCQQ
SKIDEAILITWTKRFKASGVEGADVVKLLNKAIKKRGDYDANIVAVVNDTVGTMMTCGYDDQHCEVGLIIGTGTNACYME
ELRHIDLVEGDEGRMCINTEWGAFGDDGSLEDIRTEFDREIDRGSLNPGKQLFEKMVSGMYLGELVRLILVKMAKEGLLF
EGRITPELLTRGKFNTSDVSAIEKNKEGLHNAKEILTRLGVEPSDDDCVSVQHVCTIVSFRSANLVAATLGAILNRLRDN
KGTPRLRTTVGVDGSLYKTHPQYSRRFHKTLRRLVPDSDVRFLLSESGSGKGAAMVTAVAYRLAEQHRQIEETLAHFHLT
KDMLLEVKKRMRAEMELGLRKQTHNNAVVKMLPSFVRRTPDGTENGDFLALDLGGTNFRVLLVKIRSGKKRTVEMHNKIY
AIPIEIMQGTGEELFDHIVSCISDFLDYMGIKGPRMPLGFTFSFPCQQTSLDAGILITWTKGFKATDCVGHDVVTLLRDA
IKRREEFDLDVVAVVNDTVGTMMTCAYEEPTCEVGLIVGTGSNACYMEEMKNVEMVEGDQGQMCINMEWGAFGDNGCLDD
IRTHYDRLVDEYSLNAGKQRYEKMISGMYLGEIVRNILIDFTKKGFLFRGQISETLKTRGIFETKFLSQIESDRLALLQV
RAILQQLGLNSTCDDSILVKTVCGVVSRRAAQLCGAGMAAVVDKIRENRGLDRLNVTVGVDGTLYKLHPHFSRIMHQTVK
ELSPKCNVSFLLSEDGSGKGAALITAVGVRLRTEASS
;
_entity_poly.pdbx_strand_id   A,B
#
# COMPACT_ATOMS: atom_id res chain seq x y z
N ASP A 16 -17.63 -64.62 2.89
CA ASP A 16 -18.57 -63.62 2.31
C ASP A 16 -18.98 -62.57 3.33
N ASP A 17 -19.02 -62.95 4.59
CA ASP A 17 -19.39 -62.00 5.65
C ASP A 17 -18.15 -61.35 6.24
N GLN A 18 -17.02 -62.06 6.18
CA GLN A 18 -15.77 -61.50 6.69
C GLN A 18 -15.59 -60.18 5.95
N VAL A 19 -15.72 -60.26 4.62
CA VAL A 19 -15.61 -59.08 3.77
C VAL A 19 -16.71 -58.12 4.21
N LYS A 20 -17.94 -58.62 4.27
CA LYS A 20 -19.07 -57.81 4.68
C LYS A 20 -18.91 -57.44 6.15
N LYS A 21 -17.94 -58.06 6.80
CA LYS A 21 -17.67 -57.84 8.22
C LYS A 21 -16.83 -56.58 8.38
N ILE A 22 -15.78 -56.46 7.56
CA ILE A 22 -14.91 -55.30 7.62
C ILE A 22 -15.56 -54.13 6.89
N ASP A 23 -16.28 -54.43 5.81
CA ASP A 23 -16.96 -53.40 5.04
C ASP A 23 -17.99 -52.72 5.95
N LYS A 24 -18.18 -53.33 7.12
CA LYS A 24 -19.12 -52.81 8.11
C LYS A 24 -18.33 -51.98 9.11
N TYR A 25 -17.17 -52.50 9.49
CA TYR A 25 -16.31 -51.81 10.45
C TYR A 25 -15.74 -50.54 9.82
N LEU A 26 -15.02 -50.69 8.71
CA LEU A 26 -14.43 -49.56 8.01
C LEU A 26 -15.45 -48.91 7.09
N TYR A 27 -16.70 -48.89 7.52
CA TYR A 27 -17.77 -48.32 6.72
C TYR A 27 -17.48 -46.88 6.37
N ALA A 28 -17.00 -46.13 7.36
CA ALA A 28 -16.69 -44.72 7.17
C ALA A 28 -15.81 -44.47 5.96
N MET A 29 -14.77 -45.30 5.83
CA MET A 29 -13.83 -45.16 4.73
C MET A 29 -14.39 -45.63 3.39
N ARG A 30 -15.70 -45.69 3.29
CA ARG A 30 -16.35 -46.11 2.06
C ARG A 30 -17.15 -44.92 1.53
N LEU A 31 -16.49 -44.09 0.73
CA LEU A 31 -17.10 -42.89 0.18
C LEU A 31 -18.05 -43.11 -1.01
N SER A 32 -19.24 -42.54 -0.88
CA SER A 32 -20.26 -42.64 -1.92
C SER A 32 -20.02 -41.61 -3.03
N ASP A 33 -20.44 -41.94 -4.25
CA ASP A 33 -20.26 -41.03 -5.38
C ASP A 33 -20.87 -39.68 -5.10
N GLU A 34 -22.08 -39.67 -4.56
CA GLU A 34 -22.74 -38.41 -4.23
C GLU A 34 -21.85 -37.64 -3.28
N THR A 35 -21.15 -38.38 -2.43
CA THR A 35 -20.24 -37.79 -1.46
C THR A 35 -19.05 -37.22 -2.22
N LEU A 36 -18.44 -38.04 -3.08
CA LEU A 36 -17.31 -37.63 -3.89
C LEU A 36 -17.64 -36.37 -4.69
N ILE A 37 -18.89 -36.26 -5.14
CA ILE A 37 -19.31 -35.09 -5.88
C ILE A 37 -19.29 -33.89 -4.92
N ASP A 38 -19.78 -34.11 -3.71
CA ASP A 38 -19.82 -33.05 -2.71
C ASP A 38 -18.43 -32.46 -2.52
N ILE A 39 -17.47 -33.32 -2.20
CA ILE A 39 -16.10 -32.89 -2.01
C ILE A 39 -15.63 -32.12 -3.24
N MET A 40 -15.92 -32.64 -4.42
CA MET A 40 -15.52 -31.99 -5.66
C MET A 40 -15.99 -30.55 -5.70
N THR A 41 -17.28 -30.36 -5.43
CA THR A 41 -17.88 -29.05 -5.40
C THR A 41 -17.19 -28.19 -4.36
N ARG A 42 -16.81 -28.80 -3.25
CA ARG A 42 -16.15 -28.09 -2.16
C ARG A 42 -14.81 -27.56 -2.62
N PHE A 43 -13.99 -28.42 -3.22
CA PHE A 43 -12.68 -27.98 -3.68
C PHE A 43 -12.86 -26.88 -4.71
N ARG A 44 -13.83 -27.06 -5.60
CA ARG A 44 -14.08 -26.05 -6.63
C ARG A 44 -14.28 -24.67 -6.01
N LYS A 45 -14.82 -24.62 -4.80
CA LYS A 45 -15.02 -23.33 -4.14
C LYS A 45 -13.73 -22.87 -3.47
N GLU A 46 -12.94 -23.84 -3.02
CA GLU A 46 -11.67 -23.52 -2.38
C GLU A 46 -10.75 -22.88 -3.37
N MET A 47 -10.84 -23.31 -4.63
CA MET A 47 -10.02 -22.78 -5.72
C MET A 47 -10.35 -21.32 -5.98
N LYS A 48 -11.64 -21.01 -5.99
CA LYS A 48 -12.09 -19.65 -6.22
C LYS A 48 -11.57 -18.71 -5.13
N ASN A 49 -11.75 -19.11 -3.87
CA ASN A 49 -11.31 -18.30 -2.74
C ASN A 49 -9.80 -18.10 -2.77
N GLY A 50 -9.09 -19.13 -3.19
CA GLY A 50 -7.65 -19.06 -3.22
C GLY A 50 -7.13 -18.08 -4.25
N LEU A 51 -7.83 -17.98 -5.37
CA LEU A 51 -7.39 -17.08 -6.44
C LEU A 51 -7.85 -15.65 -6.25
N SER A 52 -8.81 -15.44 -5.36
CA SER A 52 -9.35 -14.10 -5.10
C SER A 52 -8.47 -13.27 -4.17
N ARG A 53 -8.33 -11.99 -4.52
CA ARG A 53 -7.53 -11.07 -3.73
C ARG A 53 -8.19 -10.75 -2.40
N ASP A 54 -9.51 -10.89 -2.34
CA ASP A 54 -10.25 -10.61 -1.11
C ASP A 54 -10.24 -11.77 -0.12
N PHE A 55 -10.36 -12.99 -0.62
CA PHE A 55 -10.40 -14.16 0.23
C PHE A 55 -9.10 -14.95 0.31
N ASN A 56 -8.21 -14.74 -0.64
CA ASN A 56 -6.96 -15.49 -0.63
C ASN A 56 -6.30 -15.53 0.75
N PRO A 57 -6.25 -14.38 1.45
CA PRO A 57 -5.62 -14.36 2.78
C PRO A 57 -6.14 -15.35 3.82
N THR A 58 -7.32 -15.89 3.59
CA THR A 58 -7.92 -16.83 4.52
C THR A 58 -7.99 -18.26 3.99
N ALA A 59 -7.84 -18.43 2.67
CA ALA A 59 -7.91 -19.74 2.04
C ALA A 59 -6.83 -20.74 2.47
N THR A 60 -7.20 -22.02 2.49
CA THR A 60 -6.28 -23.09 2.84
C THR A 60 -5.64 -23.64 1.57
N VAL A 61 -6.35 -23.50 0.45
CA VAL A 61 -5.82 -23.95 -0.84
C VAL A 61 -5.19 -22.68 -1.43
N LYS A 62 -3.86 -22.58 -1.33
CA LYS A 62 -3.14 -21.40 -1.79
C LYS A 62 -3.22 -20.92 -3.23
N MET A 63 -3.41 -21.84 -4.17
CA MET A 63 -3.48 -21.46 -5.58
C MET A 63 -2.33 -20.52 -5.95
N LEU A 64 -1.12 -20.89 -5.53
CA LEU A 64 0.06 -20.09 -5.78
C LEU A 64 0.51 -19.99 -7.25
N PRO A 65 0.82 -18.75 -7.73
CA PRO A 65 1.26 -18.55 -9.11
C PRO A 65 2.68 -19.09 -9.24
N THR A 66 3.02 -19.61 -10.43
CA THR A 66 4.33 -20.20 -10.68
C THR A 66 5.23 -19.43 -11.63
N PHE A 67 4.66 -18.47 -12.35
CA PHE A 67 5.41 -17.66 -13.29
C PHE A 67 5.92 -18.48 -14.47
N VAL A 68 5.14 -19.53 -14.77
CA VAL A 68 5.39 -20.42 -15.89
C VAL A 68 4.13 -20.21 -16.71
N ARG A 69 4.27 -19.61 -17.90
CA ARG A 69 3.11 -19.30 -18.76
C ARG A 69 2.77 -20.27 -19.90
N SER A 70 3.62 -21.26 -20.13
CA SER A 70 3.33 -22.20 -21.20
C SER A 70 4.25 -23.40 -21.15
N ILE A 71 3.78 -24.53 -21.66
CA ILE A 71 4.58 -25.75 -21.69
C ILE A 71 5.60 -25.62 -22.83
N PRO A 72 6.64 -26.47 -22.85
CA PRO A 72 7.64 -26.37 -23.91
C PRO A 72 7.12 -26.22 -25.33
N ASP A 73 7.77 -25.36 -26.09
CA ASP A 73 7.39 -25.11 -27.48
C ASP A 73 8.35 -25.79 -28.45
N GLY A 74 9.53 -26.16 -27.95
CA GLY A 74 10.51 -26.82 -28.78
C GLY A 74 11.74 -25.97 -29.04
N SER A 75 11.59 -24.67 -28.87
CA SER A 75 12.68 -23.74 -29.09
C SER A 75 13.74 -23.79 -27.98
N GLU A 76 13.42 -24.48 -26.89
CA GLU A 76 14.34 -24.58 -25.76
C GLU A 76 15.63 -25.30 -26.13
N LYS A 77 16.75 -24.77 -25.67
CA LYS A 77 18.06 -25.37 -25.95
C LYS A 77 19.18 -24.84 -25.05
N GLY A 78 20.13 -25.72 -24.73
CA GLY A 78 21.24 -25.33 -23.88
C GLY A 78 21.68 -26.46 -22.96
N ASP A 79 22.58 -26.16 -22.04
CA ASP A 79 23.09 -27.15 -21.09
C ASP A 79 22.75 -26.69 -19.67
N PHE A 80 21.86 -27.41 -19.00
CA PHE A 80 21.45 -27.03 -17.66
C PHE A 80 21.57 -28.13 -16.64
N ILE A 81 21.60 -27.73 -15.36
CA ILE A 81 21.68 -28.65 -14.24
C ILE A 81 20.37 -28.51 -13.45
N ALA A 82 19.82 -29.63 -12.99
CA ALA A 82 18.57 -29.58 -12.23
C ALA A 82 18.72 -30.27 -10.88
N LEU A 83 18.02 -29.75 -9.88
CA LEU A 83 18.05 -30.30 -8.54
C LEU A 83 16.65 -30.75 -8.25
N ASP A 84 16.52 -31.89 -7.58
CA ASP A 84 15.21 -32.44 -7.27
C ASP A 84 15.14 -32.86 -5.80
N LEU A 85 14.81 -31.92 -4.93
CA LEU A 85 14.71 -32.18 -3.49
C LEU A 85 13.27 -32.07 -3.03
N GLY A 86 12.86 -32.99 -2.16
CA GLY A 86 11.51 -32.97 -1.65
C GLY A 86 10.74 -34.24 -1.95
N GLY A 87 11.18 -34.95 -2.99
CA GLY A 87 10.53 -36.19 -3.36
C GLY A 87 11.07 -37.29 -2.47
N SER A 88 10.97 -38.55 -2.89
CA SER A 88 11.48 -39.62 -2.06
C SER A 88 12.98 -39.76 -2.25
N SER A 89 13.52 -39.13 -3.29
CA SER A 89 14.96 -39.23 -3.54
C SER A 89 15.59 -37.93 -3.99
N PHE A 90 16.69 -37.55 -3.34
CA PHE A 90 17.41 -36.34 -3.69
C PHE A 90 18.24 -36.70 -4.91
N ARG A 91 17.86 -36.16 -6.07
CA ARG A 91 18.54 -36.48 -7.30
C ARG A 91 18.97 -35.24 -8.07
N ILE A 92 20.19 -35.26 -8.60
CA ILE A 92 20.69 -34.13 -9.38
C ILE A 92 20.91 -34.61 -10.80
N LEU A 93 20.50 -33.82 -11.78
CA LEU A 93 20.67 -34.20 -13.18
C LEU A 93 21.20 -33.08 -14.07
N ARG A 94 21.69 -33.47 -15.24
CA ARG A 94 22.20 -32.53 -16.23
C ARG A 94 21.45 -32.80 -17.50
N VAL A 95 20.78 -31.78 -18.02
CA VAL A 95 20.00 -31.95 -19.24
C VAL A 95 20.54 -31.10 -20.37
N GLN A 96 20.96 -31.77 -21.44
CA GLN A 96 21.48 -31.09 -22.60
C GLN A 96 20.41 -31.20 -23.67
N VAL A 97 20.11 -30.08 -24.33
CA VAL A 97 19.08 -30.05 -25.36
C VAL A 97 19.45 -29.01 -26.42
N ASN A 98 19.34 -29.38 -27.70
CA ASN A 98 19.63 -28.45 -28.77
C ASN A 98 19.27 -29.00 -30.13
N HIS A 99 18.04 -28.77 -30.54
CA HIS A 99 17.58 -29.25 -31.83
C HIS A 99 18.26 -28.44 -32.92
N GLU A 100 18.40 -27.14 -32.67
CA GLU A 100 19.02 -26.22 -33.61
C GLU A 100 20.17 -26.90 -34.35
N LYS A 101 21.17 -27.35 -33.59
CA LYS A 101 22.32 -28.02 -34.17
C LYS A 101 21.96 -29.40 -34.68
N ASN A 102 21.21 -30.16 -33.89
CA ASN A 102 20.81 -31.50 -34.28
C ASN A 102 20.46 -32.32 -33.05
N GLN A 103 21.24 -32.12 -31.99
CA GLN A 103 21.07 -32.83 -30.72
C GLN A 103 19.64 -32.83 -30.18
N ASN A 104 19.24 -33.97 -29.62
CA ASN A 104 17.91 -34.12 -29.04
C ASN A 104 18.12 -34.25 -27.53
N VAL A 105 17.05 -34.18 -26.75
CA VAL A 105 17.16 -34.23 -25.30
C VAL A 105 17.94 -35.40 -24.71
N HIS A 106 18.99 -35.07 -23.95
CA HIS A 106 19.84 -36.07 -23.30
C HIS A 106 20.03 -35.64 -21.86
N MET A 107 20.04 -36.60 -20.94
CA MET A 107 20.22 -36.27 -19.52
C MET A 107 20.79 -37.38 -18.67
N GLU A 108 21.76 -37.04 -17.83
CA GLU A 108 22.38 -37.99 -16.93
C GLU A 108 22.08 -37.52 -15.51
N SER A 109 21.54 -38.42 -14.69
CA SER A 109 21.21 -38.06 -13.32
C SER A 109 21.91 -38.91 -12.27
N GLU A 110 21.96 -38.41 -11.04
CA GLU A 110 22.59 -39.11 -9.95
C GLU A 110 21.70 -38.98 -8.73
N VAL A 111 21.75 -39.97 -7.85
CA VAL A 111 20.96 -39.94 -6.64
C VAL A 111 21.90 -39.79 -5.45
N TYR A 112 21.52 -38.96 -4.48
CA TYR A 112 22.33 -38.75 -3.30
C TYR A 112 21.54 -39.10 -2.05
N ASP A 113 22.24 -39.56 -1.03
CA ASP A 113 21.58 -39.94 0.21
C ASP A 113 21.31 -38.72 1.08
N THR A 114 20.19 -38.76 1.78
CA THR A 114 19.80 -37.68 2.67
C THR A 114 19.25 -38.32 3.93
N PRO A 115 20.11 -38.47 4.95
CA PRO A 115 19.78 -39.06 6.25
C PRO A 115 18.72 -38.31 7.06
N GLU A 116 17.94 -39.05 7.84
CA GLU A 116 16.89 -38.48 8.67
C GLU A 116 17.50 -37.49 9.66
N ASN A 117 18.75 -37.15 9.43
CA ASN A 117 19.48 -36.23 10.28
C ASN A 117 19.46 -34.83 9.66
N ILE A 118 19.87 -34.77 8.40
CA ILE A 118 19.92 -33.53 7.65
C ILE A 118 18.52 -32.98 7.43
N VAL A 119 17.62 -33.87 7.03
CA VAL A 119 16.23 -33.53 6.76
C VAL A 119 15.53 -32.92 7.96
N HIS A 120 15.95 -33.29 9.16
CA HIS A 120 15.33 -32.78 10.36
C HIS A 120 16.27 -31.91 11.18
N GLY A 121 17.38 -31.51 10.58
CA GLY A 121 18.33 -30.66 11.29
C GLY A 121 18.10 -29.19 11.03
N SER A 122 19.18 -28.42 10.99
CA SER A 122 19.08 -26.99 10.75
C SER A 122 19.13 -26.74 9.25
N GLY A 123 18.43 -25.71 8.80
CA GLY A 123 18.42 -25.39 7.39
C GLY A 123 19.83 -25.34 6.88
N SER A 124 20.72 -24.77 7.70
CA SER A 124 22.12 -24.64 7.35
C SER A 124 22.72 -25.99 7.01
N GLN A 125 22.56 -26.96 7.91
CA GLN A 125 23.09 -28.28 7.67
C GLN A 125 22.50 -28.84 6.37
N LEU A 126 21.20 -28.64 6.18
CA LEU A 126 20.53 -29.13 4.98
C LEU A 126 21.08 -28.54 3.69
N PHE A 127 21.17 -27.22 3.64
CA PHE A 127 21.66 -26.59 2.43
C PHE A 127 23.14 -26.76 2.20
N ASP A 128 23.87 -27.13 3.25
CA ASP A 128 25.31 -27.34 3.12
C ASP A 128 25.46 -28.64 2.34
N HIS A 129 24.60 -29.60 2.69
CA HIS A 129 24.57 -30.90 2.06
C HIS A 129 24.23 -30.75 0.58
N VAL A 130 23.14 -30.05 0.29
CA VAL A 130 22.72 -29.83 -1.09
C VAL A 130 23.85 -29.18 -1.89
N ALA A 131 24.58 -28.27 -1.26
CA ALA A 131 25.67 -27.56 -1.91
C ALA A 131 26.87 -28.46 -2.10
N GLU A 132 27.04 -29.40 -1.18
CA GLU A 132 28.15 -30.32 -1.27
C GLU A 132 27.86 -31.31 -2.39
N CYS A 133 26.66 -31.88 -2.37
CA CYS A 133 26.25 -32.84 -3.39
C CYS A 133 26.33 -32.29 -4.81
N LEU A 134 25.95 -31.03 -4.99
CA LEU A 134 26.02 -30.40 -6.31
C LEU A 134 27.48 -30.26 -6.72
N GLY A 135 28.34 -29.95 -5.74
CA GLY A 135 29.74 -29.80 -6.02
C GLY A 135 30.31 -31.10 -6.54
N ASP A 136 30.07 -32.19 -5.81
CA ASP A 136 30.57 -33.51 -6.20
C ASP A 136 30.09 -33.88 -7.60
N PHE A 137 28.81 -33.68 -7.85
CA PHE A 137 28.23 -33.99 -9.15
C PHE A 137 28.99 -33.29 -10.28
N MET A 138 29.23 -31.99 -10.12
CA MET A 138 29.94 -31.20 -11.13
C MET A 138 31.39 -31.61 -11.28
N GLU A 139 31.94 -32.23 -10.24
CA GLU A 139 33.33 -32.68 -10.26
C GLU A 139 33.42 -33.99 -11.03
N LYS A 140 32.50 -34.89 -10.74
CA LYS A 140 32.46 -36.18 -11.41
C LYS A 140 32.32 -35.99 -12.91
N ARG A 141 31.81 -34.83 -13.31
CA ARG A 141 31.64 -34.53 -14.72
C ARG A 141 32.62 -33.43 -15.12
N LYS A 142 33.34 -32.90 -14.13
CA LYS A 142 34.32 -31.85 -14.35
C LYS A 142 33.72 -30.69 -15.15
N ILE A 143 32.51 -30.27 -14.77
CA ILE A 143 31.82 -29.18 -15.45
C ILE A 143 31.74 -27.94 -14.57
N LYS A 144 32.58 -27.89 -13.55
CA LYS A 144 32.63 -26.74 -12.64
C LYS A 144 32.89 -25.44 -13.39
N ASP A 145 33.89 -25.46 -14.27
CA ASP A 145 34.28 -24.29 -15.05
C ASP A 145 33.12 -23.64 -15.80
N LYS A 146 32.08 -24.42 -16.07
CA LYS A 146 30.93 -23.90 -16.80
C LYS A 146 29.86 -23.31 -15.88
N LYS A 147 29.44 -22.10 -16.22
CA LYS A 147 28.41 -21.38 -15.48
C LYS A 147 27.04 -21.89 -15.89
N LEU A 148 26.90 -23.22 -15.90
CA LEU A 148 25.65 -23.85 -16.30
C LEU A 148 24.49 -23.42 -15.41
N PRO A 149 23.39 -22.96 -16.03
CA PRO A 149 22.20 -22.52 -15.27
C PRO A 149 21.64 -23.66 -14.42
N VAL A 150 21.22 -23.33 -13.21
CA VAL A 150 20.67 -24.35 -12.33
C VAL A 150 19.19 -24.14 -12.10
N GLY A 151 18.42 -25.21 -12.28
CA GLY A 151 16.98 -25.15 -12.05
C GLY A 151 16.76 -25.86 -10.73
N PHE A 152 15.84 -25.37 -9.90
CA PHE A 152 15.61 -25.99 -8.59
C PHE A 152 14.20 -26.51 -8.43
N THR A 153 14.07 -27.82 -8.29
CA THR A 153 12.76 -28.43 -8.10
C THR A 153 12.65 -28.66 -6.61
N PHE A 154 11.87 -27.79 -5.97
CA PHE A 154 11.64 -27.82 -4.53
C PHE A 154 10.16 -28.14 -4.32
N SER A 155 9.88 -29.40 -3.97
CA SER A 155 8.50 -29.85 -3.77
C SER A 155 7.84 -29.44 -2.45
N PHE A 156 7.75 -28.14 -2.21
CA PHE A 156 7.12 -27.60 -1.00
C PHE A 156 6.38 -26.32 -1.37
N PRO A 157 5.42 -25.88 -0.54
CA PRO A 157 4.69 -24.64 -0.86
C PRO A 157 5.59 -23.41 -0.75
N CYS A 158 5.66 -22.61 -1.82
CA CYS A 158 6.53 -21.44 -1.78
C CYS A 158 5.93 -20.16 -2.30
N GLN A 159 6.21 -19.07 -1.60
CA GLN A 159 5.72 -17.78 -2.02
C GLN A 159 6.77 -17.21 -2.98
N GLN A 160 6.33 -16.78 -4.16
CA GLN A 160 7.24 -16.21 -5.14
C GLN A 160 6.60 -15.04 -5.87
N SER A 161 7.41 -13.99 -6.07
CA SER A 161 6.98 -12.79 -6.78
C SER A 161 7.69 -12.81 -8.13
N LYS A 162 8.60 -13.77 -8.26
CA LYS A 162 9.36 -13.97 -9.47
C LYS A 162 9.92 -15.40 -9.40
N ILE A 163 10.11 -16.01 -10.57
CA ILE A 163 10.60 -17.38 -10.69
C ILE A 163 11.92 -17.76 -10.02
N ASP A 164 12.76 -16.79 -9.70
CA ASP A 164 14.03 -17.14 -9.06
C ASP A 164 14.06 -16.74 -7.60
N GLU A 165 12.88 -16.75 -6.99
CA GLU A 165 12.71 -16.42 -5.60
C GLU A 165 11.68 -17.41 -5.06
N ALA A 166 11.99 -18.01 -3.90
CA ALA A 166 11.08 -18.99 -3.33
C ALA A 166 11.12 -18.96 -1.81
N ILE A 167 10.15 -18.28 -1.21
CA ILE A 167 10.09 -18.20 0.24
C ILE A 167 9.23 -19.34 0.75
N LEU A 168 9.84 -20.20 1.57
CA LEU A 168 9.15 -21.35 2.11
C LEU A 168 8.03 -20.97 3.05
N ILE A 169 6.81 -21.38 2.70
CA ILE A 169 5.64 -21.09 3.50
C ILE A 169 5.60 -22.04 4.69
N THR A 170 5.86 -23.31 4.44
CA THR A 170 5.85 -24.31 5.49
C THR A 170 6.30 -25.67 4.99
N TRP A 171 7.02 -26.42 5.82
CA TRP A 171 7.52 -27.74 5.45
C TRP A 171 6.35 -28.73 5.42
N THR A 172 6.52 -29.80 4.64
CA THR A 172 5.52 -30.86 4.52
C THR A 172 6.25 -32.19 4.39
N LYS A 173 5.48 -33.27 4.39
CA LYS A 173 6.05 -34.60 4.27
C LYS A 173 7.07 -34.93 5.36
N ARG A 174 8.27 -35.38 4.99
CA ARG A 174 9.26 -35.77 5.97
C ARG A 174 10.21 -34.68 6.42
N PHE A 175 10.28 -33.59 5.67
CA PHE A 175 11.19 -32.50 6.01
C PHE A 175 10.75 -31.66 7.20
N LYS A 176 11.72 -31.23 8.01
CA LYS A 176 11.46 -30.40 9.16
C LYS A 176 12.75 -29.76 9.61
N ALA A 177 13.34 -28.96 8.74
CA ALA A 177 14.59 -28.26 9.03
C ALA A 177 14.30 -26.88 9.59
N SER A 178 15.03 -26.51 10.64
CA SER A 178 14.85 -25.24 11.30
C SER A 178 15.53 -24.07 10.60
N GLY A 179 14.93 -22.90 10.71
CA GLY A 179 15.49 -21.69 10.13
C GLY A 179 15.30 -21.55 8.63
N VAL A 180 14.29 -22.22 8.09
CA VAL A 180 14.05 -22.14 6.66
C VAL A 180 12.70 -21.53 6.35
N GLU A 181 11.67 -21.91 7.09
CA GLU A 181 10.33 -21.39 6.86
C GLU A 181 10.35 -19.86 6.91
N GLY A 182 9.75 -19.24 5.91
CA GLY A 182 9.71 -17.79 5.87
C GLY A 182 10.92 -17.16 5.21
N ALA A 183 11.92 -17.98 4.91
CA ALA A 183 13.14 -17.50 4.27
C ALA A 183 13.11 -17.84 2.80
N ASP A 184 14.08 -17.34 2.06
CA ASP A 184 14.18 -17.59 0.64
C ASP A 184 15.24 -18.69 0.41
N VAL A 185 14.79 -19.93 0.13
CA VAL A 185 15.70 -21.05 -0.09
C VAL A 185 16.75 -20.79 -1.16
N VAL A 186 16.47 -19.88 -2.08
CA VAL A 186 17.43 -19.55 -3.10
C VAL A 186 18.59 -18.85 -2.40
N LYS A 187 18.26 -17.82 -1.63
CA LYS A 187 19.27 -17.06 -0.90
C LYS A 187 19.99 -17.96 0.09
N LEU A 188 19.22 -18.85 0.72
CA LEU A 188 19.77 -19.78 1.70
C LEU A 188 20.73 -20.76 1.04
N LEU A 189 20.38 -21.20 -0.16
CA LEU A 189 21.24 -22.14 -0.88
C LEU A 189 22.44 -21.39 -1.45
N ASN A 190 22.21 -20.19 -1.97
CA ASN A 190 23.29 -19.38 -2.54
C ASN A 190 24.37 -19.13 -1.50
N LYS A 191 23.96 -18.95 -0.25
CA LYS A 191 24.91 -18.70 0.82
C LYS A 191 25.81 -19.92 1.05
N ALA A 192 25.20 -21.09 1.13
CA ALA A 192 25.94 -22.33 1.35
C ALA A 192 27.01 -22.59 0.30
N ILE A 193 26.68 -22.30 -0.96
CA ILE A 193 27.61 -22.50 -2.06
C ILE A 193 28.76 -21.52 -1.91
N LYS A 194 28.43 -20.23 -1.80
CA LYS A 194 29.44 -19.19 -1.65
C LYS A 194 30.34 -19.51 -0.47
N LYS A 195 29.76 -20.10 0.56
CA LYS A 195 30.52 -20.45 1.75
C LYS A 195 31.52 -21.56 1.44
N ARG A 196 31.28 -22.26 0.34
CA ARG A 196 32.15 -23.36 -0.06
C ARG A 196 33.32 -22.84 -0.92
N GLY A 197 33.08 -21.75 -1.63
CA GLY A 197 34.10 -21.18 -2.49
C GLY A 197 34.62 -22.20 -3.48
N ASP A 198 34.02 -23.38 -3.44
CA ASP A 198 34.39 -24.49 -4.31
C ASP A 198 34.02 -24.22 -5.77
N TYR A 199 32.82 -23.69 -5.98
CA TYR A 199 32.34 -23.41 -7.32
C TYR A 199 31.37 -22.23 -7.33
N ASP A 200 30.71 -22.04 -8.46
CA ASP A 200 29.75 -20.97 -8.62
C ASP A 200 28.42 -21.48 -9.18
N ALA A 201 27.34 -21.16 -8.47
CA ALA A 201 26.01 -21.58 -8.89
C ALA A 201 25.24 -20.41 -9.47
N ASN A 202 24.34 -20.70 -10.39
CA ASN A 202 23.54 -19.68 -11.05
C ASN A 202 22.08 -20.11 -11.00
N ILE A 203 21.57 -20.38 -9.80
CA ILE A 203 20.18 -20.80 -9.66
C ILE A 203 19.25 -19.81 -10.36
N VAL A 204 18.74 -20.21 -11.52
CA VAL A 204 17.89 -19.35 -12.32
C VAL A 204 16.39 -19.51 -12.08
N ALA A 205 15.98 -20.61 -11.47
CA ALA A 205 14.56 -20.81 -11.24
C ALA A 205 14.26 -21.86 -10.19
N VAL A 206 13.08 -21.75 -9.60
CA VAL A 206 12.64 -22.70 -8.61
C VAL A 206 11.26 -23.13 -9.05
N VAL A 207 11.04 -24.44 -9.19
CA VAL A 207 9.74 -24.95 -9.61
C VAL A 207 9.30 -26.07 -8.69
N ASN A 208 8.00 -26.21 -8.55
CA ASN A 208 7.42 -27.26 -7.73
C ASN A 208 7.36 -28.49 -8.63
N ASP A 209 7.43 -29.68 -8.05
CA ASP A 209 7.40 -30.89 -8.86
C ASP A 209 6.14 -31.07 -9.70
N THR A 210 4.99 -30.59 -9.23
CA THR A 210 3.79 -30.73 -10.05
C THR A 210 3.97 -29.89 -11.32
N VAL A 211 4.68 -28.79 -11.22
CA VAL A 211 4.92 -27.95 -12.39
C VAL A 211 6.00 -28.61 -13.25
N GLY A 212 7.02 -29.17 -12.61
CA GLY A 212 8.07 -29.83 -13.36
C GLY A 212 7.46 -31.00 -14.14
N THR A 213 6.64 -31.79 -13.45
CA THR A 213 5.99 -32.94 -14.06
C THR A 213 5.14 -32.54 -15.27
N MET A 214 4.38 -31.44 -15.12
CA MET A 214 3.56 -30.96 -16.23
C MET A 214 4.42 -30.55 -17.41
N MET A 215 5.52 -29.85 -17.12
CA MET A 215 6.43 -29.40 -18.17
C MET A 215 6.98 -30.58 -18.94
N THR A 216 7.33 -31.65 -18.21
CA THR A 216 7.89 -32.88 -18.78
C THR A 216 6.93 -33.56 -19.75
N CYS A 217 5.74 -33.89 -19.26
CA CYS A 217 4.75 -34.53 -20.11
C CYS A 217 4.31 -33.63 -21.26
N GLY A 218 4.38 -32.32 -21.05
CA GLY A 218 3.96 -31.38 -22.09
C GLY A 218 4.89 -31.43 -23.29
N TYR A 219 6.17 -31.66 -23.01
CA TYR A 219 7.17 -31.75 -24.05
C TYR A 219 6.74 -32.76 -25.10
N ASP A 220 6.28 -33.92 -24.63
CA ASP A 220 5.84 -35.00 -25.51
C ASP A 220 4.38 -34.91 -25.92
N ASP A 221 3.57 -34.19 -25.15
CA ASP A 221 2.16 -34.04 -25.47
C ASP A 221 1.73 -32.60 -25.29
N GLN A 222 1.63 -31.87 -26.38
CA GLN A 222 1.25 -30.46 -26.35
C GLN A 222 -0.18 -30.19 -25.92
N HIS A 223 -0.79 -31.14 -25.24
CA HIS A 223 -2.15 -30.93 -24.76
C HIS A 223 -2.19 -31.06 -23.25
N CYS A 224 -1.01 -31.20 -22.66
CA CYS A 224 -0.85 -31.31 -21.22
C CYS A 224 -1.17 -29.96 -20.56
N GLU A 225 -2.16 -29.94 -19.67
CA GLU A 225 -2.55 -28.71 -18.97
C GLU A 225 -2.59 -28.93 -17.47
N VAL A 226 -2.24 -30.13 -17.03
CA VAL A 226 -2.24 -30.48 -15.61
C VAL A 226 -1.06 -31.34 -15.18
N GLY A 227 -0.57 -31.08 -13.98
CA GLY A 227 0.55 -31.84 -13.45
C GLY A 227 0.06 -32.43 -12.14
N LEU A 228 0.17 -33.75 -12.01
CA LEU A 228 -0.30 -34.40 -10.81
C LEU A 228 0.75 -35.29 -10.15
N ILE A 229 0.81 -35.24 -8.82
CA ILE A 229 1.77 -36.06 -8.08
C ILE A 229 1.07 -36.80 -6.97
N ILE A 230 1.35 -38.10 -6.88
CA ILE A 230 0.79 -38.97 -5.85
C ILE A 230 1.89 -39.90 -5.41
N GLY A 231 2.71 -39.46 -4.46
CA GLY A 231 3.81 -40.26 -3.95
C GLY A 231 3.91 -40.02 -2.46
N THR A 232 5.09 -39.65 -1.98
CA THR A 232 5.25 -39.37 -0.56
C THR A 232 4.14 -38.39 -0.17
N GLY A 233 3.86 -37.44 -1.07
CA GLY A 233 2.80 -36.47 -0.84
C GLY A 233 1.96 -36.36 -2.09
N THR A 234 0.92 -35.53 -2.08
CA THR A 234 0.09 -35.38 -3.26
C THR A 234 -0.30 -33.92 -3.50
N ASN A 235 -0.17 -33.48 -4.75
CA ASN A 235 -0.48 -32.11 -5.13
C ASN A 235 -0.72 -32.06 -6.64
N ALA A 236 -1.24 -30.93 -7.12
CA ALA A 236 -1.49 -30.77 -8.55
C ALA A 236 -1.45 -29.31 -8.97
N CYS A 237 -1.09 -29.07 -10.23
CA CYS A 237 -1.00 -27.73 -10.79
C CYS A 237 -1.69 -27.70 -12.16
N TYR A 238 -2.23 -26.55 -12.54
CA TYR A 238 -2.91 -26.46 -13.82
C TYR A 238 -2.68 -25.11 -14.49
N MET A 239 -3.12 -24.96 -15.75
CA MET A 239 -2.94 -23.70 -16.49
C MET A 239 -4.18 -22.84 -16.35
N GLU A 240 -4.05 -21.77 -15.57
CA GLU A 240 -5.14 -20.84 -15.29
C GLU A 240 -5.04 -19.57 -16.13
N GLU A 241 -6.18 -18.91 -16.35
CA GLU A 241 -6.19 -17.68 -17.14
C GLU A 241 -5.65 -16.52 -16.32
N LEU A 242 -4.66 -15.83 -16.85
CA LEU A 242 -4.06 -14.71 -16.14
C LEU A 242 -5.09 -13.72 -15.62
N ARG A 243 -6.21 -13.59 -16.32
CA ARG A 243 -7.24 -12.66 -15.89
C ARG A 243 -8.01 -13.18 -14.68
N HIS A 244 -7.64 -14.38 -14.21
CA HIS A 244 -8.31 -14.98 -13.05
C HIS A 244 -7.40 -14.93 -11.83
N ILE A 245 -6.11 -14.80 -12.08
CA ILE A 245 -5.11 -14.73 -11.03
C ILE A 245 -5.01 -13.29 -10.50
N ASP A 246 -5.86 -12.95 -9.54
CA ASP A 246 -5.89 -11.62 -8.95
C ASP A 246 -4.55 -11.13 -8.41
N LEU A 247 -3.80 -12.02 -7.78
CA LEU A 247 -2.52 -11.66 -7.19
C LEU A 247 -1.36 -11.48 -8.16
N VAL A 248 -1.67 -11.39 -9.45
CA VAL A 248 -0.63 -11.19 -10.46
C VAL A 248 -1.17 -10.22 -11.51
N GLU A 249 -0.61 -9.01 -11.53
CA GLU A 249 -1.05 -7.97 -12.47
C GLU A 249 -0.87 -8.43 -13.90
N GLY A 250 -1.98 -8.47 -14.64
CA GLY A 250 -1.95 -8.88 -16.02
C GLY A 250 -3.26 -9.57 -16.35
N ASP A 251 -3.64 -9.58 -17.62
CA ASP A 251 -4.88 -10.23 -18.02
C ASP A 251 -4.62 -10.90 -19.34
N GLU A 252 -3.34 -10.99 -19.69
CA GLU A 252 -2.95 -11.57 -20.95
C GLU A 252 -2.38 -12.98 -20.84
N GLY A 253 -3.04 -13.93 -21.50
CA GLY A 253 -2.58 -15.30 -21.49
C GLY A 253 -2.89 -16.13 -20.27
N ARG A 254 -2.04 -17.14 -20.04
CA ARG A 254 -2.19 -18.06 -18.92
C ARG A 254 -0.90 -18.18 -18.11
N MET A 255 -1.05 -18.68 -16.89
CA MET A 255 0.08 -18.92 -15.99
C MET A 255 -0.26 -20.19 -15.22
N CYS A 256 0.77 -20.93 -14.83
CA CYS A 256 0.54 -22.15 -14.10
C CYS A 256 0.36 -21.92 -12.60
N ILE A 257 -0.76 -22.39 -12.08
CA ILE A 257 -1.07 -22.25 -10.66
C ILE A 257 -0.75 -23.56 -9.93
N ASN A 258 -0.08 -23.49 -8.79
CA ASN A 258 0.23 -24.68 -7.99
C ASN A 258 -0.81 -24.69 -6.89
N THR A 259 -1.86 -25.47 -7.06
CA THR A 259 -2.91 -25.49 -6.06
C THR A 259 -2.46 -25.76 -4.63
N GLU A 260 -1.63 -26.78 -4.44
CA GLU A 260 -1.21 -27.17 -3.10
C GLU A 260 -2.48 -27.63 -2.39
N TRP A 261 -3.14 -28.63 -2.97
CA TRP A 261 -4.39 -29.17 -2.41
C TRP A 261 -4.19 -30.08 -1.22
N GLY A 262 -2.94 -30.45 -0.94
CA GLY A 262 -2.70 -31.32 0.19
C GLY A 262 -3.19 -30.70 1.49
N ALA A 263 -3.41 -29.38 1.45
CA ALA A 263 -3.86 -28.68 2.64
C ALA A 263 -5.34 -28.43 2.56
N PHE A 264 -6.01 -29.15 1.67
CA PHE A 264 -7.44 -29.03 1.50
C PHE A 264 -8.11 -29.47 2.82
N GLY A 265 -9.00 -28.65 3.36
CA GLY A 265 -9.68 -29.00 4.60
C GLY A 265 -8.87 -28.83 5.88
N ASP A 266 -7.83 -28.00 5.83
CA ASP A 266 -7.02 -27.77 7.02
C ASP A 266 -7.75 -26.81 7.92
N ASP A 267 -8.78 -26.18 7.39
CA ASP A 267 -9.57 -25.24 8.17
C ASP A 267 -10.75 -26.03 8.73
N GLY A 268 -10.61 -27.34 8.68
CA GLY A 268 -11.65 -28.21 9.19
C GLY A 268 -12.86 -28.33 8.30
N SER A 269 -12.64 -28.37 6.99
CA SER A 269 -13.74 -28.50 6.06
C SER A 269 -13.99 -29.95 5.66
N LEU A 270 -13.18 -30.86 6.20
CA LEU A 270 -13.31 -32.29 5.90
C LEU A 270 -13.35 -33.12 7.17
N GLU A 271 -13.73 -32.48 8.27
CA GLU A 271 -13.82 -33.14 9.56
C GLU A 271 -14.90 -34.20 9.48
N ASP A 272 -15.95 -33.88 8.73
CA ASP A 272 -17.07 -34.80 8.56
C ASP A 272 -16.74 -35.95 7.62
N ILE A 273 -15.47 -36.08 7.26
CA ILE A 273 -15.07 -37.16 6.37
C ILE A 273 -13.85 -37.85 6.96
N ARG A 274 -13.19 -37.18 7.91
CA ARG A 274 -12.01 -37.73 8.56
C ARG A 274 -12.41 -38.70 9.68
N THR A 275 -11.65 -39.78 9.82
CA THR A 275 -11.91 -40.79 10.83
C THR A 275 -10.94 -40.69 12.00
N GLU A 276 -11.30 -41.36 13.09
CA GLU A 276 -10.46 -41.36 14.28
C GLU A 276 -9.09 -41.90 13.90
N PHE A 277 -9.04 -42.69 12.83
CA PHE A 277 -7.79 -43.26 12.38
C PHE A 277 -6.97 -42.16 11.73
N ASP A 278 -7.65 -41.22 11.12
CA ASP A 278 -7.01 -40.10 10.46
C ASP A 278 -6.40 -39.19 11.53
N ARG A 279 -7.24 -38.79 12.48
CA ARG A 279 -6.84 -37.92 13.58
C ARG A 279 -5.66 -38.51 14.36
N GLU A 280 -5.73 -39.79 14.63
CA GLU A 280 -4.67 -40.43 15.38
C GLU A 280 -3.40 -40.39 14.55
N ILE A 281 -3.54 -40.51 13.24
CA ILE A 281 -2.37 -40.49 12.35
C ILE A 281 -1.73 -39.12 12.41
N ASP A 282 -2.59 -38.10 12.53
CA ASP A 282 -2.17 -36.71 12.60
C ASP A 282 -1.47 -36.39 13.92
N ARG A 283 -2.12 -36.74 15.02
CA ARG A 283 -1.58 -36.49 16.34
C ARG A 283 -0.17 -37.05 16.50
N GLY A 284 0.23 -37.91 15.58
CA GLY A 284 1.56 -38.50 15.66
C GLY A 284 2.46 -38.01 14.53
N SER A 285 1.92 -37.13 13.70
CA SER A 285 2.65 -36.59 12.56
C SER A 285 3.67 -35.52 12.94
N LEU A 286 4.49 -35.15 11.95
CA LEU A 286 5.52 -34.14 12.11
C LEU A 286 4.88 -32.75 12.13
N ASN A 287 3.81 -32.59 11.37
CA ASN A 287 3.13 -31.30 11.25
C ASN A 287 1.66 -31.43 11.63
N PRO A 288 1.38 -31.56 12.92
CA PRO A 288 0.01 -31.68 13.41
C PRO A 288 -0.88 -30.58 12.90
N GLY A 289 -2.06 -30.95 12.43
CA GLY A 289 -3.02 -29.97 11.97
C GLY A 289 -2.96 -29.53 10.52
N LYS A 290 -1.88 -29.87 9.82
CA LYS A 290 -1.74 -29.45 8.42
C LYS A 290 -1.67 -30.60 7.42
N GLN A 291 -1.94 -30.26 6.15
CA GLN A 291 -1.92 -31.21 5.05
C GLN A 291 -2.86 -32.36 5.33
N LEU A 292 -4.03 -32.07 5.90
CA LEU A 292 -5.00 -33.09 6.24
C LEU A 292 -5.46 -33.91 5.05
N PHE A 293 -5.92 -33.26 4.00
CA PHE A 293 -6.38 -33.96 2.80
C PHE A 293 -5.28 -34.90 2.32
N GLU A 294 -4.04 -34.40 2.33
CA GLU A 294 -2.90 -35.18 1.89
C GLU A 294 -2.63 -36.35 2.84
N LYS A 295 -3.00 -36.20 4.11
CA LYS A 295 -2.74 -37.26 5.06
C LYS A 295 -3.66 -38.48 4.85
N MET A 296 -4.68 -38.32 4.02
CA MET A 296 -5.60 -39.43 3.72
C MET A 296 -5.29 -40.04 2.35
N VAL A 297 -4.24 -39.53 1.70
CA VAL A 297 -3.89 -39.97 0.36
C VAL A 297 -2.47 -40.46 0.11
N SER A 298 -1.52 -39.54 0.11
CA SER A 298 -0.12 -39.87 -0.17
C SER A 298 0.44 -41.17 0.42
N GLY A 299 1.34 -41.79 -0.33
CA GLY A 299 1.94 -43.03 0.09
C GLY A 299 2.74 -42.92 1.37
N MET A 300 2.97 -41.71 1.85
CA MET A 300 3.74 -41.56 3.08
C MET A 300 2.90 -41.94 4.30
N TYR A 301 1.59 -41.95 4.14
CA TYR A 301 0.68 -42.26 5.23
C TYR A 301 -0.22 -43.49 5.06
N LEU A 302 -0.37 -43.98 3.83
CA LEU A 302 -1.22 -45.14 3.57
C LEU A 302 -0.95 -46.33 4.50
N GLY A 303 0.31 -46.76 4.55
CA GLY A 303 0.69 -47.88 5.38
C GLY A 303 0.26 -47.77 6.83
N GLU A 304 0.84 -46.80 7.54
CA GLU A 304 0.54 -46.57 8.96
C GLU A 304 -0.94 -46.38 9.22
N LEU A 305 -1.66 -45.81 8.28
CA LEU A 305 -3.08 -45.60 8.46
C LEU A 305 -3.73 -46.98 8.59
N VAL A 306 -3.15 -47.97 7.91
CA VAL A 306 -3.66 -49.32 7.94
C VAL A 306 -3.23 -50.01 9.23
N ARG A 307 -1.94 -49.97 9.53
CA ARG A 307 -1.42 -50.59 10.74
C ARG A 307 -2.17 -50.07 11.96
N LEU A 308 -2.78 -48.90 11.83
CA LEU A 308 -3.53 -48.29 12.92
C LEU A 308 -4.88 -48.97 13.10
N ILE A 309 -5.41 -49.54 12.03
CA ILE A 309 -6.69 -50.24 12.09
C ILE A 309 -6.45 -51.70 12.50
N LEU A 310 -5.37 -52.28 11.99
CA LEU A 310 -5.03 -53.66 12.33
C LEU A 310 -4.98 -53.74 13.84
N VAL A 311 -4.29 -52.80 14.46
CA VAL A 311 -4.18 -52.76 15.91
C VAL A 311 -5.56 -52.56 16.53
N LYS A 312 -6.33 -51.62 15.99
CA LYS A 312 -7.66 -51.34 16.50
C LYS A 312 -8.56 -52.55 16.35
N MET A 313 -8.24 -53.43 15.42
CA MET A 313 -9.05 -54.62 15.21
C MET A 313 -8.62 -55.73 16.15
N ALA A 314 -7.31 -55.98 16.21
CA ALA A 314 -6.77 -57.01 17.08
C ALA A 314 -7.18 -56.72 18.52
N LYS A 315 -7.22 -55.43 18.86
CA LYS A 315 -7.60 -55.00 20.19
C LYS A 315 -9.08 -55.31 20.48
N GLU A 316 -9.73 -55.94 19.53
CA GLU A 316 -11.13 -56.32 19.70
C GLU A 316 -11.32 -57.77 19.28
N GLY A 317 -10.19 -58.48 19.24
CA GLY A 317 -10.17 -59.88 18.88
C GLY A 317 -10.57 -60.21 17.44
N LEU A 318 -10.80 -59.17 16.64
CA LEU A 318 -11.22 -59.34 15.25
C LEU A 318 -10.14 -59.81 14.27
N LEU A 319 -8.88 -59.83 14.72
CA LEU A 319 -7.78 -60.27 13.88
C LEU A 319 -6.74 -60.98 14.72
N PHE A 320 -5.89 -61.75 14.05
CA PHE A 320 -4.81 -62.48 14.71
C PHE A 320 -5.22 -63.10 16.04
N GLU A 321 -6.50 -63.45 16.17
CA GLU A 321 -6.99 -64.06 17.40
C GLU A 321 -6.85 -63.09 18.58
N GLY A 322 -6.98 -61.80 18.30
CA GLY A 322 -6.86 -60.82 19.35
C GLY A 322 -5.43 -60.66 19.84
N ARG A 323 -4.49 -61.34 19.21
CA ARG A 323 -3.07 -61.24 19.59
C ARG A 323 -2.51 -59.90 19.12
N ILE A 324 -1.61 -59.32 19.90
CA ILE A 324 -1.03 -58.03 19.54
C ILE A 324 0.43 -57.96 19.92
N THR A 325 1.30 -58.25 18.97
CA THR A 325 2.74 -58.23 19.21
C THR A 325 3.27 -56.79 19.33
N PRO A 326 4.46 -56.63 19.94
CA PRO A 326 5.08 -55.31 20.11
C PRO A 326 5.41 -54.69 18.75
N GLU A 327 5.46 -55.52 17.72
CA GLU A 327 5.75 -55.04 16.39
C GLU A 327 4.49 -54.44 15.81
N LEU A 328 3.36 -55.14 15.93
CA LEU A 328 2.12 -54.62 15.39
C LEU A 328 1.77 -53.29 16.07
N LEU A 329 2.52 -52.93 17.11
CA LEU A 329 2.27 -51.70 17.84
C LEU A 329 3.30 -50.61 17.57
N THR A 330 4.49 -51.03 17.15
CA THR A 330 5.56 -50.10 16.85
C THR A 330 5.22 -49.28 15.61
N ARG A 331 5.51 -47.99 15.69
CA ARG A 331 5.23 -47.08 14.60
C ARG A 331 6.01 -47.40 13.33
N GLY A 332 5.30 -47.29 12.20
CA GLY A 332 5.90 -47.53 10.91
C GLY A 332 6.51 -48.90 10.67
N LYS A 333 5.87 -49.94 11.18
CA LYS A 333 6.38 -51.28 10.98
C LYS A 333 5.60 -51.92 9.84
N PHE A 334 4.60 -51.20 9.35
CA PHE A 334 3.77 -51.66 8.25
C PHE A 334 3.84 -50.66 7.09
N ASN A 335 4.91 -50.74 6.30
CA ASN A 335 5.13 -49.85 5.16
C ASN A 335 4.02 -49.88 4.14
N THR A 336 3.97 -48.85 3.31
CA THR A 336 2.97 -48.76 2.27
C THR A 336 3.34 -49.79 1.22
N SER A 337 4.62 -50.17 1.22
CA SER A 337 5.12 -51.18 0.28
C SER A 337 4.31 -52.44 0.53
N ASP A 338 4.10 -52.75 1.81
CA ASP A 338 3.32 -53.91 2.19
C ASP A 338 1.95 -53.73 1.59
N VAL A 339 1.28 -52.64 1.94
CA VAL A 339 -0.05 -52.34 1.44
C VAL A 339 -0.18 -52.64 -0.05
N SER A 340 0.92 -52.50 -0.77
CA SER A 340 0.92 -52.74 -2.21
C SER A 340 1.10 -54.22 -2.56
N ALA A 341 2.19 -54.81 -2.09
CA ALA A 341 2.48 -56.22 -2.35
C ALA A 341 1.29 -57.08 -1.93
N ILE A 342 0.66 -56.69 -0.82
CA ILE A 342 -0.49 -57.41 -0.30
C ILE A 342 -1.70 -57.27 -1.21
N GLU A 343 -1.66 -56.31 -2.13
CA GLU A 343 -2.79 -56.12 -3.04
C GLU A 343 -2.50 -56.65 -4.45
N LYS A 344 -1.30 -57.21 -4.63
CA LYS A 344 -0.92 -57.75 -5.93
C LYS A 344 -1.97 -58.80 -6.29
N ASN A 345 -2.19 -58.98 -7.59
CA ASN A 345 -3.17 -59.95 -8.04
C ASN A 345 -2.64 -61.38 -7.85
N LYS A 346 -1.45 -61.63 -8.37
CA LYS A 346 -0.82 -62.93 -8.27
C LYS A 346 -0.68 -63.40 -6.83
N GLU A 347 0.52 -63.24 -6.28
CA GLU A 347 0.80 -63.65 -4.90
C GLU A 347 0.28 -62.61 -3.89
N GLY A 348 -1.01 -62.28 -3.99
CA GLY A 348 -1.60 -61.31 -3.08
C GLY A 348 -1.55 -61.80 -1.64
N LEU A 349 -2.46 -62.72 -1.32
CA LEU A 349 -2.55 -63.30 0.02
C LEU A 349 -1.27 -64.00 0.43
N HIS A 350 -0.58 -64.65 -0.51
CA HIS A 350 0.65 -65.34 -0.16
C HIS A 350 1.62 -64.34 0.44
N ASN A 351 1.60 -63.13 -0.11
CA ASN A 351 2.48 -62.06 0.38
C ASN A 351 2.02 -61.63 1.77
N ALA A 352 0.72 -61.40 1.90
CA ALA A 352 0.13 -60.99 3.17
C ALA A 352 0.60 -61.90 4.29
N LYS A 353 0.67 -63.19 4.00
CA LYS A 353 1.10 -64.18 4.97
C LYS A 353 2.52 -63.90 5.47
N GLU A 354 3.48 -63.89 4.56
CA GLU A 354 4.86 -63.65 4.91
C GLU A 354 5.05 -62.37 5.72
N ILE A 355 4.28 -61.35 5.37
CA ILE A 355 4.35 -60.06 6.04
C ILE A 355 3.78 -60.12 7.47
N LEU A 356 2.53 -60.56 7.60
CA LEU A 356 1.89 -60.66 8.90
C LEU A 356 2.69 -61.58 9.82
N THR A 357 3.43 -62.50 9.21
CA THR A 357 4.25 -63.47 9.94
C THR A 357 5.44 -62.80 10.62
N ARG A 358 6.18 -62.02 9.84
CA ARG A 358 7.36 -61.33 10.36
C ARG A 358 6.91 -60.34 11.44
N LEU A 359 5.63 -59.97 11.38
CA LEU A 359 5.04 -59.04 12.34
C LEU A 359 4.83 -59.72 13.68
N GLY A 360 5.40 -60.91 13.83
CA GLY A 360 5.26 -61.66 15.07
C GLY A 360 3.97 -62.45 15.13
N VAL A 361 2.84 -61.77 14.97
CA VAL A 361 1.51 -62.40 15.01
C VAL A 361 1.50 -63.70 14.19
N GLU A 362 0.67 -64.65 14.60
CA GLU A 362 0.56 -65.92 13.88
C GLU A 362 -0.52 -65.75 12.82
N PRO A 363 -0.10 -65.60 11.55
CA PRO A 363 -1.01 -65.42 10.41
C PRO A 363 -1.86 -66.61 10.00
N SER A 364 -3.14 -66.53 10.32
CA SER A 364 -4.09 -67.57 9.95
C SER A 364 -4.42 -67.27 8.51
N ASP A 365 -4.44 -68.28 7.65
CA ASP A 365 -4.75 -68.05 6.23
C ASP A 365 -6.09 -67.34 6.06
N ASP A 366 -6.78 -67.12 7.18
CA ASP A 366 -8.05 -66.42 7.15
C ASP A 366 -7.78 -64.96 7.45
N ASP A 367 -6.70 -64.72 8.19
CA ASP A 367 -6.28 -63.38 8.55
C ASP A 367 -5.77 -62.73 7.29
N CYS A 368 -4.88 -63.44 6.61
CA CYS A 368 -4.27 -62.96 5.37
C CYS A 368 -5.33 -62.42 4.43
N VAL A 369 -6.56 -62.91 4.58
CA VAL A 369 -7.64 -62.43 3.74
C VAL A 369 -8.24 -61.18 4.34
N SER A 370 -8.61 -61.24 5.62
CA SER A 370 -9.21 -60.09 6.31
C SER A 370 -8.33 -58.84 6.17
N VAL A 371 -7.03 -59.02 6.35
CA VAL A 371 -6.06 -57.94 6.23
C VAL A 371 -6.11 -57.32 4.83
N GLN A 372 -5.61 -58.06 3.86
CA GLN A 372 -5.59 -57.62 2.47
C GLN A 372 -6.81 -56.81 2.05
N HIS A 373 -7.99 -57.14 2.56
CA HIS A 373 -9.18 -56.39 2.20
C HIS A 373 -9.15 -55.00 2.79
N VAL A 374 -8.75 -54.89 4.05
CA VAL A 374 -8.66 -53.60 4.72
C VAL A 374 -7.85 -52.69 3.81
N CYS A 375 -6.73 -53.23 3.34
CA CYS A 375 -5.84 -52.52 2.43
C CYS A 375 -6.62 -51.92 1.27
N THR A 376 -7.50 -52.70 0.66
CA THR A 376 -8.28 -52.20 -0.48
C THR A 376 -9.13 -51.01 -0.09
N ILE A 377 -9.78 -51.09 1.05
CA ILE A 377 -10.63 -50.00 1.51
C ILE A 377 -9.86 -48.70 1.67
N VAL A 378 -8.73 -48.79 2.36
CA VAL A 378 -7.88 -47.62 2.60
C VAL A 378 -7.34 -47.12 1.25
N SER A 379 -6.68 -48.02 0.52
CA SER A 379 -6.09 -47.72 -0.78
C SER A 379 -7.10 -47.30 -1.84
N PHE A 380 -8.38 -47.54 -1.59
CA PHE A 380 -9.40 -47.15 -2.56
C PHE A 380 -9.92 -45.76 -2.23
N ARG A 381 -9.90 -45.41 -0.94
CA ARG A 381 -10.37 -44.09 -0.53
C ARG A 381 -9.46 -43.03 -1.10
N SER A 382 -8.17 -43.30 -1.06
CA SER A 382 -7.17 -42.38 -1.60
C SER A 382 -7.52 -42.11 -3.06
N ALA A 383 -7.32 -43.13 -3.89
CA ALA A 383 -7.61 -43.04 -5.31
C ALA A 383 -8.92 -42.31 -5.57
N ASN A 384 -9.92 -42.55 -4.72
CA ASN A 384 -11.20 -41.91 -4.90
C ASN A 384 -11.17 -40.41 -4.60
N LEU A 385 -10.55 -40.06 -3.49
CA LEU A 385 -10.47 -38.65 -3.08
C LEU A 385 -9.78 -37.85 -4.17
N VAL A 386 -8.57 -38.27 -4.51
CA VAL A 386 -7.80 -37.59 -5.56
C VAL A 386 -8.66 -37.38 -6.79
N ALA A 387 -9.42 -38.40 -7.15
CA ALA A 387 -10.28 -38.31 -8.32
C ALA A 387 -11.34 -37.23 -8.18
N ALA A 388 -11.71 -36.90 -6.95
CA ALA A 388 -12.73 -35.89 -6.75
C ALA A 388 -12.18 -34.47 -6.95
N THR A 389 -10.98 -34.22 -6.42
CA THR A 389 -10.37 -32.90 -6.55
C THR A 389 -9.88 -32.67 -7.97
N LEU A 390 -9.17 -33.65 -8.54
CA LEU A 390 -8.66 -33.54 -9.90
C LEU A 390 -9.83 -33.30 -10.83
N GLY A 391 -10.98 -33.83 -10.45
CA GLY A 391 -12.17 -33.63 -11.25
C GLY A 391 -12.62 -32.18 -11.19
N ALA A 392 -12.42 -31.55 -10.03
CA ALA A 392 -12.82 -30.15 -9.86
C ALA A 392 -11.93 -29.25 -10.72
N ILE A 393 -10.69 -29.70 -10.96
CA ILE A 393 -9.75 -28.94 -11.78
C ILE A 393 -10.14 -29.05 -13.25
N LEU A 394 -10.38 -30.28 -13.72
CA LEU A 394 -10.78 -30.50 -15.12
C LEU A 394 -12.04 -29.71 -15.44
N ASN A 395 -12.96 -29.62 -14.48
CA ASN A 395 -14.20 -28.88 -14.66
C ASN A 395 -13.92 -27.39 -14.79
N ARG A 396 -12.86 -26.95 -14.13
CA ARG A 396 -12.48 -25.54 -14.17
C ARG A 396 -11.87 -25.23 -15.52
N LEU A 397 -11.12 -26.20 -16.06
CA LEU A 397 -10.49 -26.02 -17.36
C LEU A 397 -11.59 -25.91 -18.41
N ARG A 398 -12.51 -26.85 -18.37
CA ARG A 398 -13.62 -26.89 -19.31
C ARG A 398 -14.39 -25.56 -19.31
N ASP A 399 -14.55 -25.00 -18.12
CA ASP A 399 -15.27 -23.74 -17.95
C ASP A 399 -14.53 -22.59 -18.63
N ASN A 400 -13.21 -22.63 -18.53
CA ASN A 400 -12.37 -21.59 -19.13
C ASN A 400 -12.43 -21.59 -20.64
N LYS A 401 -12.35 -22.78 -21.23
CA LYS A 401 -12.37 -22.91 -22.68
C LYS A 401 -13.71 -22.55 -23.31
N GLY A 402 -14.79 -22.69 -22.54
CA GLY A 402 -16.11 -22.36 -23.05
C GLY A 402 -16.73 -23.51 -23.82
N THR A 403 -15.88 -24.39 -24.32
CA THR A 403 -16.32 -25.56 -25.07
C THR A 403 -17.27 -26.38 -24.20
N PRO A 404 -18.01 -27.32 -24.80
CA PRO A 404 -18.95 -28.15 -24.05
C PRO A 404 -18.30 -29.42 -23.54
N ARG A 405 -17.33 -29.92 -24.30
CA ARG A 405 -16.62 -31.10 -23.89
C ARG A 405 -15.19 -30.67 -23.63
N LEU A 406 -14.37 -31.57 -23.13
CA LEU A 406 -12.99 -31.21 -22.85
C LEU A 406 -12.01 -32.31 -23.20
N ARG A 407 -10.91 -31.90 -23.82
CA ARG A 407 -9.87 -32.82 -24.20
C ARG A 407 -8.57 -32.26 -23.64
N THR A 408 -7.98 -32.97 -22.71
CA THR A 408 -6.73 -32.53 -22.10
C THR A 408 -5.87 -33.69 -21.63
N THR A 409 -4.58 -33.47 -21.52
CA THR A 409 -3.69 -34.50 -21.06
C THR A 409 -3.31 -34.12 -19.64
N VAL A 410 -2.94 -35.10 -18.83
CA VAL A 410 -2.57 -34.86 -17.45
C VAL A 410 -1.27 -35.59 -17.13
N GLY A 411 -0.24 -34.85 -16.76
CA GLY A 411 1.02 -35.50 -16.44
C GLY A 411 0.90 -36.12 -15.05
N VAL A 412 1.57 -37.23 -14.81
CA VAL A 412 1.50 -37.90 -13.51
C VAL A 412 2.83 -38.47 -13.08
N ASP A 413 3.00 -38.64 -11.78
CA ASP A 413 4.24 -39.18 -11.25
C ASP A 413 4.07 -39.39 -9.74
N GLY A 414 4.89 -40.27 -9.17
CA GLY A 414 4.79 -40.55 -7.74
C GLY A 414 4.66 -42.03 -7.45
N SER A 415 5.55 -42.54 -6.60
CA SER A 415 5.58 -43.94 -6.19
C SER A 415 4.24 -44.65 -6.13
N LEU A 416 3.44 -44.32 -5.13
CA LEU A 416 2.14 -44.97 -4.97
C LEU A 416 1.42 -45.21 -6.30
N TYR A 417 1.45 -44.23 -7.21
CA TYR A 417 0.79 -44.37 -8.50
C TYR A 417 1.64 -45.27 -9.39
N LYS A 418 2.91 -44.94 -9.49
CA LYS A 418 3.82 -45.71 -10.31
C LYS A 418 3.99 -47.16 -9.86
N THR A 419 3.88 -47.41 -8.56
CA THR A 419 4.09 -48.78 -8.06
C THR A 419 3.02 -49.36 -7.13
N HIS A 420 1.84 -49.62 -7.66
CA HIS A 420 0.75 -50.20 -6.88
C HIS A 420 -0.28 -50.73 -7.86
N PRO A 421 -0.44 -52.06 -7.89
CA PRO A 421 -1.36 -52.85 -8.73
C PRO A 421 -2.76 -52.33 -9.06
N GLN A 422 -3.44 -51.70 -8.12
CA GLN A 422 -4.79 -51.23 -8.42
C GLN A 422 -5.08 -49.74 -8.43
N TYR A 423 -4.24 -48.96 -7.74
CA TYR A 423 -4.44 -47.52 -7.65
C TYR A 423 -4.77 -46.85 -8.99
N SER A 424 -3.78 -46.81 -9.89
CA SER A 424 -3.96 -46.22 -11.20
C SER A 424 -5.32 -46.61 -11.75
N ARG A 425 -5.53 -47.92 -11.84
CA ARG A 425 -6.75 -48.52 -12.35
C ARG A 425 -8.03 -47.89 -11.81
N ARG A 426 -8.24 -48.01 -10.50
CA ARG A 426 -9.44 -47.47 -9.86
C ARG A 426 -9.50 -45.95 -9.94
N PHE A 427 -8.34 -45.30 -9.90
CA PHE A 427 -8.29 -43.85 -9.96
C PHE A 427 -8.98 -43.34 -11.24
N HIS A 428 -8.47 -43.75 -12.39
CA HIS A 428 -9.03 -43.33 -13.66
C HIS A 428 -10.52 -43.63 -13.75
N LYS A 429 -10.90 -44.84 -13.35
CA LYS A 429 -12.29 -45.28 -13.39
C LYS A 429 -13.27 -44.28 -12.74
N THR A 430 -13.08 -44.03 -11.45
CA THR A 430 -13.93 -43.11 -10.70
C THR A 430 -13.94 -41.74 -11.37
N LEU A 431 -12.77 -41.35 -11.87
CA LEU A 431 -12.58 -40.08 -12.53
C LEU A 431 -13.50 -39.97 -13.74
N ARG A 432 -13.26 -40.81 -14.74
CA ARG A 432 -14.05 -40.81 -15.95
C ARG A 432 -15.52 -40.88 -15.58
N ARG A 433 -15.80 -41.55 -14.47
CA ARG A 433 -17.17 -41.67 -14.02
C ARG A 433 -17.66 -40.31 -13.49
N LEU A 434 -16.79 -39.60 -12.80
CA LEU A 434 -17.15 -38.29 -12.23
C LEU A 434 -17.19 -37.16 -13.26
N VAL A 435 -16.27 -37.20 -14.22
CA VAL A 435 -16.23 -36.18 -15.27
C VAL A 435 -16.38 -36.90 -16.59
N PRO A 436 -17.62 -37.01 -17.10
CA PRO A 436 -17.96 -37.68 -18.36
C PRO A 436 -17.78 -36.85 -19.63
N ASP A 437 -18.23 -35.61 -19.55
CA ASP A 437 -18.15 -34.69 -20.68
C ASP A 437 -16.70 -34.28 -20.97
N SER A 438 -15.78 -35.21 -20.79
CA SER A 438 -14.38 -34.92 -21.02
C SER A 438 -13.55 -36.16 -21.36
N ASP A 439 -12.63 -35.98 -22.29
CA ASP A 439 -11.73 -37.05 -22.73
C ASP A 439 -10.34 -36.73 -22.18
N VAL A 440 -9.91 -37.48 -21.18
CA VAL A 440 -8.63 -37.24 -20.53
C VAL A 440 -7.58 -38.34 -20.70
N ARG A 441 -6.37 -37.94 -21.06
CA ARG A 441 -5.27 -38.89 -21.22
C ARG A 441 -4.32 -38.72 -20.05
N PHE A 442 -3.84 -39.83 -19.51
CA PHE A 442 -2.92 -39.79 -18.40
C PHE A 442 -1.56 -40.24 -18.87
N LEU A 443 -0.65 -39.29 -19.02
CA LEU A 443 0.69 -39.60 -19.44
C LEU A 443 1.56 -39.64 -18.18
N LEU A 444 2.30 -40.72 -17.99
CA LEU A 444 3.15 -40.88 -16.81
C LEU A 444 4.57 -40.40 -17.08
N SER A 445 5.05 -39.48 -16.26
CA SER A 445 6.41 -38.97 -16.43
C SER A 445 7.38 -40.11 -16.22
N GLU A 446 8.01 -40.55 -17.29
CA GLU A 446 8.96 -41.64 -17.20
C GLU A 446 10.34 -41.12 -16.84
N SER A 447 10.64 -39.91 -17.30
CA SER A 447 11.94 -39.29 -17.07
C SER A 447 12.08 -38.67 -15.68
N GLY A 448 10.98 -38.13 -15.17
CA GLY A 448 10.98 -37.47 -13.88
C GLY A 448 10.71 -36.00 -14.09
N SER A 449 11.04 -35.17 -13.11
CA SER A 449 10.83 -33.74 -13.22
C SER A 449 11.95 -33.07 -14.02
N GLY A 450 13.16 -33.61 -13.91
CA GLY A 450 14.32 -33.07 -14.59
C GLY A 450 14.11 -32.46 -15.96
N LYS A 451 13.55 -33.22 -16.90
CA LYS A 451 13.33 -32.67 -18.23
C LYS A 451 12.52 -31.38 -18.12
N GLY A 452 11.38 -31.46 -17.44
CA GLY A 452 10.52 -30.30 -17.26
C GLY A 452 11.14 -29.09 -16.54
N ALA A 453 11.95 -29.34 -15.51
CA ALA A 453 12.61 -28.26 -14.81
C ALA A 453 13.51 -27.56 -15.81
N ALA A 454 14.34 -28.37 -16.49
CA ALA A 454 15.27 -27.84 -17.48
C ALA A 454 14.55 -27.01 -18.53
N MET A 455 13.37 -27.46 -18.93
CA MET A 455 12.59 -26.73 -19.93
C MET A 455 12.18 -25.36 -19.40
N VAL A 456 12.03 -25.26 -18.08
CA VAL A 456 11.65 -24.01 -17.45
C VAL A 456 12.90 -23.13 -17.30
N THR A 457 13.99 -23.75 -16.87
CA THR A 457 15.23 -23.01 -16.69
C THR A 457 15.68 -22.36 -18.00
N ALA A 458 15.47 -23.05 -19.11
CA ALA A 458 15.87 -22.52 -20.41
C ALA A 458 15.28 -21.12 -20.63
N VAL A 459 13.95 -21.01 -20.52
CA VAL A 459 13.26 -19.73 -20.72
C VAL A 459 13.59 -18.70 -19.63
N ALA A 460 13.66 -19.17 -18.39
CA ALA A 460 13.97 -18.29 -17.27
C ALA A 460 15.30 -17.62 -17.56
N TYR A 461 16.29 -18.42 -17.91
CA TYR A 461 17.62 -17.92 -18.23
C TYR A 461 17.56 -16.98 -19.43
N ARG A 462 16.72 -17.31 -20.41
CA ARG A 462 16.59 -16.47 -21.57
C ARG A 462 16.19 -15.07 -21.13
N LEU A 463 15.26 -14.97 -20.19
CA LEU A 463 14.81 -13.69 -19.71
C LEU A 463 15.82 -13.01 -18.77
N ALA A 464 16.72 -13.79 -18.16
CA ALA A 464 17.73 -13.25 -17.23
C ALA A 464 18.83 -12.47 -17.92
N GLU A 465 19.28 -12.96 -19.08
CA GLU A 465 20.32 -12.26 -19.83
C GLU A 465 19.72 -10.97 -20.33
N GLN A 466 18.47 -11.04 -20.78
CA GLN A 466 17.80 -9.85 -21.25
C GLN A 466 17.88 -8.86 -20.11
N HIS A 467 17.49 -9.30 -18.92
CA HIS A 467 17.50 -8.45 -17.74
C HIS A 467 18.89 -7.95 -17.42
N ARG A 468 19.87 -8.83 -17.42
CA ARG A 468 21.23 -8.42 -17.11
C ARG A 468 21.62 -7.25 -18.01
N GLN A 469 21.26 -7.34 -19.28
CA GLN A 469 21.59 -6.32 -20.25
C GLN A 469 20.88 -5.00 -20.01
N ILE A 470 19.60 -5.09 -19.70
CA ILE A 470 18.81 -3.90 -19.43
C ILE A 470 19.35 -3.15 -18.22
N GLU A 471 19.74 -3.90 -17.19
CA GLU A 471 20.26 -3.30 -15.97
C GLU A 471 21.63 -2.71 -16.19
N GLU A 472 22.45 -3.37 -16.99
CA GLU A 472 23.78 -2.86 -17.25
C GLU A 472 23.69 -1.46 -17.85
N THR A 473 22.76 -1.28 -18.78
CA THR A 473 22.55 0.00 -19.44
C THR A 473 22.04 1.06 -18.47
N LEU A 474 20.95 0.74 -17.80
CA LEU A 474 20.36 1.66 -16.84
C LEU A 474 21.31 2.01 -15.71
N ALA A 475 22.25 1.13 -15.40
CA ALA A 475 23.19 1.38 -14.33
C ALA A 475 24.03 2.63 -14.54
N HIS A 476 24.13 3.09 -15.79
CA HIS A 476 24.90 4.30 -16.06
C HIS A 476 24.17 5.55 -15.63
N PHE A 477 22.91 5.40 -15.25
CA PHE A 477 22.13 6.55 -14.83
C PHE A 477 22.08 6.62 -13.31
N HIS A 478 22.89 5.78 -12.66
CA HIS A 478 22.91 5.75 -11.20
C HIS A 478 24.14 6.42 -10.62
N LEU A 479 23.90 7.52 -9.91
CA LEU A 479 24.98 8.24 -9.28
C LEU A 479 25.07 7.91 -7.79
N THR A 480 26.30 7.70 -7.33
CA THR A 480 26.55 7.40 -5.93
C THR A 480 26.69 8.72 -5.16
N LYS A 481 26.54 8.65 -3.84
CA LYS A 481 26.64 9.84 -3.00
C LYS A 481 27.97 10.50 -3.30
N ASP A 482 28.98 9.68 -3.52
CA ASP A 482 30.32 10.17 -3.81
C ASP A 482 30.37 10.88 -5.16
N MET A 483 29.61 10.37 -6.14
CA MET A 483 29.60 11.03 -7.44
C MET A 483 28.93 12.38 -7.26
N LEU A 484 27.86 12.40 -6.46
CA LEU A 484 27.12 13.63 -6.24
C LEU A 484 27.94 14.69 -5.51
N LEU A 485 28.89 14.29 -4.70
CA LEU A 485 29.71 15.27 -4.00
C LEU A 485 30.72 15.88 -4.98
N GLU A 486 31.15 15.08 -5.96
CA GLU A 486 32.09 15.55 -6.97
C GLU A 486 31.42 16.62 -7.82
N VAL A 487 30.18 16.35 -8.23
CA VAL A 487 29.40 17.28 -9.04
C VAL A 487 29.23 18.58 -8.26
N LYS A 488 29.01 18.44 -6.95
CA LYS A 488 28.82 19.61 -6.09
C LYS A 488 30.14 20.35 -6.08
N LYS A 489 31.23 19.60 -5.93
CA LYS A 489 32.56 20.17 -5.91
C LYS A 489 32.78 20.97 -7.21
N ARG A 490 32.61 20.30 -8.34
CA ARG A 490 32.79 20.92 -9.65
C ARG A 490 31.93 22.17 -9.80
N MET A 491 30.67 22.07 -9.39
CA MET A 491 29.78 23.21 -9.49
C MET A 491 30.43 24.42 -8.81
N ARG A 492 30.94 24.23 -7.60
CA ARG A 492 31.58 25.32 -6.88
C ARG A 492 32.80 25.90 -7.61
N ALA A 493 33.68 25.03 -8.10
CA ALA A 493 34.86 25.50 -8.82
C ALA A 493 34.47 26.38 -9.99
N GLU A 494 33.43 25.98 -10.72
CA GLU A 494 32.97 26.72 -11.89
C GLU A 494 32.29 27.99 -11.48
N MET A 495 31.67 27.99 -10.31
CA MET A 495 30.97 29.17 -9.79
C MET A 495 31.98 30.28 -9.58
N GLU A 496 33.15 29.91 -9.05
CA GLU A 496 34.21 30.86 -8.80
C GLU A 496 34.83 31.41 -10.10
N LEU A 497 35.27 30.53 -10.99
CA LEU A 497 35.86 30.97 -12.25
C LEU A 497 35.03 32.04 -12.92
N GLY A 498 33.72 32.01 -12.70
CA GLY A 498 32.85 32.97 -13.33
C GLY A 498 32.75 34.32 -12.63
N LEU A 499 32.98 34.34 -11.32
CA LEU A 499 32.92 35.57 -10.54
C LEU A 499 34.21 36.38 -10.67
N ARG A 500 35.35 35.67 -10.72
CA ARG A 500 36.67 36.29 -10.85
C ARG A 500 36.86 36.85 -12.23
N LYS A 501 36.96 38.18 -12.30
CA LYS A 501 37.13 38.91 -13.55
C LYS A 501 38.25 38.44 -14.47
N GLN A 502 39.26 37.83 -13.88
CA GLN A 502 40.42 37.34 -14.63
C GLN A 502 40.13 36.02 -15.31
N THR A 503 39.18 35.26 -14.77
CA THR A 503 38.84 33.97 -15.33
C THR A 503 37.43 33.93 -15.94
N HIS A 504 36.64 34.97 -15.67
CA HIS A 504 35.28 35.04 -16.19
C HIS A 504 35.23 34.91 -17.70
N ASN A 505 36.26 35.43 -18.36
CA ASN A 505 36.32 35.40 -19.82
C ASN A 505 36.04 34.03 -20.44
N ASN A 506 36.55 32.99 -19.81
CA ASN A 506 36.37 31.65 -20.34
C ASN A 506 35.69 30.69 -19.37
N ALA A 507 34.81 31.22 -18.53
CA ALA A 507 34.09 30.38 -17.57
C ALA A 507 32.78 29.98 -18.25
N VAL A 508 32.34 28.73 -18.04
CA VAL A 508 31.10 28.24 -18.63
C VAL A 508 29.87 28.72 -17.84
N VAL A 509 29.98 28.73 -16.50
CA VAL A 509 28.90 29.22 -15.69
C VAL A 509 29.25 30.70 -15.54
N LYS A 510 28.65 31.53 -16.39
CA LYS A 510 28.91 32.95 -16.47
C LYS A 510 28.59 33.83 -15.27
N MET A 511 27.90 33.31 -14.27
CA MET A 511 27.58 34.12 -13.10
C MET A 511 27.28 35.58 -13.44
N LEU A 512 26.32 35.83 -14.33
CA LEU A 512 25.96 37.18 -14.70
C LEU A 512 25.23 38.03 -13.65
N PRO A 513 25.76 39.23 -13.35
CA PRO A 513 25.10 40.09 -12.35
C PRO A 513 23.81 40.66 -12.91
N SER A 514 22.80 40.76 -12.04
CA SER A 514 21.48 41.25 -12.42
C SER A 514 21.24 42.72 -12.11
N PHE A 515 22.07 43.27 -11.23
CA PHE A 515 21.96 44.66 -10.82
C PHE A 515 20.74 44.88 -9.93
N VAL A 516 20.42 43.85 -9.16
CA VAL A 516 19.33 43.87 -8.17
C VAL A 516 20.17 43.62 -6.92
N ARG A 517 20.19 44.61 -6.01
CA ARG A 517 21.01 44.48 -4.82
C ARG A 517 20.30 44.21 -3.50
N ARG A 518 18.98 44.18 -3.52
CA ARG A 518 18.25 43.93 -2.30
C ARG A 518 16.88 43.37 -2.57
N THR A 519 16.43 42.51 -1.66
CA THR A 519 15.11 41.91 -1.77
C THR A 519 14.14 43.01 -1.32
N PRO A 520 12.86 42.90 -1.71
CA PRO A 520 11.86 43.90 -1.34
C PRO A 520 12.00 44.46 0.07
N ASP A 521 11.97 45.78 0.19
CA ASP A 521 12.08 46.43 1.49
C ASP A 521 10.69 46.71 2.07
N GLY A 522 9.67 46.70 1.22
CA GLY A 522 8.32 46.95 1.69
C GLY A 522 7.86 48.37 1.45
N THR A 523 8.52 49.05 0.53
CA THR A 523 8.18 50.43 0.22
C THR A 523 7.80 50.55 -1.25
N GLU A 524 8.02 49.48 -2.00
CA GLU A 524 7.71 49.46 -3.42
C GLU A 524 6.25 49.83 -3.62
N ASN A 525 6.00 50.83 -4.44
CA ASN A 525 4.64 51.31 -4.68
C ASN A 525 4.43 51.71 -6.14
N GLY A 526 3.20 51.57 -6.63
CA GLY A 526 2.93 51.98 -8.00
C GLY A 526 2.21 51.01 -8.92
N ASP A 527 2.08 51.42 -10.17
CA ASP A 527 1.43 50.62 -11.20
C ASP A 527 2.48 50.30 -12.25
N PHE A 528 2.56 49.04 -12.67
CA PHE A 528 3.55 48.62 -13.66
C PHE A 528 3.02 47.59 -14.64
N LEU A 529 3.68 47.51 -15.79
CA LEU A 529 3.33 46.52 -16.80
C LEU A 529 4.52 45.55 -16.75
N ALA A 530 4.31 44.29 -17.11
CA ALA A 530 5.42 43.34 -17.10
C ALA A 530 5.27 42.37 -18.24
N LEU A 531 6.40 41.86 -18.71
CA LEU A 531 6.41 40.89 -19.80
C LEU A 531 7.05 39.61 -19.28
N ASP A 532 6.52 38.50 -19.77
CA ASP A 532 7.02 37.19 -19.38
C ASP A 532 7.27 36.41 -20.66
N LEU A 533 8.53 36.36 -21.09
CA LEU A 533 8.88 35.63 -22.30
C LEU A 533 9.97 34.63 -21.94
N GLY A 534 9.89 33.42 -22.50
CA GLY A 534 10.89 32.41 -22.20
C GLY A 534 10.37 31.06 -21.73
N GLY A 535 9.32 31.07 -20.90
CA GLY A 535 8.76 29.82 -20.41
C GLY A 535 7.85 29.19 -21.45
N THR A 536 6.83 28.45 -20.99
CA THR A 536 5.90 27.78 -21.89
C THR A 536 4.85 28.71 -22.42
N ASN A 537 4.48 29.70 -21.62
CA ASN A 537 3.46 30.67 -21.99
C ASN A 537 3.98 32.10 -21.96
N PHE A 538 3.90 32.79 -23.10
CA PHE A 538 4.30 34.17 -23.18
C PHE A 538 3.08 34.93 -22.69
N ARG A 539 3.23 35.77 -21.67
CA ARG A 539 2.09 36.52 -21.17
C ARG A 539 2.42 37.97 -20.87
N VAL A 540 1.40 38.83 -20.87
CA VAL A 540 1.56 40.26 -20.58
C VAL A 540 0.77 40.53 -19.30
N LEU A 541 1.34 41.32 -18.40
CA LEU A 541 0.67 41.61 -17.14
C LEU A 541 0.62 43.06 -16.74
N LEU A 542 -0.28 43.34 -15.81
CA LEU A 542 -0.49 44.65 -15.21
C LEU A 542 -0.47 44.37 -13.71
N VAL A 543 0.44 45.01 -13.00
CA VAL A 543 0.60 44.82 -11.55
C VAL A 543 0.58 46.12 -10.77
N LYS A 544 -0.27 46.18 -9.76
CA LYS A 544 -0.39 47.36 -8.91
C LYS A 544 0.07 47.02 -7.50
N ILE A 545 1.07 47.74 -7.00
CA ILE A 545 1.59 47.48 -5.67
C ILE A 545 1.31 48.66 -4.76
N ARG A 546 0.70 48.40 -3.62
CA ARG A 546 0.41 49.46 -2.65
C ARG A 546 1.00 49.01 -1.33
N SER A 547 1.73 49.90 -0.66
CA SER A 547 2.36 49.55 0.61
C SER A 547 1.85 50.31 1.84
N GLY A 548 2.61 50.19 2.92
CA GLY A 548 2.25 50.87 4.15
C GLY A 548 1.01 50.28 4.80
N LYS A 549 0.13 51.17 5.27
CA LYS A 549 -1.10 50.78 5.93
C LYS A 549 -1.73 49.59 5.21
N LYS A 550 -2.28 49.87 4.03
CA LYS A 550 -2.90 48.83 3.23
C LYS A 550 -1.90 48.36 2.19
N ARG A 551 -1.11 47.37 2.56
CA ARG A 551 -0.12 46.81 1.66
C ARG A 551 -0.84 45.76 0.82
N THR A 552 -0.85 45.96 -0.50
CA THR A 552 -1.55 45.06 -1.40
C THR A 552 -0.91 44.95 -2.76
N VAL A 553 -1.25 43.88 -3.49
CA VAL A 553 -0.75 43.63 -4.84
C VAL A 553 -1.89 43.12 -5.71
N GLU A 554 -2.20 43.83 -6.79
CA GLU A 554 -3.26 43.43 -7.68
C GLU A 554 -2.68 43.24 -9.05
N MET A 555 -2.79 42.04 -9.61
CA MET A 555 -2.24 41.84 -10.95
C MET A 555 -3.16 41.09 -11.90
N HIS A 556 -3.21 41.55 -13.15
CA HIS A 556 -4.00 40.91 -14.17
C HIS A 556 -3.04 40.57 -15.29
N ASN A 557 -3.30 39.49 -15.99
CA ASN A 557 -2.45 39.08 -17.10
C ASN A 557 -3.28 38.43 -18.17
N LYS A 558 -2.64 38.15 -19.30
CA LYS A 558 -3.31 37.50 -20.40
C LYS A 558 -2.24 36.82 -21.18
N ILE A 559 -2.52 35.60 -21.61
CA ILE A 559 -1.58 34.80 -22.38
C ILE A 559 -1.74 35.09 -23.86
N TYR A 560 -0.62 35.08 -24.57
CA TYR A 560 -0.60 35.31 -25.99
C TYR A 560 0.30 34.26 -26.63
N ALA A 561 -0.20 33.60 -27.68
CA ALA A 561 0.60 32.59 -28.36
C ALA A 561 1.75 33.24 -29.10
N ILE A 562 2.65 32.42 -29.62
CA ILE A 562 3.79 32.87 -30.39
C ILE A 562 4.16 31.71 -31.30
N PRO A 563 3.70 31.74 -32.57
CA PRO A 563 4.01 30.65 -33.50
C PRO A 563 5.49 30.32 -33.51
N ILE A 564 5.81 29.04 -33.50
CA ILE A 564 7.20 28.59 -33.51
C ILE A 564 7.94 29.18 -34.71
N GLU A 565 7.19 29.59 -35.73
CA GLU A 565 7.79 30.17 -36.91
C GLU A 565 8.38 31.52 -36.53
N ILE A 566 7.62 32.26 -35.73
CA ILE A 566 8.06 33.57 -35.27
C ILE A 566 9.19 33.39 -34.27
N MET A 567 9.05 32.33 -33.46
CA MET A 567 10.02 31.98 -32.43
C MET A 567 11.40 31.71 -33.02
N GLN A 568 11.41 31.21 -34.26
CA GLN A 568 12.66 30.90 -34.93
C GLN A 568 12.75 31.73 -36.21
N GLY A 569 11.94 32.77 -36.28
CA GLY A 569 11.93 33.63 -37.45
C GLY A 569 13.03 34.65 -37.39
N THR A 570 12.66 35.93 -37.38
CA THR A 570 13.65 36.99 -37.33
C THR A 570 13.36 37.94 -36.19
N GLY A 571 14.42 38.45 -35.56
CA GLY A 571 14.26 39.36 -34.45
C GLY A 571 13.25 40.46 -34.72
N GLU A 572 13.08 40.80 -35.99
CA GLU A 572 12.14 41.86 -36.38
C GLU A 572 10.70 41.45 -36.12
N GLU A 573 10.29 40.34 -36.75
CA GLU A 573 8.94 39.83 -36.59
C GLU A 573 8.66 39.45 -35.15
N LEU A 574 9.66 38.86 -34.49
CA LEU A 574 9.51 38.47 -33.11
C LEU A 574 9.10 39.63 -32.23
N PHE A 575 9.95 40.65 -32.13
CA PHE A 575 9.66 41.80 -31.30
C PHE A 575 8.51 42.65 -31.80
N ASP A 576 8.16 42.49 -33.07
CA ASP A 576 7.04 43.24 -33.61
C ASP A 576 5.81 42.58 -33.01
N HIS A 577 5.80 41.25 -33.08
CA HIS A 577 4.71 40.45 -32.55
C HIS A 577 4.49 40.75 -31.06
N ILE A 578 5.58 40.83 -30.31
CA ILE A 578 5.50 41.11 -28.89
C ILE A 578 4.78 42.42 -28.65
N VAL A 579 5.20 43.47 -29.33
CA VAL A 579 4.61 44.79 -29.18
C VAL A 579 3.13 44.79 -29.52
N SER A 580 2.78 44.01 -30.53
CA SER A 580 1.39 43.90 -30.95
C SER A 580 0.58 43.39 -29.76
N CYS A 581 1.10 42.34 -29.11
CA CYS A 581 0.45 41.75 -27.95
C CYS A 581 0.38 42.79 -26.83
N ILE A 582 1.45 43.54 -26.66
CA ILE A 582 1.47 44.56 -25.63
C ILE A 582 0.37 45.57 -25.91
N SER A 583 0.13 45.85 -27.18
CA SER A 583 -0.90 46.82 -27.53
C SER A 583 -2.28 46.31 -27.13
N ASP A 584 -2.62 45.14 -27.64
CA ASP A 584 -3.92 44.52 -27.39
C ASP A 584 -4.25 44.43 -25.91
N PHE A 585 -3.24 44.13 -25.10
CA PHE A 585 -3.46 44.01 -23.66
C PHE A 585 -3.76 45.39 -23.05
N LEU A 586 -3.11 46.42 -23.59
CA LEU A 586 -3.31 47.79 -23.10
C LEU A 586 -4.76 48.18 -23.31
N ASP A 587 -5.33 47.70 -24.42
CA ASP A 587 -6.74 47.95 -24.73
C ASP A 587 -7.53 47.17 -23.69
N TYR A 588 -7.23 45.87 -23.62
CA TYR A 588 -7.87 44.93 -22.69
C TYR A 588 -7.98 45.50 -21.29
N MET A 589 -6.87 45.96 -20.75
CA MET A 589 -6.90 46.52 -19.42
C MET A 589 -7.49 47.94 -19.48
N GLY A 590 -7.47 48.53 -20.66
CA GLY A 590 -8.00 49.88 -20.84
C GLY A 590 -6.94 50.98 -20.68
N ILE A 591 -5.92 50.67 -19.90
CA ILE A 591 -4.83 51.58 -19.61
C ILE A 591 -4.03 52.10 -20.80
N LYS A 592 -4.54 51.94 -22.01
CA LYS A 592 -3.81 52.42 -23.18
C LYS A 592 -3.83 53.95 -23.21
N GLY A 593 -2.67 54.56 -22.99
CA GLY A 593 -2.59 56.01 -22.99
C GLY A 593 -1.30 56.53 -22.38
N PRO A 594 -1.25 56.70 -21.05
CA PRO A 594 -0.05 57.21 -20.38
C PRO A 594 1.22 56.40 -20.65
N ARG A 595 2.33 56.88 -20.08
CA ARG A 595 3.64 56.25 -20.22
C ARG A 595 3.93 55.45 -18.96
N MET A 596 3.61 54.14 -19.00
CA MET A 596 3.82 53.27 -17.85
C MET A 596 5.17 52.60 -17.87
N PRO A 597 5.77 52.40 -16.68
CA PRO A 597 7.07 51.76 -16.54
C PRO A 597 6.87 50.27 -16.76
N LEU A 598 7.79 49.63 -17.47
CA LEU A 598 7.64 48.21 -17.75
C LEU A 598 8.85 47.35 -17.42
N GLY A 599 8.56 46.21 -16.79
CA GLY A 599 9.61 45.25 -16.44
C GLY A 599 9.55 44.14 -17.48
N PHE A 600 10.69 43.79 -18.04
CA PHE A 600 10.77 42.78 -19.08
C PHE A 600 11.47 41.48 -18.60
N THR A 601 10.68 40.43 -18.33
CA THR A 601 11.27 39.16 -17.90
C THR A 601 11.64 38.36 -19.14
N PHE A 602 12.93 38.34 -19.42
CA PHE A 602 13.49 37.66 -20.60
C PHE A 602 14.35 36.51 -20.08
N SER A 603 13.82 35.30 -20.11
CA SER A 603 14.52 34.12 -19.61
C SER A 603 15.64 33.58 -20.49
N PHE A 604 16.66 34.39 -20.72
CA PHE A 604 17.81 33.99 -21.52
C PHE A 604 19.05 34.67 -20.97
N PRO A 605 20.24 34.17 -21.31
CA PRO A 605 21.49 34.76 -20.82
C PRO A 605 21.77 36.12 -21.41
N CYS A 606 21.77 37.14 -20.56
CA CYS A 606 22.04 38.51 -21.00
C CYS A 606 23.22 39.09 -20.22
N GLN A 607 23.97 39.98 -20.87
CA GLN A 607 25.09 40.63 -20.21
C GLN A 607 24.58 42.01 -19.81
N GLN A 608 24.49 42.25 -18.51
CA GLN A 608 23.99 43.52 -18.01
C GLN A 608 25.05 44.55 -17.64
N THR A 609 24.72 45.81 -17.88
CA THR A 609 25.61 46.92 -17.57
C THR A 609 24.89 47.68 -16.50
N SER A 610 23.57 47.58 -16.56
CA SER A 610 22.66 48.24 -15.62
C SER A 610 21.34 47.50 -15.66
N LEU A 611 20.43 47.89 -14.77
CA LEU A 611 19.12 47.27 -14.69
C LEU A 611 18.29 47.39 -15.96
N ASP A 612 18.75 48.16 -16.94
CA ASP A 612 17.98 48.31 -18.18
C ASP A 612 18.76 48.11 -19.48
N ALA A 613 19.79 47.28 -19.41
CA ALA A 613 20.60 47.00 -20.57
C ALA A 613 20.97 45.53 -20.60
N GLY A 614 20.49 44.81 -21.60
CA GLY A 614 20.81 43.40 -21.68
C GLY A 614 21.21 42.95 -23.06
N ILE A 615 22.43 42.49 -23.21
CA ILE A 615 22.91 42.00 -24.48
C ILE A 615 22.70 40.48 -24.53
N LEU A 616 21.78 40.04 -25.38
CA LEU A 616 21.51 38.62 -25.51
C LEU A 616 22.79 37.90 -25.87
N ILE A 617 23.37 37.21 -24.88
CA ILE A 617 24.59 36.47 -25.09
C ILE A 617 24.41 35.33 -26.08
N THR A 618 23.34 34.55 -25.92
CA THR A 618 23.04 33.42 -26.81
C THR A 618 21.63 32.94 -26.57
N TRP A 619 21.07 32.21 -27.52
CA TRP A 619 19.72 31.69 -27.34
C TRP A 619 19.82 30.34 -26.64
N THR A 620 18.74 29.95 -25.99
CA THR A 620 18.70 28.67 -25.30
C THR A 620 17.29 28.12 -25.46
N LYS A 621 17.10 26.86 -25.06
CA LYS A 621 15.79 26.24 -25.18
C LYS A 621 15.40 26.15 -26.64
N GLY A 622 14.16 26.48 -26.98
CA GLY A 622 13.72 26.37 -28.36
C GLY A 622 13.66 27.63 -29.18
N PHE A 623 14.14 28.74 -28.63
CA PHE A 623 14.14 30.02 -29.33
C PHE A 623 15.33 30.09 -30.27
N LYS A 624 15.13 30.73 -31.42
CA LYS A 624 16.21 30.86 -32.39
C LYS A 624 16.03 32.01 -33.39
N ALA A 625 15.45 33.12 -32.93
CA ALA A 625 15.24 34.27 -33.81
C ALA A 625 16.57 34.82 -34.31
N THR A 626 16.57 35.35 -35.54
CA THR A 626 17.77 35.90 -36.16
C THR A 626 17.99 37.37 -35.84
N ASP A 627 19.25 37.80 -35.87
CA ASP A 627 19.60 39.19 -35.59
C ASP A 627 19.17 39.65 -34.20
N CYS A 628 19.39 38.79 -33.20
CA CYS A 628 19.02 39.13 -31.84
C CYS A 628 20.23 38.94 -30.95
N VAL A 629 20.94 37.84 -31.18
CA VAL A 629 22.13 37.57 -30.40
C VAL A 629 23.11 38.68 -30.67
N GLY A 630 23.63 39.28 -29.60
CA GLY A 630 24.58 40.37 -29.75
C GLY A 630 23.96 41.73 -29.52
N HIS A 631 22.65 41.83 -29.66
CA HIS A 631 21.98 43.12 -29.46
C HIS A 631 21.48 43.29 -28.05
N ASP A 632 20.98 44.48 -27.75
CA ASP A 632 20.43 44.79 -26.45
C ASP A 632 18.94 44.57 -26.63
N VAL A 633 18.38 43.65 -25.85
CA VAL A 633 16.95 43.33 -25.93
C VAL A 633 16.05 44.50 -25.55
N VAL A 634 16.52 45.39 -24.67
CA VAL A 634 15.71 46.52 -24.27
C VAL A 634 15.53 47.38 -25.51
N THR A 635 16.65 47.66 -26.14
CA THR A 635 16.64 48.44 -27.36
C THR A 635 15.76 47.74 -28.39
N LEU A 636 16.09 46.48 -28.68
CA LEU A 636 15.34 45.69 -29.64
C LEU A 636 13.86 45.88 -29.42
N LEU A 637 13.45 45.99 -28.16
CA LEU A 637 12.04 46.17 -27.85
C LEU A 637 11.64 47.63 -28.01
N ARG A 638 12.52 48.51 -27.59
CA ARG A 638 12.28 49.95 -27.68
C ARG A 638 11.96 50.34 -29.14
N ASP A 639 12.75 49.81 -30.06
CA ASP A 639 12.59 50.08 -31.48
C ASP A 639 11.23 49.64 -31.98
N ALA A 640 10.91 48.37 -31.73
CA ALA A 640 9.64 47.80 -32.17
C ALA A 640 8.47 48.65 -31.70
N ILE A 641 8.65 49.26 -30.53
CA ILE A 641 7.64 50.12 -29.93
C ILE A 641 7.53 51.42 -30.75
N LYS A 642 8.69 52.03 -31.04
CA LYS A 642 8.76 53.26 -31.80
C LYS A 642 8.17 53.08 -33.19
N ARG A 643 8.44 51.94 -33.80
CA ARG A 643 7.94 51.62 -35.14
C ARG A 643 6.43 51.63 -35.23
N ARG A 644 5.78 50.97 -34.28
CA ARG A 644 4.32 50.90 -34.26
C ARG A 644 3.73 52.28 -34.07
N GLU A 645 4.25 53.02 -33.09
CA GLU A 645 3.76 54.36 -32.81
C GLU A 645 2.32 54.34 -32.32
N GLU A 646 1.98 53.36 -31.49
CA GLU A 646 0.63 53.26 -30.96
C GLU A 646 0.56 53.70 -29.51
N PHE A 647 1.70 53.67 -28.83
CA PHE A 647 1.75 54.06 -27.42
C PHE A 647 3.21 54.33 -27.05
N ASP A 648 3.45 54.62 -25.77
CA ASP A 648 4.79 54.92 -25.33
C ASP A 648 4.98 54.26 -23.97
N LEU A 649 6.12 53.59 -23.83
CA LEU A 649 6.45 52.91 -22.60
C LEU A 649 7.78 53.34 -22.00
N ASP A 650 7.95 52.96 -20.74
CA ASP A 650 9.16 53.27 -19.99
C ASP A 650 9.83 51.97 -19.53
N VAL A 651 10.58 51.31 -20.42
CA VAL A 651 11.28 50.06 -20.04
C VAL A 651 12.31 50.32 -18.95
N VAL A 652 11.88 50.14 -17.71
CA VAL A 652 12.74 50.37 -16.57
C VAL A 652 13.67 49.22 -16.24
N ALA A 653 13.32 48.01 -16.64
CA ALA A 653 14.19 46.89 -16.32
C ALA A 653 14.02 45.65 -17.16
N VAL A 654 15.06 44.84 -17.16
CA VAL A 654 15.10 43.56 -17.84
C VAL A 654 15.46 42.58 -16.71
N VAL A 655 14.74 41.46 -16.64
CA VAL A 655 14.94 40.48 -15.56
C VAL A 655 14.86 39.02 -16.00
N ASN A 656 15.67 38.17 -15.37
CA ASN A 656 15.65 36.75 -15.67
C ASN A 656 14.62 36.11 -14.74
N ASP A 657 13.88 35.12 -15.24
CA ASP A 657 12.84 34.46 -14.46
C ASP A 657 13.27 33.90 -13.12
N THR A 658 14.54 33.52 -13.00
CA THR A 658 15.00 32.99 -11.73
C THR A 658 15.03 34.13 -10.72
N VAL A 659 15.50 35.30 -11.16
CA VAL A 659 15.57 36.46 -10.29
C VAL A 659 14.15 36.97 -10.05
N GLY A 660 13.31 36.96 -11.08
CA GLY A 660 11.93 37.40 -10.91
C GLY A 660 11.26 36.52 -9.86
N THR A 661 11.47 35.21 -9.96
CA THR A 661 10.90 34.24 -9.02
C THR A 661 11.37 34.54 -7.58
N MET A 662 12.67 34.70 -7.38
CA MET A 662 13.21 34.98 -6.05
C MET A 662 12.53 36.17 -5.40
N MET A 663 12.36 37.24 -6.16
CA MET A 663 11.72 38.44 -5.63
C MET A 663 10.26 38.18 -5.28
N THR A 664 9.57 37.44 -6.14
CA THR A 664 8.17 37.13 -5.89
C THR A 664 8.07 36.47 -4.52
N CYS A 665 8.88 35.45 -4.29
CA CYS A 665 8.87 34.73 -3.02
C CYS A 665 9.47 35.48 -1.83
N ALA A 666 10.40 36.37 -2.10
CA ALA A 666 11.02 37.13 -1.02
C ALA A 666 10.10 38.25 -0.58
N TYR A 667 9.09 38.54 -1.39
CA TYR A 667 8.12 39.58 -1.07
C TYR A 667 7.37 39.20 0.21
N GLU A 668 7.19 37.90 0.42
CA GLU A 668 6.50 37.36 1.58
C GLU A 668 7.47 36.71 2.56
N GLU A 669 8.46 36.01 2.02
CA GLU A 669 9.45 35.32 2.83
C GLU A 669 10.81 36.00 2.75
N PRO A 670 11.15 36.80 3.78
CA PRO A 670 12.41 37.54 3.88
C PRO A 670 13.70 36.72 3.84
N THR A 671 13.60 35.42 4.09
CA THR A 671 14.79 34.59 4.08
C THR A 671 15.02 33.95 2.73
N CYS A 672 14.21 34.32 1.75
CA CYS A 672 14.31 33.79 0.39
C CYS A 672 15.43 34.53 -0.32
N GLU A 673 16.59 33.89 -0.47
CA GLU A 673 17.74 34.51 -1.12
C GLU A 673 18.26 33.72 -2.32
N VAL A 674 17.47 32.73 -2.73
CA VAL A 674 17.81 31.89 -3.87
C VAL A 674 16.61 31.69 -4.78
N GLY A 675 16.87 31.68 -6.08
CA GLY A 675 15.81 31.49 -7.06
C GLY A 675 16.12 30.23 -7.87
N LEU A 676 15.10 29.48 -8.22
CA LEU A 676 15.34 28.27 -9.00
C LEU A 676 14.21 28.05 -9.99
N ILE A 677 14.57 27.52 -11.15
CA ILE A 677 13.59 27.22 -12.18
C ILE A 677 13.92 25.84 -12.71
N VAL A 678 12.89 25.03 -12.86
CA VAL A 678 13.05 23.68 -13.40
C VAL A 678 11.80 23.42 -14.21
N GLY A 679 11.82 23.94 -15.45
CA GLY A 679 10.70 23.81 -16.34
C GLY A 679 11.22 23.47 -17.71
N THR A 680 10.96 24.33 -18.69
CA THR A 680 11.48 24.06 -20.04
C THR A 680 12.99 23.90 -19.93
N GLY A 681 13.62 24.84 -19.24
CA GLY A 681 15.05 24.80 -19.02
C GLY A 681 15.24 24.91 -17.52
N SER A 682 16.48 24.84 -17.05
CA SER A 682 16.74 24.96 -15.62
C SER A 682 17.86 25.95 -15.37
N ASN A 683 17.69 26.80 -14.38
CA ASN A 683 18.68 27.81 -14.03
C ASN A 683 18.52 28.14 -12.56
N ALA A 684 19.51 28.82 -11.99
CA ALA A 684 19.43 29.20 -10.58
C ALA A 684 20.10 30.54 -10.33
N CYS A 685 19.67 31.23 -9.28
CA CYS A 685 20.26 32.51 -8.91
C CYS A 685 20.31 32.64 -7.40
N TYR A 686 21.17 33.53 -6.93
CA TYR A 686 21.29 33.76 -5.50
C TYR A 686 21.93 35.12 -5.20
N MET A 687 22.00 35.48 -3.92
CA MET A 687 22.57 36.76 -3.48
C MET A 687 24.05 36.63 -3.11
N GLU A 688 24.91 37.16 -3.97
CA GLU A 688 26.36 37.12 -3.76
C GLU A 688 26.81 38.40 -3.07
N GLU A 689 27.96 38.34 -2.40
CA GLU A 689 28.53 39.50 -1.71
C GLU A 689 29.25 40.35 -2.75
N MET A 690 28.93 41.64 -2.77
CA MET A 690 29.53 42.54 -3.73
C MET A 690 31.06 42.44 -3.82
N LYS A 691 31.70 42.02 -2.73
CA LYS A 691 33.15 41.92 -2.73
C LYS A 691 33.63 40.74 -3.57
N ASN A 692 32.73 39.81 -3.85
CA ASN A 692 33.07 38.63 -4.64
C ASN A 692 32.79 38.81 -6.13
N VAL A 693 31.88 39.73 -6.46
CA VAL A 693 31.52 40.02 -7.84
C VAL A 693 32.58 40.90 -8.53
N GLU A 694 33.78 40.36 -8.71
CA GLU A 694 34.87 41.12 -9.33
C GLU A 694 34.53 41.80 -10.65
N MET A 695 33.39 41.48 -11.24
CA MET A 695 33.03 42.08 -12.53
C MET A 695 32.27 43.39 -12.38
N VAL A 696 31.81 43.69 -11.17
CA VAL A 696 31.07 44.94 -10.94
C VAL A 696 31.75 45.70 -9.79
N GLU A 697 32.21 46.91 -10.08
CA GLU A 697 32.90 47.79 -9.13
C GLU A 697 32.24 47.97 -7.77
N GLY A 698 33.01 47.72 -6.72
CA GLY A 698 32.49 47.87 -5.38
C GLY A 698 32.61 46.60 -4.59
N ASP A 699 32.43 46.70 -3.28
CA ASP A 699 32.47 45.53 -2.39
C ASP A 699 31.57 45.84 -1.20
N GLN A 700 30.48 46.52 -1.51
CA GLN A 700 29.51 46.95 -0.54
C GLN A 700 28.22 46.23 -0.79
N GLY A 701 27.63 45.72 0.27
CA GLY A 701 26.38 45.03 0.13
C GLY A 701 26.44 43.81 -0.77
N GLN A 702 25.31 43.52 -1.42
CA GLN A 702 25.24 42.34 -2.27
C GLN A 702 24.61 42.59 -3.62
N MET A 703 24.66 41.57 -4.47
CA MET A 703 24.11 41.65 -5.82
C MET A 703 23.52 40.29 -6.18
N CYS A 704 22.43 40.31 -6.95
CA CYS A 704 21.78 39.07 -7.37
C CYS A 704 22.47 38.52 -8.60
N ILE A 705 22.99 37.31 -8.47
CA ILE A 705 23.72 36.67 -9.57
C ILE A 705 22.92 35.61 -10.32
N ASN A 706 22.69 35.87 -11.61
CA ASN A 706 21.98 34.93 -12.46
C ASN A 706 23.05 33.96 -12.98
N MET A 707 23.21 32.85 -12.27
CA MET A 707 24.22 31.85 -12.62
C MET A 707 24.22 31.35 -14.03
N GLU A 708 23.05 31.07 -14.59
CA GLU A 708 22.98 30.50 -15.95
C GLU A 708 23.75 29.18 -15.84
N TRP A 709 23.39 28.34 -14.86
CA TRP A 709 24.07 27.07 -14.63
C TRP A 709 23.74 25.94 -15.60
N GLY A 710 22.90 26.23 -16.58
CA GLY A 710 22.55 25.21 -17.53
C GLY A 710 23.76 24.87 -18.36
N ALA A 711 24.66 25.83 -18.47
CA ALA A 711 25.85 25.64 -19.28
C ALA A 711 26.93 24.84 -18.57
N PHE A 712 26.66 24.48 -17.32
CA PHE A 712 27.61 23.70 -16.54
C PHE A 712 27.88 22.44 -17.35
N GLY A 713 29.15 22.10 -17.52
CA GLY A 713 29.49 20.90 -18.27
C GLY A 713 29.79 21.14 -19.73
N ASP A 714 29.55 22.36 -20.19
CA ASP A 714 29.80 22.69 -21.57
C ASP A 714 31.29 22.70 -21.90
N ASN A 715 32.13 22.50 -20.89
CA ASN A 715 33.57 22.46 -21.11
C ASN A 715 34.09 21.04 -20.92
N GLY A 716 33.17 20.11 -20.66
CA GLY A 716 33.53 18.72 -20.47
C GLY A 716 33.53 18.20 -19.05
N CYS A 717 33.51 19.08 -18.06
CA CYS A 717 33.56 18.61 -16.67
C CYS A 717 32.51 17.56 -16.30
N LEU A 718 31.54 17.33 -17.17
CA LEU A 718 30.49 16.35 -16.87
C LEU A 718 30.52 15.14 -17.79
N ASP A 719 31.42 15.15 -18.76
CA ASP A 719 31.53 14.05 -19.72
C ASP A 719 31.81 12.77 -18.96
N ASP A 720 32.05 12.96 -17.68
CA ASP A 720 32.33 11.91 -16.72
C ASP A 720 31.11 11.03 -16.51
N ILE A 721 29.94 11.67 -16.38
CA ILE A 721 28.68 10.96 -16.12
C ILE A 721 27.64 11.04 -17.24
N ARG A 722 27.99 11.67 -18.36
CA ARG A 722 27.06 11.76 -19.48
C ARG A 722 27.07 10.43 -20.18
N THR A 723 25.94 10.05 -20.78
CA THR A 723 25.84 8.78 -21.47
C THR A 723 25.65 8.89 -22.98
N HIS A 724 25.63 7.75 -23.63
CA HIS A 724 25.41 7.70 -25.07
C HIS A 724 24.08 8.36 -25.41
N TYR A 725 23.09 8.18 -24.55
CA TYR A 725 21.80 8.77 -24.82
C TYR A 725 21.81 10.26 -24.56
N ASP A 726 22.67 10.73 -23.67
CA ASP A 726 22.73 12.15 -23.38
C ASP A 726 23.37 12.84 -24.58
N ARG A 727 24.41 12.20 -25.12
CA ARG A 727 25.12 12.71 -26.27
C ARG A 727 24.21 12.74 -27.50
N LEU A 728 23.48 11.67 -27.76
CA LEU A 728 22.58 11.70 -28.91
C LEU A 728 21.58 12.87 -28.77
N VAL A 729 20.96 13.01 -27.61
CA VAL A 729 19.99 14.10 -27.37
C VAL A 729 20.66 15.46 -27.62
N ASP A 730 21.90 15.60 -27.18
CA ASP A 730 22.62 16.84 -27.38
C ASP A 730 22.90 17.07 -28.86
N GLU A 731 23.43 16.04 -29.50
CA GLU A 731 23.79 16.08 -30.90
C GLU A 731 22.67 16.45 -31.84
N TYR A 732 21.43 16.27 -31.41
CA TYR A 732 20.30 16.59 -32.27
C TYR A 732 19.54 17.84 -31.83
N SER A 733 20.00 18.51 -30.78
CA SER A 733 19.35 19.72 -30.31
C SER A 733 19.64 20.92 -31.19
N LEU A 734 18.88 21.99 -31.02
CA LEU A 734 19.07 23.21 -31.79
C LEU A 734 20.41 23.84 -31.45
N ASN A 735 20.93 23.51 -30.28
CA ASN A 735 22.20 24.07 -29.83
C ASN A 735 23.20 23.00 -29.44
N ALA A 736 23.54 22.13 -30.37
CA ALA A 736 24.48 21.06 -30.07
C ALA A 736 25.69 21.61 -29.37
N GLY A 737 26.08 20.94 -28.28
CA GLY A 737 27.26 21.36 -27.56
C GLY A 737 27.06 22.26 -26.37
N LYS A 738 25.97 23.01 -26.33
CA LYS A 738 25.76 23.92 -25.19
C LYS A 738 24.65 23.48 -24.25
N GLN A 739 24.68 24.01 -23.03
CA GLN A 739 23.68 23.70 -22.01
C GLN A 739 23.61 22.22 -21.67
N ARG A 740 24.75 21.56 -21.60
CA ARG A 740 24.76 20.12 -21.30
C ARG A 740 24.10 19.73 -19.97
N TYR A 741 24.33 20.50 -18.91
CA TYR A 741 23.73 20.19 -17.59
C TYR A 741 22.21 20.27 -17.64
N GLU A 742 21.69 21.41 -18.04
CA GLU A 742 20.25 21.61 -18.13
C GLU A 742 19.60 20.53 -18.97
N LYS A 743 20.35 19.96 -19.91
CA LYS A 743 19.83 18.90 -20.79
C LYS A 743 19.73 17.52 -20.14
N MET A 744 20.11 17.42 -18.87
CA MET A 744 20.01 16.15 -18.13
C MET A 744 19.00 16.39 -17.02
N ILE A 745 18.37 17.57 -17.04
CA ILE A 745 17.42 18.01 -16.01
C ILE A 745 16.03 18.56 -16.40
N SER A 746 16.00 19.52 -17.33
CA SER A 746 14.73 20.16 -17.67
C SER A 746 13.70 19.33 -18.45
N GLY A 747 12.45 19.78 -18.36
CA GLY A 747 11.37 19.09 -18.99
C GLY A 747 11.38 19.06 -20.50
N MET A 748 12.17 19.92 -21.13
CA MET A 748 12.21 19.93 -22.58
C MET A 748 13.09 18.82 -23.12
N TYR A 749 13.96 18.28 -22.28
CA TYR A 749 14.88 17.23 -22.71
C TYR A 749 14.69 15.86 -22.09
N LEU A 750 14.27 15.80 -20.83
CA LEU A 750 14.11 14.50 -20.19
C LEU A 750 13.45 13.50 -21.12
N GLY A 751 12.29 13.87 -21.65
CA GLY A 751 11.56 13.00 -22.55
C GLY A 751 12.42 12.37 -23.63
N GLU A 752 13.25 13.20 -24.29
CA GLU A 752 14.13 12.75 -25.36
C GLU A 752 15.15 11.72 -24.90
N ILE A 753 15.65 11.87 -23.67
CA ILE A 753 16.60 10.89 -23.20
C ILE A 753 15.87 9.55 -23.17
N VAL A 754 14.66 9.57 -22.62
CA VAL A 754 13.83 8.37 -22.52
C VAL A 754 13.58 7.78 -23.91
N ARG A 755 12.98 8.55 -24.81
CA ARG A 755 12.70 8.08 -26.15
C ARG A 755 13.91 7.35 -26.71
N ASN A 756 15.07 8.00 -26.61
CA ASN A 756 16.28 7.39 -27.14
C ASN A 756 16.66 6.10 -26.45
N ILE A 757 16.38 5.97 -25.17
CA ILE A 757 16.72 4.73 -24.50
C ILE A 757 15.76 3.65 -24.99
N LEU A 758 14.50 4.03 -25.17
CA LEU A 758 13.47 3.11 -25.62
C LEU A 758 13.73 2.56 -27.02
N ILE A 759 14.08 3.44 -27.95
CA ILE A 759 14.38 3.01 -29.32
C ILE A 759 15.47 1.94 -29.31
N ASP A 760 16.50 2.18 -28.50
CA ASP A 760 17.62 1.26 -28.40
C ASP A 760 17.18 -0.11 -27.87
N PHE A 761 16.36 -0.11 -26.81
CA PHE A 761 15.87 -1.37 -26.24
C PHE A 761 14.99 -2.12 -27.25
N THR A 762 14.23 -1.36 -28.04
CA THR A 762 13.35 -1.90 -29.06
C THR A 762 14.18 -2.61 -30.13
N LYS A 763 15.21 -1.94 -30.63
CA LYS A 763 16.07 -2.53 -31.65
C LYS A 763 16.67 -3.82 -31.11
N LYS A 764 17.01 -3.85 -29.82
CA LYS A 764 17.60 -5.05 -29.23
C LYS A 764 16.54 -6.12 -28.94
N GLY A 765 15.30 -5.80 -29.31
CA GLY A 765 14.20 -6.72 -29.10
C GLY A 765 13.76 -6.92 -27.66
N PHE A 766 13.74 -5.85 -26.88
CA PHE A 766 13.32 -5.92 -25.48
C PHE A 766 11.96 -5.26 -25.26
N LEU A 767 11.51 -4.51 -26.25
CA LEU A 767 10.26 -3.77 -26.16
C LEU A 767 9.46 -3.80 -27.45
N PHE A 768 8.14 -3.82 -27.34
CA PHE A 768 7.28 -3.79 -28.51
C PHE A 768 7.65 -4.76 -29.61
N ARG A 769 8.01 -5.99 -29.25
CA ARG A 769 8.38 -7.01 -30.22
C ARG A 769 9.49 -6.61 -31.19
N GLY A 770 10.24 -5.56 -30.87
CA GLY A 770 11.36 -5.12 -31.72
C GLY A 770 11.03 -4.26 -32.92
N GLN A 771 9.82 -3.69 -32.89
CA GLN A 771 9.28 -2.84 -33.95
C GLN A 771 9.44 -1.35 -33.59
N ILE A 772 10.19 -0.56 -34.37
CA ILE A 772 10.29 0.85 -34.03
C ILE A 772 9.17 1.54 -34.78
N SER A 773 8.19 2.04 -34.05
CA SER A 773 7.04 2.71 -34.68
C SER A 773 7.31 4.15 -35.04
N GLU A 774 6.39 4.74 -35.80
CA GLU A 774 6.53 6.12 -36.23
C GLU A 774 6.44 7.04 -35.01
N THR A 775 5.56 6.69 -34.08
CA THR A 775 5.38 7.47 -32.86
C THR A 775 6.72 7.55 -32.11
N LEU A 776 7.33 6.38 -31.92
CA LEU A 776 8.61 6.29 -31.23
C LEU A 776 9.68 7.12 -31.92
N LYS A 777 9.45 7.42 -33.20
CA LYS A 777 10.41 8.20 -33.97
C LYS A 777 10.07 9.68 -33.94
N THR A 778 8.92 10.02 -33.37
CA THR A 778 8.51 11.41 -33.28
C THR A 778 9.18 12.07 -32.08
N ARG A 779 9.99 13.08 -32.33
CA ARG A 779 10.63 13.75 -31.23
C ARG A 779 9.61 14.61 -30.48
N GLY A 780 9.79 14.72 -29.16
CA GLY A 780 8.92 15.50 -28.31
C GLY A 780 7.70 14.73 -27.82
N ILE A 781 7.60 13.49 -28.24
CA ILE A 781 6.47 12.67 -27.87
C ILE A 781 6.24 12.58 -26.36
N PHE A 782 7.31 12.48 -25.58
CA PHE A 782 7.15 12.36 -24.13
C PHE A 782 7.15 13.67 -23.35
N GLU A 783 6.06 14.41 -23.44
CA GLU A 783 5.89 15.68 -22.74
C GLU A 783 6.12 15.55 -21.23
N THR A 784 6.29 16.69 -20.56
CA THR A 784 6.50 16.73 -19.10
C THR A 784 5.24 16.18 -18.46
N LYS A 785 4.11 16.51 -19.06
CA LYS A 785 2.81 16.09 -18.56
C LYS A 785 2.64 14.57 -18.56
N PHE A 786 3.29 13.89 -19.51
CA PHE A 786 3.17 12.44 -19.59
C PHE A 786 4.13 11.72 -18.67
N LEU A 787 5.35 12.24 -18.61
CA LEU A 787 6.39 11.67 -17.75
C LEU A 787 5.88 11.69 -16.31
N SER A 788 5.08 12.71 -16.02
CA SER A 788 4.53 12.90 -14.69
C SER A 788 3.36 11.99 -14.39
N GLN A 789 2.57 11.64 -15.41
CA GLN A 789 1.43 10.74 -15.20
C GLN A 789 1.97 9.32 -15.04
N ILE A 790 2.80 8.89 -16.00
CA ILE A 790 3.39 7.56 -15.99
C ILE A 790 4.06 7.19 -14.68
N GLU A 791 4.64 8.17 -14.00
CA GLU A 791 5.32 7.87 -12.75
C GLU A 791 4.44 8.01 -11.51
N SER A 792 3.20 8.43 -11.69
CA SER A 792 2.31 8.58 -10.54
C SER A 792 2.33 7.27 -9.78
N ASP A 793 2.29 7.37 -8.45
CA ASP A 793 2.31 6.19 -7.62
C ASP A 793 0.89 5.62 -7.45
N ARG A 794 -0.09 6.48 -7.68
CA ARG A 794 -1.49 6.09 -7.55
C ARG A 794 -1.96 5.38 -8.81
N LEU A 795 -1.07 5.27 -9.79
CA LEU A 795 -1.39 4.63 -11.06
C LEU A 795 -1.30 3.11 -10.99
N ALA A 796 -2.01 2.44 -11.89
CA ALA A 796 -1.99 0.98 -11.93
C ALA A 796 -1.48 0.58 -13.32
N LEU A 797 -0.77 -0.54 -13.38
CA LEU A 797 -0.21 -1.02 -14.65
C LEU A 797 -1.20 -0.97 -15.81
N LEU A 798 -2.43 -1.38 -15.55
CA LEU A 798 -3.43 -1.34 -16.59
C LEU A 798 -3.52 0.08 -17.13
N GLN A 799 -3.50 1.06 -16.23
CA GLN A 799 -3.59 2.47 -16.62
C GLN A 799 -2.35 2.93 -17.39
N VAL A 800 -1.16 2.55 -16.94
CA VAL A 800 0.06 2.93 -17.64
C VAL A 800 -0.05 2.45 -19.10
N ARG A 801 -0.38 1.17 -19.29
CA ARG A 801 -0.51 0.60 -20.63
C ARG A 801 -1.53 1.35 -21.46
N ALA A 802 -2.54 1.87 -20.78
CA ALA A 802 -3.57 2.62 -21.47
C ALA A 802 -2.93 3.89 -22.02
N ILE A 803 -2.35 4.69 -21.12
CA ILE A 803 -1.69 5.94 -21.52
C ILE A 803 -0.76 5.72 -22.69
N LEU A 804 0.09 4.70 -22.60
CA LEU A 804 1.04 4.43 -23.67
C LEU A 804 0.35 4.17 -25.01
N GLN A 805 -0.70 3.35 -24.98
CA GLN A 805 -1.42 3.03 -26.19
C GLN A 805 -2.05 4.30 -26.79
N GLN A 806 -2.46 5.20 -25.94
CA GLN A 806 -3.04 6.45 -26.42
C GLN A 806 -2.00 7.21 -27.21
N LEU A 807 -0.74 7.12 -26.79
CA LEU A 807 0.35 7.82 -27.46
C LEU A 807 0.66 7.20 -28.81
N GLY A 808 0.16 5.99 -29.03
CA GLY A 808 0.41 5.33 -30.30
C GLY A 808 1.33 4.14 -30.15
N LEU A 809 1.75 3.88 -28.91
CA LEU A 809 2.63 2.75 -28.66
C LEU A 809 1.83 1.51 -28.26
N ASN A 810 1.93 0.47 -29.06
CA ASN A 810 1.22 -0.78 -28.77
C ASN A 810 2.07 -1.51 -27.73
N SER A 811 1.67 -1.40 -26.48
CA SER A 811 2.44 -2.02 -25.42
C SER A 811 1.70 -3.03 -24.61
N THR A 812 2.41 -4.10 -24.28
CA THR A 812 1.84 -5.16 -23.48
C THR A 812 2.03 -4.66 -22.07
N CYS A 813 1.69 -5.49 -21.09
CA CYS A 813 1.85 -5.09 -19.72
C CYS A 813 3.34 -5.17 -19.34
N ASP A 814 4.06 -6.13 -19.92
CA ASP A 814 5.49 -6.25 -19.63
C ASP A 814 6.23 -5.03 -20.17
N ASP A 815 5.77 -4.53 -21.31
CA ASP A 815 6.36 -3.36 -21.93
C ASP A 815 6.20 -2.19 -21.00
N SER A 816 4.96 -1.96 -20.59
CA SER A 816 4.63 -0.86 -19.68
C SER A 816 5.55 -0.84 -18.48
N ILE A 817 5.79 -2.00 -17.89
CA ILE A 817 6.66 -2.06 -16.73
C ILE A 817 8.06 -1.52 -17.05
N LEU A 818 8.61 -1.90 -18.17
CA LEU A 818 9.94 -1.45 -18.52
C LEU A 818 9.99 0.04 -18.82
N VAL A 819 8.94 0.56 -19.47
CA VAL A 819 8.90 1.96 -19.83
C VAL A 819 8.87 2.82 -18.59
N LYS A 820 7.98 2.49 -17.68
CA LYS A 820 7.84 3.21 -16.42
C LYS A 820 9.20 3.21 -15.71
N THR A 821 9.85 2.05 -15.67
CA THR A 821 11.14 1.95 -15.02
C THR A 821 12.11 2.94 -15.61
N VAL A 822 12.24 2.90 -16.93
CA VAL A 822 13.15 3.78 -17.64
C VAL A 822 12.87 5.23 -17.24
N CYS A 823 11.60 5.63 -17.26
CA CYS A 823 11.22 6.99 -16.89
C CYS A 823 11.70 7.33 -15.49
N GLY A 824 11.62 6.37 -14.58
CA GLY A 824 12.05 6.60 -13.22
C GLY A 824 13.53 6.84 -13.08
N VAL A 825 14.32 5.97 -13.68
CA VAL A 825 15.75 6.11 -13.61
C VAL A 825 16.19 7.48 -14.09
N VAL A 826 15.67 7.88 -15.25
CA VAL A 826 16.01 9.17 -15.83
C VAL A 826 15.57 10.36 -14.98
N SER A 827 14.33 10.33 -14.50
CA SER A 827 13.80 11.42 -13.71
C SER A 827 14.50 11.51 -12.36
N ARG A 828 14.89 10.38 -11.81
CA ARG A 828 15.60 10.37 -10.53
C ARG A 828 16.96 11.02 -10.67
N ARG A 829 17.70 10.63 -11.70
CA ARG A 829 19.03 11.19 -11.91
C ARG A 829 18.92 12.69 -12.08
N ALA A 830 17.88 13.14 -12.76
CA ALA A 830 17.67 14.57 -12.97
C ALA A 830 17.52 15.34 -11.64
N ALA A 831 16.77 14.78 -10.70
CA ALA A 831 16.57 15.42 -9.42
C ALA A 831 17.87 15.45 -8.62
N GLN A 832 18.61 14.35 -8.60
CA GLN A 832 19.89 14.30 -7.86
C GLN A 832 20.88 15.30 -8.40
N LEU A 833 21.08 15.32 -9.71
CA LEU A 833 22.03 16.25 -10.31
C LEU A 833 21.62 17.66 -9.97
N CYS A 834 20.32 17.93 -10.01
CA CYS A 834 19.85 19.27 -9.69
C CYS A 834 20.10 19.59 -8.22
N GLY A 835 19.95 18.58 -7.36
CA GLY A 835 20.19 18.81 -5.94
C GLY A 835 21.65 19.09 -5.68
N ALA A 836 22.55 18.35 -6.32
CA ALA A 836 23.96 18.58 -6.14
C ALA A 836 24.28 20.00 -6.56
N GLY A 837 23.61 20.48 -7.60
CA GLY A 837 23.82 21.86 -8.05
C GLY A 837 23.38 22.86 -6.99
N MET A 838 22.15 22.72 -6.51
CA MET A 838 21.62 23.61 -5.49
C MET A 838 22.40 23.49 -4.19
N ALA A 839 22.88 22.28 -3.90
CA ALA A 839 23.66 22.05 -2.69
C ALA A 839 24.89 22.93 -2.71
N ALA A 840 25.54 23.02 -3.86
CA ALA A 840 26.74 23.86 -3.99
C ALA A 840 26.41 25.31 -3.69
N VAL A 841 25.29 25.78 -4.25
CA VAL A 841 24.88 27.16 -4.05
C VAL A 841 24.70 27.51 -2.55
N VAL A 842 23.77 26.83 -1.88
CA VAL A 842 23.53 27.12 -0.47
C VAL A 842 24.76 27.06 0.43
N ASP A 843 25.65 26.11 0.19
CA ASP A 843 26.85 26.02 1.01
C ASP A 843 27.81 27.17 0.75
N LYS A 844 27.66 27.83 -0.39
CA LYS A 844 28.54 28.96 -0.66
C LYS A 844 27.98 30.14 0.09
N ILE A 845 26.66 30.28 0.09
CA ILE A 845 26.01 31.37 0.78
C ILE A 845 26.32 31.25 2.27
N ARG A 846 26.51 30.03 2.74
CA ARG A 846 26.82 29.81 4.16
C ARG A 846 28.26 30.13 4.50
N GLU A 847 29.19 29.80 3.61
CA GLU A 847 30.60 30.08 3.83
C GLU A 847 30.83 31.58 3.71
N ASN A 848 30.09 32.23 2.82
CA ASN A 848 30.20 33.66 2.61
C ASN A 848 29.85 34.39 3.92
N ARG A 849 28.77 33.94 4.54
CA ARG A 849 28.27 34.51 5.79
C ARG A 849 29.00 33.88 6.99
N GLY A 850 30.11 33.22 6.69
CA GLY A 850 30.91 32.55 7.71
C GLY A 850 30.10 31.86 8.78
N LEU A 851 29.07 31.12 8.39
CA LEU A 851 28.23 30.41 9.36
C LEU A 851 28.58 28.94 9.45
N ASP A 852 28.10 28.28 10.49
CA ASP A 852 28.35 26.86 10.69
C ASP A 852 27.02 26.16 10.51
N ARG A 853 26.03 26.99 10.19
CA ARG A 853 24.68 26.51 9.97
C ARG A 853 23.90 27.66 9.36
N LEU A 854 23.28 27.42 8.21
CA LEU A 854 22.52 28.45 7.54
C LEU A 854 21.11 28.01 7.22
N ASN A 855 20.15 28.89 7.49
CA ASN A 855 18.75 28.63 7.21
C ASN A 855 18.39 29.57 6.06
N VAL A 856 17.93 29.00 4.97
CA VAL A 856 17.58 29.80 3.81
C VAL A 856 16.48 29.12 3.02
N THR A 857 15.56 29.91 2.48
CA THR A 857 14.50 29.33 1.68
C THR A 857 14.75 29.68 0.23
N VAL A 858 14.30 28.80 -0.66
CA VAL A 858 14.48 28.96 -2.11
C VAL A 858 13.14 29.18 -2.81
N GLY A 859 13.09 30.14 -3.73
CA GLY A 859 11.86 30.42 -4.47
C GLY A 859 11.89 29.57 -5.72
N VAL A 860 10.89 28.72 -5.93
CA VAL A 860 10.84 27.81 -7.07
C VAL A 860 9.68 27.98 -8.03
N ASP A 861 9.88 27.53 -9.25
CA ASP A 861 8.86 27.57 -10.28
C ASP A 861 9.31 26.67 -11.43
N GLY A 862 8.36 26.24 -12.26
CA GLY A 862 8.67 25.36 -13.38
C GLY A 862 7.67 24.23 -13.42
N THR A 863 7.13 23.94 -14.61
CA THR A 863 6.15 22.86 -14.76
C THR A 863 6.69 21.50 -14.30
N LEU A 864 7.89 21.14 -14.72
CA LEU A 864 8.43 19.85 -14.29
C LEU A 864 8.42 19.76 -12.77
N TYR A 865 8.86 20.81 -12.09
CA TYR A 865 8.89 20.83 -10.63
C TYR A 865 7.51 20.71 -10.03
N LYS A 866 6.56 21.48 -10.57
CA LYS A 866 5.19 21.44 -10.07
C LYS A 866 4.42 20.15 -10.32
N LEU A 867 4.49 19.61 -11.54
CA LEU A 867 3.75 18.40 -11.86
C LEU A 867 4.38 17.06 -11.56
N HIS A 868 5.70 16.95 -11.60
CA HIS A 868 6.30 15.66 -11.35
C HIS A 868 6.09 15.14 -9.94
N PRO A 869 5.63 13.89 -9.80
CA PRO A 869 5.36 13.24 -8.52
C PRO A 869 6.55 12.96 -7.60
N HIS A 870 7.78 12.97 -8.13
CA HIS A 870 8.93 12.68 -7.27
C HIS A 870 10.13 13.62 -7.34
N PHE A 871 10.26 14.37 -8.43
CA PHE A 871 11.38 15.28 -8.59
C PHE A 871 11.72 16.11 -7.36
N SER A 872 10.79 16.95 -6.91
CA SER A 872 11.03 17.80 -5.76
C SER A 872 11.44 17.04 -4.54
N ARG A 873 10.75 15.95 -4.23
CA ARG A 873 11.06 15.17 -3.05
C ARG A 873 12.50 14.67 -3.09
N ILE A 874 12.85 13.97 -4.17
CA ILE A 874 14.20 13.45 -4.29
C ILE A 874 15.22 14.57 -4.32
N MET A 875 14.81 15.72 -4.84
CA MET A 875 15.72 16.85 -4.91
C MET A 875 16.01 17.36 -3.51
N HIS A 876 14.95 17.73 -2.80
CA HIS A 876 15.10 18.22 -1.43
C HIS A 876 15.98 17.26 -0.63
N GLN A 877 15.68 15.97 -0.73
CA GLN A 877 16.43 14.94 -0.01
C GLN A 877 17.93 15.02 -0.27
N THR A 878 18.28 15.20 -1.53
CA THR A 878 19.67 15.26 -1.96
C THR A 878 20.42 16.50 -1.49
N VAL A 879 19.73 17.62 -1.43
CA VAL A 879 20.36 18.84 -0.97
C VAL A 879 20.69 18.63 0.50
N LYS A 880 19.71 18.10 1.24
CA LYS A 880 19.86 17.83 2.67
C LYS A 880 21.03 16.91 2.97
N GLU A 881 21.27 15.96 2.08
CA GLU A 881 22.34 14.99 2.25
C GLU A 881 23.72 15.52 1.86
N LEU A 882 23.76 16.45 0.91
CA LEU A 882 25.03 17.00 0.45
C LEU A 882 25.46 18.26 1.17
N SER A 883 24.51 18.95 1.80
CA SER A 883 24.81 20.16 2.55
C SER A 883 24.07 20.08 3.86
N PRO A 884 24.54 19.22 4.78
CA PRO A 884 23.94 19.01 6.09
C PRO A 884 24.07 20.19 7.03
N LYS A 885 24.83 21.19 6.62
CA LYS A 885 24.99 22.36 7.46
C LYS A 885 24.03 23.48 7.08
N CYS A 886 23.13 23.22 6.13
CA CYS A 886 22.14 24.22 5.70
C CYS A 886 20.76 23.63 5.82
N ASN A 887 19.82 24.44 6.28
CA ASN A 887 18.43 24.00 6.42
C ASN A 887 17.65 24.77 5.37
N VAL A 888 17.57 24.20 4.18
CA VAL A 888 16.88 24.82 3.06
C VAL A 888 15.40 24.54 3.05
N SER A 889 14.64 25.50 2.58
CA SER A 889 13.20 25.34 2.47
C SER A 889 12.86 25.84 1.08
N PHE A 890 11.95 25.13 0.42
CA PHE A 890 11.57 25.52 -0.93
C PHE A 890 10.16 26.06 -0.92
N LEU A 891 10.02 27.31 -1.33
CA LEU A 891 8.71 27.95 -1.37
C LEU A 891 8.36 28.04 -2.86
N LEU A 892 7.17 27.59 -3.22
CA LEU A 892 6.73 27.61 -4.61
C LEU A 892 6.03 28.89 -5.00
N SER A 893 6.47 29.46 -6.11
CA SER A 893 5.89 30.69 -6.61
C SER A 893 4.59 30.33 -7.33
N GLU A 894 3.48 30.84 -6.83
CA GLU A 894 2.16 30.55 -7.41
C GLU A 894 1.62 31.70 -8.25
N ASP A 895 2.30 32.84 -8.19
CA ASP A 895 1.89 34.02 -8.95
C ASP A 895 2.81 34.34 -10.12
N GLY A 896 3.81 33.49 -10.32
CA GLY A 896 4.75 33.70 -11.42
C GLY A 896 5.76 34.80 -11.20
N SER A 897 6.62 35.01 -12.19
CA SER A 897 7.66 36.03 -12.13
C SER A 897 7.12 37.45 -12.10
N GLY A 898 6.02 37.69 -12.80
CA GLY A 898 5.44 39.02 -12.83
C GLY A 898 5.54 39.84 -11.55
N LYS A 899 5.04 39.32 -10.44
CA LYS A 899 5.09 40.06 -9.19
C LYS A 899 6.50 40.55 -8.86
N GLY A 900 7.50 39.70 -9.10
CA GLY A 900 8.88 40.07 -8.81
C GLY A 900 9.47 41.04 -9.81
N ALA A 901 9.03 40.97 -11.06
CA ALA A 901 9.52 41.88 -12.08
C ALA A 901 9.06 43.30 -11.75
N ALA A 902 7.79 43.46 -11.39
CA ALA A 902 7.24 44.76 -11.03
C ALA A 902 7.92 45.31 -9.77
N LEU A 903 8.22 44.43 -8.82
CA LEU A 903 8.89 44.83 -7.58
C LEU A 903 10.33 45.27 -7.84
N ILE A 904 10.85 44.97 -9.03
CA ILE A 904 12.21 45.33 -9.40
C ILE A 904 12.07 46.63 -10.19
N THR A 905 11.04 46.67 -11.03
CA THR A 905 10.77 47.84 -11.85
C THR A 905 10.57 49.06 -10.95
N ALA A 906 9.92 48.84 -9.80
CA ALA A 906 9.67 49.91 -8.86
C ALA A 906 10.97 50.57 -8.44
N VAL A 907 11.92 49.78 -7.96
CA VAL A 907 13.20 50.30 -7.53
C VAL A 907 13.90 50.93 -8.73
N GLY A 908 13.84 50.26 -9.86
CA GLY A 908 14.46 50.79 -11.05
C GLY A 908 14.05 52.25 -11.21
N VAL A 909 12.74 52.48 -11.16
CA VAL A 909 12.20 53.83 -11.28
C VAL A 909 12.72 54.72 -10.16
N ARG A 910 12.58 54.26 -8.92
CA ARG A 910 13.03 55.00 -7.76
C ARG A 910 14.47 55.50 -7.87
N LEU A 911 15.30 54.74 -8.59
CA LEU A 911 16.70 55.12 -8.76
C LEU A 911 16.90 55.97 -10.00
N ARG A 912 15.91 55.92 -10.89
CA ARG A 912 15.93 56.70 -12.13
C ARG A 912 15.46 58.11 -11.83
N THR A 913 14.44 58.22 -10.98
CA THR A 913 13.89 59.52 -10.58
C THR A 913 14.91 60.28 -9.76
N GLU A 914 15.66 59.55 -8.94
CA GLU A 914 16.68 60.14 -8.10
C GLU A 914 17.94 60.35 -8.93
N ASP B 16 -35.71 38.74 -38.77
CA ASP B 16 -35.72 37.57 -39.70
C ASP B 16 -34.35 37.38 -40.34
N ASP B 17 -33.91 38.37 -41.11
CA ASP B 17 -32.61 38.32 -41.78
C ASP B 17 -31.49 38.49 -40.78
N GLN B 18 -31.42 39.70 -40.21
CA GLN B 18 -30.40 40.02 -39.22
C GLN B 18 -30.17 38.79 -38.34
N VAL B 19 -31.25 38.26 -37.79
CA VAL B 19 -31.17 37.08 -36.95
C VAL B 19 -30.42 35.99 -37.71
N LYS B 20 -30.97 35.57 -38.84
CA LYS B 20 -30.32 34.53 -39.63
C LYS B 20 -28.86 34.90 -39.86
N LYS B 21 -28.58 36.19 -39.91
CA LYS B 21 -27.22 36.65 -40.13
C LYS B 21 -26.34 36.08 -39.01
N ILE B 22 -26.59 36.54 -37.80
CA ILE B 22 -25.84 36.12 -36.63
C ILE B 22 -25.73 34.60 -36.55
N ASP B 23 -26.86 33.91 -36.72
CA ASP B 23 -26.89 32.46 -36.65
C ASP B 23 -25.92 31.81 -37.62
N LYS B 24 -25.44 32.58 -38.58
CA LYS B 24 -24.50 32.08 -39.57
C LYS B 24 -23.08 32.32 -39.09
N TYR B 25 -22.89 33.40 -38.34
CA TYR B 25 -21.57 33.74 -37.81
C TYR B 25 -21.22 32.97 -36.53
N LEU B 26 -22.18 32.88 -35.60
CA LEU B 26 -21.97 32.16 -34.36
C LEU B 26 -22.59 30.76 -34.49
N TYR B 27 -22.37 30.16 -35.65
CA TYR B 27 -22.90 28.84 -35.97
C TYR B 27 -22.54 27.72 -35.01
N ALA B 28 -21.25 27.60 -34.68
CA ALA B 28 -20.75 26.55 -33.79
C ALA B 28 -21.27 26.61 -32.35
N MET B 29 -21.90 27.71 -31.99
CA MET B 29 -22.43 27.86 -30.65
C MET B 29 -23.90 27.42 -30.59
N ARG B 30 -24.41 26.90 -31.71
CA ARG B 30 -25.78 26.44 -31.74
C ARG B 30 -25.70 24.91 -31.81
N LEU B 31 -25.69 24.30 -30.62
CA LEU B 31 -25.57 22.86 -30.48
C LEU B 31 -26.82 22.05 -30.84
N SER B 32 -26.61 21.03 -31.67
CA SER B 32 -27.68 20.15 -32.12
C SER B 32 -27.98 19.09 -31.06
N ASP B 33 -29.23 18.65 -31.00
CA ASP B 33 -29.63 17.65 -30.02
C ASP B 33 -28.75 16.41 -30.10
N GLU B 34 -28.50 15.93 -31.31
CA GLU B 34 -27.67 14.75 -31.50
C GLU B 34 -26.31 15.02 -30.88
N THR B 35 -25.90 16.28 -30.93
CA THR B 35 -24.64 16.72 -30.36
C THR B 35 -24.75 16.65 -28.85
N LEU B 36 -25.81 17.26 -28.33
CA LEU B 36 -26.05 17.26 -26.90
C LEU B 36 -26.09 15.84 -26.35
N ILE B 37 -26.59 14.90 -27.15
CA ILE B 37 -26.65 13.53 -26.70
C ILE B 37 -25.23 13.00 -26.63
N ASP B 38 -24.43 13.36 -27.62
CA ASP B 38 -23.04 12.94 -27.66
C ASP B 38 -22.33 13.34 -26.37
N ILE B 39 -22.39 14.62 -26.05
CA ILE B 39 -21.79 15.15 -24.84
C ILE B 39 -22.28 14.35 -23.63
N MET B 40 -23.60 14.13 -23.56
CA MET B 40 -24.22 13.39 -22.47
C MET B 40 -23.56 12.03 -22.27
N THR B 41 -23.40 11.32 -23.38
CA THR B 41 -22.76 10.01 -23.37
C THR B 41 -21.31 10.14 -22.91
N ARG B 42 -20.67 11.24 -23.29
CA ARG B 42 -19.28 11.47 -22.90
C ARG B 42 -19.16 11.63 -21.39
N PHE B 43 -19.95 12.54 -20.82
CA PHE B 43 -19.89 12.76 -19.39
C PHE B 43 -20.18 11.45 -18.71
N ARG B 44 -21.19 10.76 -19.21
CA ARG B 44 -21.54 9.49 -18.63
C ARG B 44 -20.30 8.64 -18.47
N LYS B 45 -19.41 8.67 -19.45
CA LYS B 45 -18.20 7.86 -19.35
C LYS B 45 -17.21 8.44 -18.36
N GLU B 46 -17.20 9.77 -18.28
CA GLU B 46 -16.31 10.48 -17.37
C GLU B 46 -16.65 10.13 -15.93
N MET B 47 -17.93 9.93 -15.66
CA MET B 47 -18.41 9.57 -14.34
C MET B 47 -17.88 8.19 -13.93
N LYS B 48 -17.93 7.25 -14.86
CA LYS B 48 -17.45 5.91 -14.59
C LYS B 48 -15.96 5.91 -14.23
N ASN B 49 -15.18 6.61 -15.05
CA ASN B 49 -13.73 6.70 -14.84
C ASN B 49 -13.39 7.37 -13.53
N GLY B 50 -14.16 8.40 -13.18
CA GLY B 50 -13.92 9.12 -11.94
C GLY B 50 -14.16 8.27 -10.72
N LEU B 51 -15.14 7.37 -10.78
CA LEU B 51 -15.47 6.54 -9.62
C LEU B 51 -14.61 5.29 -9.52
N SER B 52 -13.93 4.93 -10.61
CA SER B 52 -13.10 3.73 -10.64
C SER B 52 -11.74 3.89 -9.99
N ARG B 53 -11.32 2.88 -9.22
CA ARG B 53 -10.04 2.95 -8.53
C ARG B 53 -8.89 2.89 -9.51
N ASP B 54 -9.10 2.27 -10.65
CA ASP B 54 -8.05 2.13 -11.66
C ASP B 54 -7.85 3.38 -12.51
N PHE B 55 -8.95 4.02 -12.90
CA PHE B 55 -8.87 5.20 -13.75
C PHE B 55 -9.01 6.52 -13.03
N ASN B 56 -9.57 6.51 -11.83
CA ASN B 56 -9.74 7.75 -11.11
C ASN B 56 -8.53 8.65 -11.16
N PRO B 57 -7.32 8.10 -10.93
CA PRO B 57 -6.11 8.94 -10.95
C PRO B 57 -5.87 9.77 -12.19
N THR B 58 -6.57 9.43 -13.27
CA THR B 58 -6.38 10.18 -14.51
C THR B 58 -7.62 10.98 -14.93
N ALA B 59 -8.75 10.71 -14.29
CA ALA B 59 -10.01 11.38 -14.62
C ALA B 59 -10.04 12.88 -14.31
N THR B 60 -10.76 13.65 -15.14
CA THR B 60 -10.89 15.09 -14.94
C THR B 60 -12.14 15.38 -14.10
N VAL B 61 -13.10 14.46 -14.16
CA VAL B 61 -14.33 14.59 -13.38
C VAL B 61 -14.03 13.77 -12.11
N LYS B 62 -13.66 14.45 -11.03
CA LYS B 62 -13.25 13.79 -9.81
C LYS B 62 -14.20 12.84 -9.10
N MET B 63 -15.50 13.10 -9.17
CA MET B 63 -16.45 12.23 -8.49
C MET B 63 -16.05 12.05 -7.02
N LEU B 64 -15.76 13.15 -6.33
CA LEU B 64 -15.34 13.11 -4.94
C LEU B 64 -16.39 12.74 -3.91
N PRO B 65 -16.09 11.77 -3.02
CA PRO B 65 -17.05 11.36 -1.98
C PRO B 65 -17.23 12.51 -1.01
N THR B 66 -18.41 12.61 -0.40
CA THR B 66 -18.73 13.69 0.53
C THR B 66 -18.99 13.25 1.97
N PHE B 67 -19.11 11.95 2.17
CA PHE B 67 -19.36 11.40 3.50
C PHE B 67 -20.70 11.82 4.05
N VAL B 68 -21.63 12.12 3.13
CA VAL B 68 -23.00 12.47 3.45
C VAL B 68 -23.77 11.28 2.86
N ARG B 69 -24.39 10.47 3.70
CA ARG B 69 -25.12 9.29 3.22
C ARG B 69 -26.63 9.39 3.06
N SER B 70 -27.24 10.50 3.48
CA SER B 70 -28.68 10.66 3.35
C SER B 70 -29.14 12.08 3.57
N ILE B 71 -30.28 12.44 2.98
CA ILE B 71 -30.80 13.79 3.16
C ILE B 71 -31.48 13.82 4.52
N PRO B 72 -31.79 15.02 5.04
CA PRO B 72 -32.44 15.11 6.36
C PRO B 72 -33.61 14.16 6.57
N ASP B 73 -33.70 13.60 7.78
CA ASP B 73 -34.78 12.69 8.11
C ASP B 73 -35.78 13.35 9.06
N GLY B 74 -35.38 14.50 9.60
CA GLY B 74 -36.26 15.22 10.51
C GLY B 74 -35.83 15.15 11.97
N SER B 75 -35.00 14.16 12.30
CA SER B 75 -34.52 13.98 13.66
C SER B 75 -33.44 15.00 14.03
N GLU B 76 -33.00 15.79 13.05
CA GLU B 76 -31.97 16.79 13.29
C GLU B 76 -32.45 17.90 14.22
N LYS B 77 -31.59 18.30 15.16
CA LYS B 77 -31.96 19.36 16.09
C LYS B 77 -30.74 19.92 16.84
N GLY B 78 -30.77 21.24 17.09
CA GLY B 78 -29.67 21.86 17.79
C GLY B 78 -29.47 23.29 17.32
N ASP B 79 -28.41 23.93 17.82
CA ASP B 79 -28.09 25.30 17.46
C ASP B 79 -26.75 25.28 16.77
N PHE B 80 -26.71 25.61 15.48
CA PHE B 80 -25.45 25.59 14.75
C PHE B 80 -25.15 26.87 14.00
N ILE B 81 -23.89 27.04 13.64
CA ILE B 81 -23.45 28.21 12.88
C ILE B 81 -22.94 27.67 11.56
N ALA B 82 -23.22 28.37 10.46
CA ALA B 82 -22.78 27.92 9.15
C ALA B 82 -22.04 29.01 8.41
N LEU B 83 -21.00 28.63 7.68
CA LEU B 83 -20.21 29.57 6.91
C LEU B 83 -20.47 29.24 5.45
N ASP B 84 -20.48 30.28 4.62
CA ASP B 84 -20.75 30.09 3.21
C ASP B 84 -19.76 30.90 2.38
N LEU B 85 -18.59 30.32 2.10
CA LEU B 85 -17.57 31.01 1.30
C LEU B 85 -17.35 30.34 -0.04
N GLY B 86 -17.23 31.13 -1.10
CA GLY B 86 -17.02 30.58 -2.41
C GLY B 86 -18.09 30.98 -3.41
N GLY B 87 -19.27 31.34 -2.90
CA GLY B 87 -20.33 31.76 -3.79
C GLY B 87 -20.08 33.20 -4.16
N SER B 88 -21.13 33.95 -4.50
CA SER B 88 -20.93 35.34 -4.86
C SER B 88 -20.92 36.22 -3.62
N SER B 89 -21.33 35.66 -2.49
CA SER B 89 -21.36 36.41 -1.25
C SER B 89 -20.94 35.62 -0.02
N PHE B 90 -20.01 36.19 0.74
CA PHE B 90 -19.55 35.55 1.97
C PHE B 90 -20.64 35.82 2.98
N ARG B 91 -21.34 34.78 3.39
CA ARG B 91 -22.42 34.95 4.33
C ARG B 91 -22.31 33.98 5.49
N ILE B 92 -22.57 34.46 6.69
CA ILE B 92 -22.54 33.62 7.89
C ILE B 92 -23.94 33.54 8.48
N LEU B 93 -24.38 32.35 8.87
CA LEU B 93 -25.70 32.20 9.45
C LEU B 93 -25.74 31.32 10.70
N ARG B 94 -26.84 31.44 11.43
CA ARG B 94 -27.07 30.65 12.63
C ARG B 94 -28.40 29.93 12.41
N VAL B 95 -28.40 28.61 12.50
CA VAL B 95 -29.61 27.86 12.28
C VAL B 95 -30.04 27.12 13.52
N GLN B 96 -31.20 27.45 14.03
CA GLN B 96 -31.73 26.80 15.21
C GLN B 96 -32.82 25.86 14.72
N VAL B 97 -32.77 24.62 15.19
CA VAL B 97 -33.76 23.62 14.80
C VAL B 97 -34.09 22.70 15.96
N ASN B 98 -35.39 22.52 16.20
CA ASN B 98 -35.86 21.66 17.27
C ASN B 98 -37.09 20.87 16.82
N HIS B 99 -37.37 19.78 17.53
CA HIS B 99 -38.51 18.92 17.23
C HIS B 99 -39.78 19.54 17.82
N GLU B 100 -39.67 19.98 19.06
CA GLU B 100 -40.78 20.58 19.81
C GLU B 100 -41.35 21.85 19.18
N LYS B 101 -40.95 22.99 19.75
CA LYS B 101 -41.40 24.30 19.29
C LYS B 101 -41.39 24.41 17.78
N ASN B 102 -42.51 24.90 17.24
CA ASN B 102 -42.59 25.06 15.81
C ASN B 102 -42.17 26.42 15.30
N GLN B 103 -40.92 26.41 14.90
CA GLN B 103 -40.19 27.53 14.29
C GLN B 103 -39.15 26.60 13.70
N ASN B 104 -39.54 25.31 13.70
CA ASN B 104 -38.75 24.19 13.21
C ASN B 104 -37.38 24.62 12.77
N VAL B 105 -37.34 25.35 11.66
CA VAL B 105 -36.08 25.83 11.13
C VAL B 105 -36.03 27.36 11.17
N HIS B 106 -35.34 27.90 12.16
CA HIS B 106 -35.20 29.33 12.26
C HIS B 106 -33.74 29.66 12.00
N MET B 107 -33.49 30.70 11.22
CA MET B 107 -32.12 31.07 10.91
C MET B 107 -31.94 32.54 10.60
N GLU B 108 -30.88 33.13 11.14
CA GLU B 108 -30.57 34.53 10.90
C GLU B 108 -29.19 34.54 10.25
N SER B 109 -29.07 35.29 9.15
CA SER B 109 -27.81 35.33 8.45
C SER B 109 -27.29 36.74 8.25
N GLU B 110 -25.99 36.84 7.96
CA GLU B 110 -25.34 38.12 7.74
C GLU B 110 -24.37 38.00 6.56
N VAL B 111 -24.22 39.08 5.81
CA VAL B 111 -23.32 39.06 4.66
C VAL B 111 -22.11 39.93 4.98
N TYR B 112 -20.93 39.44 4.63
CA TYR B 112 -19.70 40.19 4.88
C TYR B 112 -18.96 40.47 3.58
N ASP B 113 -18.29 41.61 3.52
CA ASP B 113 -17.58 41.99 2.32
C ASP B 113 -16.26 41.27 2.21
N THR B 114 -15.87 40.93 0.98
CA THR B 114 -14.62 40.24 0.73
C THR B 114 -14.01 40.87 -0.50
N PRO B 115 -13.12 41.85 -0.30
CA PRO B 115 -12.41 42.59 -1.35
C PRO B 115 -11.51 41.74 -2.25
N GLU B 116 -11.38 42.17 -3.50
CA GLU B 116 -10.55 41.48 -4.49
C GLU B 116 -9.09 41.45 -4.03
N ASN B 117 -8.91 41.79 -2.76
CA ASN B 117 -7.60 41.84 -2.15
C ASN B 117 -7.37 40.57 -1.36
N ILE B 118 -8.31 40.28 -0.47
CA ILE B 118 -8.24 39.10 0.37
C ILE B 118 -8.36 37.83 -0.46
N VAL B 119 -9.31 37.85 -1.38
CA VAL B 119 -9.59 36.73 -2.26
C VAL B 119 -8.39 36.34 -3.10
N HIS B 120 -7.55 37.31 -3.44
CA HIS B 120 -6.36 37.05 -4.26
C HIS B 120 -5.06 37.21 -3.50
N GLY B 121 -5.14 37.29 -2.16
CA GLY B 121 -3.95 37.45 -1.36
C GLY B 121 -3.42 36.12 -0.85
N SER B 122 -2.85 36.14 0.36
CA SER B 122 -2.31 34.93 0.95
C SER B 122 -3.40 34.19 1.72
N GLY B 123 -3.31 32.87 1.76
CA GLY B 123 -4.31 32.08 2.46
C GLY B 123 -4.47 32.62 3.85
N SER B 124 -3.35 33.03 4.44
CA SER B 124 -3.34 33.58 5.79
C SER B 124 -4.23 34.81 5.90
N GLN B 125 -4.09 35.74 4.96
CA GLN B 125 -4.91 36.94 4.99
C GLN B 125 -6.38 36.57 4.82
N LEU B 126 -6.66 35.60 3.95
CA LEU B 126 -8.02 35.17 3.70
C LEU B 126 -8.67 34.56 4.94
N PHE B 127 -8.01 33.56 5.53
CA PHE B 127 -8.56 32.91 6.70
C PHE B 127 -8.60 33.78 7.96
N ASP B 128 -7.81 34.85 7.97
CA ASP B 128 -7.80 35.76 9.12
C ASP B 128 -9.12 36.51 9.05
N HIS B 129 -9.48 36.89 7.83
CA HIS B 129 -10.71 37.62 7.54
C HIS B 129 -11.91 36.79 7.93
N VAL B 130 -11.92 35.53 7.47
CA VAL B 130 -13.01 34.61 7.78
C VAL B 130 -13.14 34.40 9.28
N ALA B 131 -12.00 34.39 9.98
CA ALA B 131 -11.99 34.21 11.43
C ALA B 131 -12.44 35.48 12.14
N GLU B 132 -12.13 36.62 11.55
CA GLU B 132 -12.53 37.89 12.13
C GLU B 132 -14.04 38.04 11.96
N CYS B 133 -14.53 37.82 10.74
CA CYS B 133 -15.94 37.93 10.45
C CYS B 133 -16.78 37.01 11.33
N LEU B 134 -16.30 35.80 11.58
CA LEU B 134 -17.04 34.86 12.43
C LEU B 134 -17.07 35.40 13.86
N GLY B 135 -15.99 36.05 14.28
CA GLY B 135 -15.93 36.60 15.62
C GLY B 135 -16.96 37.70 15.80
N ASP B 136 -17.01 38.62 14.86
CA ASP B 136 -17.96 39.74 14.91
C ASP B 136 -19.41 39.24 14.95
N PHE B 137 -19.72 38.29 14.09
CA PHE B 137 -21.04 37.71 14.01
C PHE B 137 -21.47 37.17 15.37
N MET B 138 -20.59 36.41 16.02
CA MET B 138 -20.87 35.82 17.33
C MET B 138 -20.97 36.88 18.43
N GLU B 139 -20.36 38.03 18.21
CA GLU B 139 -20.40 39.11 19.18
C GLU B 139 -21.73 39.84 19.05
N LYS B 140 -22.13 40.13 17.82
CA LYS B 140 -23.38 40.82 17.56
C LYS B 140 -24.56 40.02 18.15
N ARG B 141 -24.35 38.72 18.34
CA ARG B 141 -25.36 37.86 18.90
C ARG B 141 -24.94 37.43 20.31
N LYS B 142 -23.73 37.82 20.69
CA LYS B 142 -23.21 37.50 22.01
C LYS B 142 -23.34 36.00 22.33
N ILE B 143 -23.01 35.17 21.34
CA ILE B 143 -23.09 33.72 21.49
C ILE B 143 -21.70 33.08 21.56
N LYS B 144 -20.68 33.91 21.82
CA LYS B 144 -19.31 33.42 21.91
C LYS B 144 -19.17 32.31 22.94
N ASP B 145 -19.75 32.54 24.12
CA ASP B 145 -19.70 31.59 25.24
C ASP B 145 -20.14 30.18 24.85
N LYS B 146 -20.99 30.10 23.82
CA LYS B 146 -21.49 28.80 23.39
C LYS B 146 -20.60 28.11 22.37
N LYS B 147 -20.30 26.85 22.64
CA LYS B 147 -19.47 26.03 21.76
C LYS B 147 -20.32 25.50 20.61
N LEU B 148 -21.06 26.41 19.98
CA LEU B 148 -21.94 26.05 18.87
C LEU B 148 -21.18 25.43 17.70
N PRO B 149 -21.61 24.25 17.26
CA PRO B 149 -20.95 23.56 16.15
C PRO B 149 -20.93 24.42 14.89
N VAL B 150 -19.83 24.35 14.16
CA VAL B 150 -19.69 25.12 12.94
C VAL B 150 -19.61 24.21 11.72
N GLY B 151 -20.47 24.51 10.74
CA GLY B 151 -20.51 23.78 9.48
C GLY B 151 -19.86 24.71 8.47
N PHE B 152 -19.01 24.18 7.61
CA PHE B 152 -18.32 25.02 6.64
C PHE B 152 -18.71 24.70 5.20
N THR B 153 -19.32 25.66 4.52
CA THR B 153 -19.70 25.45 3.14
C THR B 153 -18.60 26.11 2.32
N PHE B 154 -17.73 25.27 1.76
CA PHE B 154 -16.60 25.71 0.97
C PHE B 154 -16.81 25.24 -0.47
N SER B 155 -17.25 26.14 -1.34
CA SER B 155 -17.53 25.79 -2.73
C SER B 155 -16.34 25.64 -3.65
N PHE B 156 -15.47 24.68 -3.34
CA PHE B 156 -14.29 24.39 -4.17
C PHE B 156 -14.01 22.88 -4.08
N PRO B 157 -13.24 22.33 -5.03
CA PRO B 157 -12.96 20.89 -5.00
C PRO B 157 -12.05 20.52 -3.83
N CYS B 158 -12.48 19.57 -3.01
CA CYS B 158 -11.67 19.16 -1.85
C CYS B 158 -11.54 17.67 -1.65
N GLN B 159 -10.33 17.25 -1.32
CA GLN B 159 -10.06 15.85 -1.06
C GLN B 159 -10.38 15.64 0.42
N GLN B 160 -11.24 14.68 0.72
CA GLN B 160 -11.61 14.39 2.11
C GLN B 160 -11.65 12.91 2.40
N SER B 161 -11.12 12.52 3.56
CA SER B 161 -11.13 11.12 3.98
C SER B 161 -12.13 11.00 5.12
N LYS B 162 -12.62 12.16 5.57
CA LYS B 162 -13.61 12.26 6.62
C LYS B 162 -14.25 13.64 6.47
N ILE B 163 -15.49 13.78 6.92
CA ILE B 163 -16.24 15.01 6.78
C ILE B 163 -15.70 16.28 7.41
N ASP B 164 -14.77 16.16 8.35
CA ASP B 164 -14.23 17.34 8.99
C ASP B 164 -12.81 17.61 8.56
N GLU B 165 -12.49 17.20 7.33
CA GLU B 165 -11.18 17.39 6.73
C GLU B 165 -11.45 17.83 5.30
N ALA B 166 -10.71 18.81 4.83
CA ALA B 166 -10.93 19.30 3.49
C ALA B 166 -9.66 19.87 2.86
N ILE B 167 -8.93 19.02 2.14
CA ILE B 167 -7.71 19.46 1.49
C ILE B 167 -8.06 20.04 0.13
N LEU B 168 -7.84 21.33 -0.05
CA LEU B 168 -8.14 21.98 -1.32
C LEU B 168 -7.31 21.41 -2.47
N ILE B 169 -8.00 21.00 -3.52
CA ILE B 169 -7.34 20.45 -4.69
C ILE B 169 -6.87 21.58 -5.59
N THR B 170 -7.71 22.57 -5.77
CA THR B 170 -7.37 23.70 -6.62
C THR B 170 -8.45 24.77 -6.54
N TRP B 171 -8.05 26.03 -6.64
CA TRP B 171 -8.98 27.15 -6.61
C TRP B 171 -9.76 27.24 -7.92
N THR B 172 -10.95 27.82 -7.87
CA THR B 172 -11.79 27.98 -9.06
C THR B 172 -12.52 29.31 -8.92
N LYS B 173 -13.17 29.74 -10.00
CA LYS B 173 -13.90 31.00 -10.00
C LYS B 173 -12.98 32.20 -9.74
N ARG B 174 -13.32 33.10 -8.82
CA ARG B 174 -12.47 34.27 -8.59
C ARG B 174 -11.38 34.13 -7.53
N PHE B 175 -11.44 33.08 -6.72
CA PHE B 175 -10.46 32.90 -5.68
C PHE B 175 -9.11 32.47 -6.21
N LYS B 176 -8.05 32.97 -5.57
CA LYS B 176 -6.69 32.65 -5.95
C LYS B 176 -5.77 33.07 -4.83
N ALA B 177 -5.98 32.52 -3.64
CA ALA B 177 -5.16 32.83 -2.47
C ALA B 177 -4.02 31.82 -2.39
N SER B 178 -2.81 32.30 -2.11
CA SER B 178 -1.63 31.46 -2.05
C SER B 178 -1.43 30.72 -0.74
N GLY B 179 -0.80 29.56 -0.83
CA GLY B 179 -0.54 28.75 0.35
C GLY B 179 -1.74 27.98 0.87
N VAL B 180 -2.73 27.75 0.02
CA VAL B 180 -3.91 27.01 0.46
C VAL B 180 -4.06 25.68 -0.27
N GLU B 181 -3.85 25.69 -1.59
CA GLU B 181 -3.96 24.46 -2.37
C GLU B 181 -3.07 23.37 -1.78
N GLY B 182 -3.65 22.19 -1.57
CA GLY B 182 -2.90 21.08 -1.03
C GLY B 182 -2.91 21.02 0.48
N ALA B 183 -3.44 22.07 1.11
CA ALA B 183 -3.50 22.12 2.56
C ALA B 183 -4.90 21.82 3.01
N ASP B 184 -5.08 21.73 4.32
CA ASP B 184 -6.39 21.44 4.89
C ASP B 184 -7.01 22.75 5.40
N VAL B 185 -7.97 23.29 4.66
CA VAL B 185 -8.61 24.56 5.06
C VAL B 185 -9.19 24.54 6.46
N VAL B 186 -9.50 23.36 6.97
CA VAL B 186 -10.03 23.25 8.33
C VAL B 186 -8.91 23.64 9.28
N LYS B 187 -7.75 22.99 9.11
CA LYS B 187 -6.57 23.27 9.92
C LYS B 187 -6.12 24.71 9.72
N LEU B 188 -6.17 25.17 8.48
CA LEU B 188 -5.77 26.52 8.16
C LEU B 188 -6.69 27.53 8.85
N LEU B 189 -7.99 27.22 8.90
CA LEU B 189 -8.95 28.11 9.54
C LEU B 189 -8.84 28.00 11.05
N ASN B 190 -8.60 26.78 11.54
CA ASN B 190 -8.48 26.57 12.98
C ASN B 190 -7.33 27.38 13.52
N LYS B 191 -6.25 27.48 12.74
CA LYS B 191 -5.08 28.24 13.14
C LYS B 191 -5.42 29.73 13.28
N ALA B 192 -6.10 30.29 12.29
CA ALA B 192 -6.46 31.69 12.30
C ALA B 192 -7.30 32.06 13.52
N ILE B 193 -8.20 31.17 13.90
CA ILE B 193 -9.06 31.41 15.06
C ILE B 193 -8.25 31.37 16.34
N LYS B 194 -7.49 30.30 16.52
CA LYS B 194 -6.66 30.15 17.71
C LYS B 194 -5.72 31.34 17.84
N LYS B 195 -5.28 31.86 16.70
CA LYS B 195 -4.37 33.01 16.68
C LYS B 195 -5.05 34.27 17.16
N ARG B 196 -6.38 34.24 17.18
CA ARG B 196 -7.17 35.38 17.61
C ARG B 196 -7.41 35.31 19.12
N GLY B 197 -7.41 34.09 19.65
CA GLY B 197 -7.65 33.90 21.08
C GLY B 197 -8.94 34.58 21.51
N ASP B 198 -9.64 35.14 20.54
CA ASP B 198 -10.89 35.85 20.77
C ASP B 198 -12.02 34.91 21.19
N TYR B 199 -12.11 33.77 20.50
CA TYR B 199 -13.15 32.77 20.77
C TYR B 199 -12.70 31.36 20.43
N ASP B 200 -13.64 30.43 20.45
CA ASP B 200 -13.33 29.04 20.14
C ASP B 200 -14.27 28.48 19.08
N ALA B 201 -13.68 27.91 18.04
CA ALA B 201 -14.47 27.33 16.97
C ALA B 201 -14.46 25.81 17.07
N ASN B 202 -15.53 25.19 16.57
CA ASN B 202 -15.67 23.76 16.58
C ASN B 202 -16.14 23.31 15.21
N ILE B 203 -15.36 23.64 14.17
CA ILE B 203 -15.72 23.27 12.81
C ILE B 203 -15.92 21.75 12.78
N VAL B 204 -17.17 21.33 12.65
CA VAL B 204 -17.49 19.91 12.65
C VAL B 204 -17.62 19.27 11.26
N ALA B 205 -17.77 20.08 10.22
CA ALA B 205 -17.92 19.53 8.89
C ALA B 205 -17.71 20.55 7.80
N VAL B 206 -17.26 20.06 6.65
CA VAL B 206 -17.02 20.89 5.47
C VAL B 206 -17.84 20.26 4.35
N VAL B 207 -18.72 21.04 3.73
CA VAL B 207 -19.54 20.54 2.63
C VAL B 207 -19.42 21.48 1.45
N ASN B 208 -19.62 20.96 0.26
CA ASN B 208 -19.59 21.76 -0.95
C ASN B 208 -21.01 22.32 -1.12
N ASP B 209 -21.15 23.45 -1.81
CA ASP B 209 -22.48 24.04 -1.95
C ASP B 209 -23.49 23.18 -2.70
N THR B 210 -23.05 22.31 -3.60
CA THR B 210 -24.01 21.46 -4.29
C THR B 210 -24.59 20.44 -3.29
N VAL B 211 -23.80 20.08 -2.29
CA VAL B 211 -24.27 19.13 -1.28
C VAL B 211 -25.18 19.88 -0.31
N GLY B 212 -24.82 21.12 0.00
CA GLY B 212 -25.62 21.91 0.91
C GLY B 212 -26.97 22.16 0.28
N THR B 213 -26.95 22.57 -0.98
CA THR B 213 -28.18 22.84 -1.73
C THR B 213 -29.08 21.58 -1.75
N MET B 214 -28.48 20.42 -1.99
CA MET B 214 -29.25 19.19 -2.02
C MET B 214 -29.85 18.92 -0.65
N MET B 215 -29.06 19.11 0.40
CA MET B 215 -29.55 18.87 1.75
C MET B 215 -30.71 19.81 2.09
N THR B 216 -30.64 21.04 1.60
CA THR B 216 -31.67 22.04 1.84
C THR B 216 -32.99 21.66 1.19
N CYS B 217 -32.95 21.40 -0.11
CA CYS B 217 -34.16 21.03 -0.80
C CYS B 217 -34.70 19.70 -0.33
N GLY B 218 -33.82 18.85 0.18
CA GLY B 218 -34.27 17.54 0.62
C GLY B 218 -35.13 17.63 1.86
N TYR B 219 -34.84 18.63 2.68
CA TYR B 219 -35.56 18.84 3.91
C TYR B 219 -37.06 18.96 3.62
N ASP B 220 -37.37 19.72 2.56
CA ASP B 220 -38.75 19.96 2.13
C ASP B 220 -39.26 18.91 1.15
N ASP B 221 -38.37 18.22 0.45
CA ASP B 221 -38.80 17.22 -0.52
C ASP B 221 -37.97 15.97 -0.38
N GLN B 222 -38.51 14.97 0.27
CA GLN B 222 -37.79 13.73 0.51
C GLN B 222 -37.49 12.91 -0.73
N HIS B 223 -37.55 13.54 -1.89
CA HIS B 223 -37.27 12.83 -3.14
C HIS B 223 -36.02 13.42 -3.78
N CYS B 224 -35.45 14.44 -3.14
CA CYS B 224 -34.26 15.12 -3.64
C CYS B 224 -33.05 14.18 -3.68
N GLU B 225 -32.47 14.01 -4.86
CA GLU B 225 -31.31 13.15 -5.00
C GLU B 225 -30.20 13.85 -5.76
N VAL B 226 -30.40 15.13 -6.07
CA VAL B 226 -29.41 15.90 -6.81
C VAL B 226 -29.36 17.33 -6.35
N GLY B 227 -28.17 17.90 -6.35
CA GLY B 227 -27.98 19.28 -5.93
C GLY B 227 -27.25 19.95 -7.08
N LEU B 228 -27.86 21.00 -7.63
CA LEU B 228 -27.26 21.66 -8.78
C LEU B 228 -27.02 23.14 -8.57
N ILE B 229 -25.87 23.61 -9.04
CA ILE B 229 -25.55 25.02 -8.90
C ILE B 229 -25.17 25.64 -10.24
N ILE B 230 -25.77 26.79 -10.55
CA ILE B 230 -25.48 27.53 -11.78
C ILE B 230 -25.44 29.01 -11.43
N GLY B 231 -24.27 29.48 -11.02
CA GLY B 231 -24.10 30.87 -10.64
C GLY B 231 -22.72 31.29 -11.09
N THR B 232 -21.91 31.84 -10.18
CA THR B 232 -20.56 32.26 -10.51
C THR B 232 -19.89 31.07 -11.20
N GLY B 233 -20.18 29.88 -10.70
CA GLY B 233 -19.65 28.65 -11.26
C GLY B 233 -20.80 27.65 -11.38
N THR B 234 -20.51 26.46 -11.91
CA THR B 234 -21.54 25.45 -12.06
C THR B 234 -21.00 24.06 -11.73
N ASN B 235 -21.74 23.33 -10.90
CA ASN B 235 -21.37 21.99 -10.47
C ASN B 235 -22.63 21.26 -10.00
N ALA B 236 -22.52 19.97 -9.73
CA ALA B 236 -23.66 19.20 -9.26
C ALA B 236 -23.23 17.98 -8.47
N CYS B 237 -24.08 17.53 -7.56
CA CYS B 237 -23.79 16.34 -6.75
C CYS B 237 -25.01 15.40 -6.77
N TYR B 238 -24.80 14.12 -6.54
CA TYR B 238 -25.90 13.18 -6.54
C TYR B 238 -25.70 12.04 -5.55
N MET B 239 -26.74 11.21 -5.32
CA MET B 239 -26.64 10.09 -4.39
C MET B 239 -26.28 8.82 -5.13
N GLU B 240 -25.05 8.37 -4.91
CA GLU B 240 -24.50 7.19 -5.56
C GLU B 240 -24.51 6.00 -4.62
N GLU B 241 -24.45 4.79 -5.18
CA GLU B 241 -24.46 3.58 -4.38
C GLU B 241 -23.08 3.35 -3.84
N LEU B 242 -22.97 3.14 -2.53
CA LEU B 242 -21.67 2.92 -1.89
C LEU B 242 -20.89 1.82 -2.56
N ARG B 243 -21.57 0.87 -3.17
CA ARG B 243 -20.89 -0.24 -3.83
C ARG B 243 -20.25 0.17 -5.15
N HIS B 244 -20.49 1.42 -5.57
CA HIS B 244 -19.93 1.93 -6.83
C HIS B 244 -18.75 2.85 -6.57
N ILE B 245 -18.70 3.42 -5.37
CA ILE B 245 -17.63 4.31 -4.95
C ILE B 245 -16.43 3.48 -4.53
N ASP B 246 -15.57 3.17 -5.49
CA ASP B 246 -14.38 2.36 -5.24
C ASP B 246 -13.44 2.89 -4.17
N LEU B 247 -13.28 4.21 -4.14
CA LEU B 247 -12.39 4.87 -3.21
C LEU B 247 -12.88 4.98 -1.78
N VAL B 248 -13.96 4.28 -1.45
CA VAL B 248 -14.52 4.32 -0.10
C VAL B 248 -14.94 2.90 0.26
N GLU B 249 -14.21 2.27 1.18
CA GLU B 249 -14.52 0.90 1.59
C GLU B 249 -15.93 0.82 2.15
N GLY B 250 -16.72 -0.08 1.58
CA GLY B 250 -18.09 -0.27 2.01
C GLY B 250 -18.94 -0.59 0.81
N ASP B 251 -20.06 -1.26 1.04
CA ASP B 251 -20.95 -1.61 -0.04
C ASP B 251 -22.37 -1.44 0.46
N GLU B 252 -22.49 -0.82 1.62
CA GLU B 252 -23.78 -0.62 2.26
C GLU B 252 -24.35 0.78 2.09
N GLY B 253 -25.50 0.86 1.43
CA GLY B 253 -26.18 2.14 1.24
C GLY B 253 -25.68 3.08 0.16
N ARG B 254 -25.89 4.37 0.39
CA ARG B 254 -25.49 5.41 -0.53
C ARG B 254 -24.67 6.53 0.12
N MET B 255 -23.96 7.28 -0.71
CA MET B 255 -23.14 8.39 -0.25
C MET B 255 -23.22 9.43 -1.35
N CYS B 256 -23.18 10.71 -0.98
CA CYS B 256 -23.28 11.78 -1.95
C CYS B 256 -21.95 12.08 -2.61
N ILE B 257 -21.95 12.02 -3.94
CA ILE B 257 -20.76 12.28 -4.72
C ILE B 257 -20.79 13.70 -5.25
N ASN B 258 -19.67 14.42 -5.17
CA ASN B 258 -19.62 15.77 -5.72
C ASN B 258 -18.87 15.62 -7.04
N THR B 259 -19.59 15.61 -8.15
CA THR B 259 -18.96 15.41 -9.44
C THR B 259 -17.85 16.40 -9.77
N GLU B 260 -18.11 17.69 -9.57
CA GLU B 260 -17.14 18.72 -9.92
C GLU B 260 -17.00 18.64 -11.44
N TRP B 261 -18.14 18.75 -12.14
CA TRP B 261 -18.19 18.68 -13.59
C TRP B 261 -17.68 19.91 -14.32
N GLY B 262 -17.41 20.98 -13.58
CA GLY B 262 -16.91 22.19 -14.20
C GLY B 262 -15.57 21.94 -14.86
N ALA B 263 -14.95 20.81 -14.54
CA ALA B 263 -13.66 20.47 -15.09
C ALA B 263 -13.83 19.44 -16.18
N PHE B 264 -15.07 19.30 -16.63
CA PHE B 264 -15.37 18.36 -17.69
C PHE B 264 -14.63 18.85 -18.94
N GLY B 265 -13.87 17.96 -19.57
CA GLY B 265 -13.16 18.33 -20.79
C GLY B 265 -11.86 19.09 -20.62
N ASP B 266 -11.28 19.07 -19.42
CA ASP B 266 -10.03 19.77 -19.17
C ASP B 266 -8.87 18.98 -19.76
N ASP B 267 -9.15 17.72 -20.12
CA ASP B 267 -8.14 16.87 -20.72
C ASP B 267 -8.29 17.00 -22.23
N GLY B 268 -9.03 18.04 -22.64
CA GLY B 268 -9.23 18.30 -24.06
C GLY B 268 -10.28 17.47 -24.77
N SER B 269 -11.28 17.02 -24.02
CA SER B 269 -12.34 16.20 -24.60
C SER B 269 -13.49 17.01 -25.16
N LEU B 270 -13.40 18.32 -25.10
CA LEU B 270 -14.46 19.18 -25.63
C LEU B 270 -13.87 20.24 -26.55
N GLU B 271 -12.66 19.97 -27.03
CA GLU B 271 -11.98 20.90 -27.90
C GLU B 271 -12.77 21.08 -29.18
N ASP B 272 -13.43 20.01 -29.59
CA ASP B 272 -14.24 20.01 -30.81
C ASP B 272 -15.58 20.69 -30.60
N ILE B 273 -15.74 21.37 -29.47
CA ILE B 273 -17.00 22.06 -29.20
C ILE B 273 -16.68 23.47 -28.71
N ARG B 274 -15.44 23.68 -28.31
CA ARG B 274 -15.00 24.97 -27.81
C ARG B 274 -14.64 25.88 -28.97
N THR B 275 -14.99 27.16 -28.85
CA THR B 275 -14.72 28.15 -29.90
C THR B 275 -13.54 29.05 -29.56
N GLU B 276 -13.06 29.77 -30.55
CA GLU B 276 -11.95 30.68 -30.37
C GLU B 276 -12.34 31.69 -29.28
N PHE B 277 -13.63 31.92 -29.14
CA PHE B 277 -14.12 32.87 -28.13
C PHE B 277 -13.94 32.26 -26.77
N ASP B 278 -14.01 30.94 -26.71
CA ASP B 278 -13.86 30.20 -25.46
C ASP B 278 -12.38 30.26 -25.07
N ARG B 279 -11.53 29.86 -26.01
CA ARG B 279 -10.10 29.85 -25.78
C ARG B 279 -9.59 31.22 -25.35
N GLU B 280 -10.01 32.25 -26.06
CA GLU B 280 -9.58 33.60 -25.74
C GLU B 280 -10.03 33.97 -24.33
N ILE B 281 -11.21 33.50 -23.94
CA ILE B 281 -11.76 33.79 -22.63
C ILE B 281 -10.87 33.14 -21.59
N ASP B 282 -10.36 31.95 -21.94
CA ASP B 282 -9.50 31.19 -21.06
C ASP B 282 -8.14 31.82 -20.92
N ARG B 283 -7.53 32.19 -22.05
CA ARG B 283 -6.21 32.79 -22.05
C ARG B 283 -6.14 34.04 -21.22
N GLY B 284 -7.30 34.53 -20.80
CA GLY B 284 -7.32 35.71 -19.97
C GLY B 284 -7.90 35.43 -18.60
N SER B 285 -8.14 34.14 -18.30
CA SER B 285 -8.71 33.74 -17.02
C SER B 285 -7.65 33.64 -15.92
N LEU B 286 -8.13 33.47 -14.70
CA LEU B 286 -7.26 33.35 -13.55
C LEU B 286 -6.61 31.96 -13.53
N ASN B 287 -7.31 30.96 -14.05
CA ASN B 287 -6.83 29.58 -14.05
C ASN B 287 -6.81 28.98 -15.44
N PRO B 288 -5.86 29.41 -16.26
CA PRO B 288 -5.75 28.92 -17.63
C PRO B 288 -5.68 27.42 -17.69
N GLY B 289 -6.44 26.83 -18.61
CA GLY B 289 -6.43 25.40 -18.77
C GLY B 289 -7.40 24.59 -17.94
N LYS B 290 -8.01 25.20 -16.93
CA LYS B 290 -8.94 24.46 -16.07
C LYS B 290 -10.37 24.95 -16.05
N GLN B 291 -11.27 24.08 -15.61
CA GLN B 291 -12.70 24.40 -15.52
C GLN B 291 -13.26 24.83 -16.88
N LEU B 292 -12.80 24.20 -17.94
CA LEU B 292 -13.24 24.54 -19.29
C LEU B 292 -14.75 24.42 -19.50
N PHE B 293 -15.33 23.29 -19.12
CA PHE B 293 -16.77 23.11 -19.29
C PHE B 293 -17.49 24.25 -18.57
N GLU B 294 -17.06 24.54 -17.35
CA GLU B 294 -17.64 25.61 -16.54
C GLU B 294 -17.43 26.97 -17.16
N LYS B 295 -16.39 27.12 -17.96
CA LYS B 295 -16.11 28.40 -18.58
C LYS B 295 -17.06 28.73 -19.75
N MET B 296 -17.88 27.77 -20.15
CA MET B 296 -18.85 28.01 -21.22
C MET B 296 -20.26 28.11 -20.63
N VAL B 297 -20.36 28.01 -19.31
CA VAL B 297 -21.65 28.03 -18.64
C VAL B 297 -21.88 29.11 -17.57
N SER B 298 -21.24 28.94 -16.41
CA SER B 298 -21.39 29.85 -15.29
C SER B 298 -21.49 31.34 -15.59
N GLY B 299 -22.29 32.01 -14.77
CA GLY B 299 -22.51 33.44 -14.96
C GLY B 299 -21.29 34.29 -14.82
N MET B 300 -20.22 33.72 -14.28
CA MET B 300 -18.98 34.47 -14.11
C MET B 300 -18.34 34.73 -15.48
N TYR B 301 -18.70 33.93 -16.47
CA TYR B 301 -18.11 34.08 -17.79
C TYR B 301 -19.06 34.44 -18.95
N LEU B 302 -20.37 34.28 -18.75
CA LEU B 302 -21.33 34.57 -19.81
C LEU B 302 -21.17 35.96 -20.43
N GLY B 303 -21.17 36.99 -19.61
CA GLY B 303 -21.02 38.34 -20.12
C GLY B 303 -19.80 38.56 -21.01
N GLU B 304 -18.61 38.41 -20.45
CA GLU B 304 -17.36 38.60 -21.17
C GLU B 304 -17.29 37.77 -22.44
N LEU B 305 -17.90 36.59 -22.42
CA LEU B 305 -17.88 35.73 -23.59
C LEU B 305 -18.63 36.44 -24.71
N VAL B 306 -19.62 37.24 -24.33
CA VAL B 306 -20.41 37.98 -25.30
C VAL B 306 -19.64 39.22 -25.75
N ARG B 307 -19.15 39.99 -24.79
CA ARG B 307 -18.39 41.20 -25.12
C ARG B 307 -17.24 40.86 -26.06
N LEU B 308 -16.77 39.61 -26.01
CA LEU B 308 -15.66 39.15 -26.85
C LEU B 308 -16.10 38.97 -28.30
N ILE B 309 -17.39 38.73 -28.51
CA ILE B 309 -17.93 38.54 -29.85
C ILE B 309 -18.35 39.90 -30.41
N LEU B 310 -18.91 40.75 -29.55
CA LEU B 310 -19.32 42.09 -29.98
C LEU B 310 -18.11 42.74 -30.61
N VAL B 311 -16.98 42.67 -29.91
CA VAL B 311 -15.73 43.24 -30.40
C VAL B 311 -15.32 42.58 -31.70
N LYS B 312 -15.41 41.25 -31.74
CA LYS B 312 -15.04 40.49 -32.94
C LYS B 312 -15.95 40.85 -34.11
N MET B 313 -17.17 41.29 -33.82
CA MET B 313 -18.11 41.66 -34.86
C MET B 313 -17.86 43.08 -35.33
N ALA B 314 -17.76 44.01 -34.39
CA ALA B 314 -17.49 45.40 -34.72
C ALA B 314 -16.19 45.50 -35.54
N LYS B 315 -15.22 44.64 -35.21
CA LYS B 315 -13.94 44.63 -35.92
C LYS B 315 -14.12 44.17 -37.36
N GLU B 316 -15.35 43.91 -37.75
CA GLU B 316 -15.63 43.47 -39.11
C GLU B 316 -16.80 44.29 -39.67
N GLY B 317 -17.04 45.43 -39.02
CA GLY B 317 -18.10 46.33 -39.44
C GLY B 317 -19.53 45.82 -39.27
N LEU B 318 -19.68 44.62 -38.72
CA LEU B 318 -20.99 44.01 -38.53
C LEU B 318 -21.85 44.60 -37.42
N LEU B 319 -21.27 45.46 -36.58
CA LEU B 319 -22.02 46.07 -35.49
C LEU B 319 -21.55 47.49 -35.27
N PHE B 320 -22.37 48.28 -34.58
CA PHE B 320 -22.03 49.66 -34.26
C PHE B 320 -21.34 50.39 -35.40
N GLU B 321 -21.65 50.01 -36.64
CA GLU B 321 -21.04 50.65 -37.80
C GLU B 321 -19.53 50.45 -37.81
N GLY B 322 -19.09 49.35 -37.22
CA GLY B 322 -17.66 49.08 -37.18
C GLY B 322 -16.93 49.92 -36.16
N ARG B 323 -17.69 50.72 -35.40
CA ARG B 323 -17.08 51.56 -34.38
C ARG B 323 -16.65 50.68 -33.21
N ILE B 324 -15.55 51.04 -32.57
CA ILE B 324 -15.06 50.27 -31.43
C ILE B 324 -14.48 51.19 -30.37
N THR B 325 -15.27 51.50 -29.35
CA THR B 325 -14.81 52.37 -28.27
C THR B 325 -13.87 51.65 -27.32
N PRO B 326 -13.08 52.41 -26.56
CA PRO B 326 -12.13 51.81 -25.62
C PRO B 326 -12.86 51.00 -24.55
N GLU B 327 -14.15 51.30 -24.37
CA GLU B 327 -14.96 50.60 -23.39
C GLU B 327 -15.33 49.24 -23.94
N LEU B 328 -15.75 49.19 -25.19
CA LEU B 328 -16.12 47.92 -25.77
C LEU B 328 -14.91 47.00 -25.82
N LEU B 329 -13.74 47.55 -25.50
CA LEU B 329 -12.52 46.76 -25.53
C LEU B 329 -12.02 46.40 -24.13
N THR B 330 -12.38 47.21 -23.15
CA THR B 330 -11.97 46.97 -21.78
C THR B 330 -12.60 45.72 -21.22
N ARG B 331 -11.80 44.95 -20.50
CA ARG B 331 -12.24 43.71 -19.92
C ARG B 331 -13.32 43.89 -18.88
N GLY B 332 -14.31 43.00 -18.93
CA GLY B 332 -15.41 43.02 -17.98
C GLY B 332 -16.25 44.26 -17.95
N LYS B 333 -16.45 44.90 -19.10
CA LYS B 333 -17.27 46.10 -19.14
C LYS B 333 -18.70 45.73 -19.54
N PHE B 334 -18.89 44.45 -19.88
CA PHE B 334 -20.19 43.93 -20.27
C PHE B 334 -20.58 42.80 -19.32
N ASN B 335 -21.11 43.15 -18.14
CA ASN B 335 -21.52 42.17 -17.14
C ASN B 335 -22.57 41.19 -17.63
N THR B 336 -22.70 40.08 -16.91
CA THR B 336 -23.68 39.07 -17.25
C THR B 336 -25.05 39.64 -16.90
N SER B 337 -25.05 40.64 -16.03
CA SER B 337 -26.30 41.29 -15.63
C SER B 337 -26.88 41.89 -16.91
N ASP B 338 -26.02 42.47 -17.73
CA ASP B 338 -26.46 43.06 -18.99
C ASP B 338 -27.08 41.95 -19.82
N VAL B 339 -26.31 40.90 -20.06
CA VAL B 339 -26.79 39.77 -20.84
C VAL B 339 -28.20 39.35 -20.42
N SER B 340 -28.54 39.57 -19.16
CA SER B 340 -29.86 39.21 -18.67
C SER B 340 -30.91 40.26 -18.95
N ALA B 341 -30.67 41.48 -18.50
CA ALA B 341 -31.61 42.59 -18.70
C ALA B 341 -31.94 42.72 -20.18
N ILE B 342 -30.91 42.56 -21.01
CA ILE B 342 -31.05 42.65 -22.45
C ILE B 342 -31.93 41.52 -22.99
N GLU B 343 -32.15 40.48 -22.19
CA GLU B 343 -32.98 39.38 -22.66
C GLU B 343 -34.37 39.37 -22.01
N LYS B 344 -34.64 40.41 -21.23
CA LYS B 344 -35.93 40.53 -20.59
C LYS B 344 -36.96 40.60 -21.70
N ASN B 345 -38.18 40.13 -21.41
CA ASN B 345 -39.24 40.14 -22.42
C ASN B 345 -39.76 41.55 -22.61
N LYS B 346 -40.13 42.19 -21.51
CA LYS B 346 -40.64 43.54 -21.54
C LYS B 346 -39.68 44.53 -22.20
N GLU B 347 -38.92 45.23 -21.39
CA GLU B 347 -37.97 46.20 -21.90
C GLU B 347 -36.65 45.55 -22.36
N GLY B 348 -36.78 44.55 -23.23
CA GLY B 348 -35.61 43.86 -23.75
C GLY B 348 -34.69 44.79 -24.50
N LEU B 349 -35.06 45.10 -25.74
CA LEU B 349 -34.27 45.99 -26.58
C LEU B 349 -34.10 47.39 -25.99
N HIS B 350 -35.11 47.89 -25.29
CA HIS B 350 -35.00 49.21 -24.70
C HIS B 350 -33.78 49.23 -23.79
N ASN B 351 -33.61 48.14 -23.05
CA ASN B 351 -32.49 48.02 -22.13
C ASN B 351 -31.20 47.96 -22.93
N ALA B 352 -31.18 47.12 -23.95
CA ALA B 352 -30.01 46.96 -24.80
C ALA B 352 -29.51 48.31 -25.24
N LYS B 353 -30.44 49.20 -25.56
CA LYS B 353 -30.10 50.54 -26.01
C LYS B 353 -29.30 51.30 -24.95
N GLU B 354 -29.90 51.47 -23.78
CA GLU B 354 -29.24 52.18 -22.70
C GLU B 354 -27.85 51.63 -22.39
N ILE B 355 -27.71 50.31 -22.49
CA ILE B 355 -26.44 49.63 -22.21
C ILE B 355 -25.38 49.92 -23.28
N LEU B 356 -25.70 49.61 -24.53
CA LEU B 356 -24.78 49.83 -25.65
C LEU B 356 -24.41 51.32 -25.74
N THR B 357 -25.28 52.16 -25.22
CA THR B 357 -25.05 53.61 -25.25
C THR B 357 -23.95 54.01 -24.29
N ARG B 358 -24.06 53.56 -23.05
CA ARG B 358 -23.07 53.87 -22.04
C ARG B 358 -21.72 53.30 -22.47
N LEU B 359 -21.77 52.30 -23.35
CA LEU B 359 -20.56 51.67 -23.85
C LEU B 359 -19.86 52.56 -24.86
N GLY B 360 -20.27 53.81 -24.91
CA GLY B 360 -19.67 54.74 -25.84
C GLY B 360 -20.27 54.63 -27.24
N VAL B 361 -20.20 53.44 -27.82
CA VAL B 361 -20.74 53.19 -29.16
C VAL B 361 -22.11 53.83 -29.34
N GLU B 362 -22.42 54.26 -30.56
CA GLU B 362 -23.72 54.86 -30.85
C GLU B 362 -24.69 53.74 -31.24
N PRO B 363 -25.58 53.36 -30.30
CA PRO B 363 -26.55 52.28 -30.50
C PRO B 363 -27.67 52.56 -31.50
N SER B 364 -27.58 51.92 -32.65
CA SER B 364 -28.60 52.05 -33.67
C SER B 364 -29.69 51.10 -33.23
N ASP B 365 -30.95 51.53 -33.32
CA ASP B 365 -32.05 50.68 -32.90
C ASP B 365 -32.04 49.34 -33.64
N ASP B 366 -31.11 49.19 -34.56
CA ASP B 366 -30.98 47.95 -35.31
C ASP B 366 -29.90 47.12 -34.64
N ASP B 367 -28.98 47.82 -33.98
CA ASP B 367 -27.89 47.18 -33.27
C ASP B 367 -28.51 46.51 -32.06
N CYS B 368 -29.28 47.30 -31.31
CA CYS B 368 -29.95 46.81 -30.11
C CYS B 368 -30.60 45.47 -30.37
N VAL B 369 -30.93 45.21 -31.62
CA VAL B 369 -31.55 43.95 -31.96
C VAL B 369 -30.47 42.91 -32.19
N SER B 370 -29.52 43.23 -33.08
CA SER B 370 -28.43 42.30 -33.39
C SER B 370 -27.73 41.80 -32.13
N VAL B 371 -27.45 42.72 -31.21
CA VAL B 371 -26.80 42.39 -29.95
C VAL B 371 -27.64 41.38 -29.18
N GLN B 372 -28.78 41.83 -28.65
CA GLN B 372 -29.69 41.00 -27.88
C GLN B 372 -29.81 39.56 -28.38
N HIS B 373 -29.70 39.35 -29.68
CA HIS B 373 -29.82 37.99 -30.21
C HIS B 373 -28.58 37.18 -29.89
N VAL B 374 -27.41 37.80 -30.04
CA VAL B 374 -26.15 37.14 -29.73
C VAL B 374 -26.30 36.60 -28.32
N CYS B 375 -26.79 37.46 -27.42
CA CYS B 375 -27.01 37.09 -26.04
C CYS B 375 -27.77 35.77 -25.91
N THR B 376 -28.84 35.62 -26.70
CA THR B 376 -29.63 34.41 -26.66
C THR B 376 -28.81 33.19 -27.02
N ILE B 377 -28.03 33.31 -28.08
CA ILE B 377 -27.21 32.20 -28.55
C ILE B 377 -26.24 31.72 -27.49
N VAL B 378 -25.53 32.66 -26.88
CA VAL B 378 -24.57 32.36 -25.84
C VAL B 378 -25.31 31.78 -24.65
N SER B 379 -26.32 32.53 -24.18
CA SER B 379 -27.12 32.15 -23.03
C SER B 379 -27.95 30.89 -23.24
N PHE B 380 -28.06 30.43 -24.48
CA PHE B 380 -28.81 29.22 -24.73
C PHE B 380 -27.86 28.03 -24.73
N ARG B 381 -26.62 28.25 -25.14
CA ARG B 381 -25.64 27.17 -25.19
C ARG B 381 -25.39 26.68 -23.79
N SER B 382 -25.29 27.62 -22.86
CA SER B 382 -25.07 27.29 -21.46
C SER B 382 -26.19 26.36 -21.00
N ALA B 383 -27.41 26.90 -20.97
CA ALA B 383 -28.59 26.15 -20.55
C ALA B 383 -28.63 24.78 -21.20
N ASN B 384 -28.21 24.70 -22.45
CA ASN B 384 -28.21 23.43 -23.18
C ASN B 384 -27.13 22.47 -22.66
N LEU B 385 -25.91 22.95 -22.54
CA LEU B 385 -24.80 22.14 -22.07
C LEU B 385 -25.15 21.51 -20.73
N VAL B 386 -25.50 22.35 -19.76
CA VAL B 386 -25.87 21.88 -18.43
C VAL B 386 -26.90 20.77 -18.52
N ALA B 387 -27.90 20.97 -19.36
CA ALA B 387 -28.97 19.99 -19.52
C ALA B 387 -28.42 18.66 -20.02
N ALA B 388 -27.31 18.69 -20.75
CA ALA B 388 -26.78 17.44 -21.26
C ALA B 388 -26.08 16.64 -20.16
N THR B 389 -25.32 17.32 -19.30
CA THR B 389 -24.61 16.64 -18.23
C THR B 389 -25.56 16.20 -17.12
N LEU B 390 -26.44 17.10 -16.72
CA LEU B 390 -27.42 16.78 -15.68
C LEU B 390 -28.21 15.57 -16.15
N GLY B 391 -28.40 15.47 -17.46
CA GLY B 391 -29.14 14.36 -18.03
C GLY B 391 -28.39 13.06 -17.84
N ALA B 392 -27.07 13.14 -17.92
CA ALA B 392 -26.23 11.95 -17.76
C ALA B 392 -26.33 11.46 -16.34
N ILE B 393 -26.57 12.38 -15.40
CA ILE B 393 -26.67 12.00 -13.99
C ILE B 393 -28.01 11.33 -13.71
N LEU B 394 -29.10 11.90 -14.25
CA LEU B 394 -30.43 11.36 -14.07
C LEU B 394 -30.49 9.95 -14.65
N ASN B 395 -29.76 9.75 -15.75
CA ASN B 395 -29.72 8.44 -16.41
C ASN B 395 -28.99 7.43 -15.56
N ARG B 396 -28.04 7.92 -14.79
CA ARG B 396 -27.26 7.08 -13.91
C ARG B 396 -28.09 6.67 -12.70
N LEU B 397 -28.95 7.59 -12.25
CA LEU B 397 -29.81 7.34 -11.10
C LEU B 397 -30.81 6.26 -11.48
N ARG B 398 -31.43 6.43 -12.64
CA ARG B 398 -32.42 5.49 -13.18
C ARG B 398 -31.83 4.08 -13.32
N ASP B 399 -30.56 4.02 -13.72
CA ASP B 399 -29.88 2.75 -13.90
C ASP B 399 -29.68 2.05 -12.57
N ASN B 400 -29.44 2.85 -11.53
CA ASN B 400 -29.21 2.31 -10.19
C ASN B 400 -30.46 1.70 -9.59
N LYS B 401 -31.59 2.40 -9.73
CA LYS B 401 -32.88 1.97 -9.21
C LYS B 401 -33.42 0.72 -9.89
N GLY B 402 -33.04 0.51 -11.15
CA GLY B 402 -33.48 -0.65 -11.87
C GLY B 402 -34.84 -0.43 -12.52
N THR B 403 -35.60 0.50 -11.96
CA THR B 403 -36.91 0.83 -12.47
C THR B 403 -36.77 1.26 -13.93
N PRO B 404 -37.90 1.33 -14.67
CA PRO B 404 -37.86 1.73 -16.06
C PRO B 404 -38.05 3.22 -16.22
N ARG B 405 -38.81 3.81 -15.30
CA ARG B 405 -39.08 5.24 -15.30
C ARG B 405 -38.40 5.83 -14.09
N LEU B 406 -38.27 7.14 -14.02
CA LEU B 406 -37.63 7.75 -12.87
C LEU B 406 -38.33 9.01 -12.37
N ARG B 407 -38.50 9.08 -11.06
CA ARG B 407 -39.10 10.25 -10.45
C ARG B 407 -38.13 10.73 -9.39
N THR B 408 -37.63 11.93 -9.56
CA THR B 408 -36.67 12.49 -8.62
C THR B 408 -36.77 14.00 -8.56
N THR B 409 -36.33 14.60 -7.47
CA THR B 409 -36.36 16.04 -7.33
C THR B 409 -34.92 16.51 -7.43
N VAL B 410 -34.72 17.73 -7.90
CA VAL B 410 -33.41 18.29 -8.09
C VAL B 410 -33.32 19.66 -7.45
N GLY B 411 -32.48 19.81 -6.43
CA GLY B 411 -32.32 21.10 -5.78
C GLY B 411 -31.48 22.02 -6.67
N VAL B 412 -31.84 23.30 -6.76
CA VAL B 412 -31.11 24.24 -7.60
C VAL B 412 -30.84 25.55 -6.87
N ASP B 413 -29.80 26.24 -7.33
CA ASP B 413 -29.44 27.54 -6.76
C ASP B 413 -28.34 28.16 -7.63
N GLY B 414 -28.23 29.48 -7.58
CA GLY B 414 -27.24 30.16 -8.39
C GLY B 414 -27.81 31.32 -9.19
N SER B 415 -27.21 32.50 -9.01
CA SER B 415 -27.60 33.73 -9.68
C SER B 415 -28.17 33.59 -11.08
N LEU B 416 -27.31 33.21 -12.03
CA LEU B 416 -27.75 33.05 -13.41
C LEU B 416 -29.10 32.33 -13.52
N TYR B 417 -29.28 31.26 -12.75
CA TYR B 417 -30.53 30.53 -12.81
C TYR B 417 -31.61 31.35 -12.12
N LYS B 418 -31.35 31.74 -10.89
CA LYS B 418 -32.30 32.52 -10.12
C LYS B 418 -32.70 33.86 -10.71
N THR B 419 -31.80 34.48 -11.48
CA THR B 419 -32.10 35.80 -12.04
C THR B 419 -31.80 35.99 -13.52
N HIS B 420 -32.55 35.33 -14.38
CA HIS B 420 -32.37 35.47 -15.82
C HIS B 420 -33.63 34.93 -16.44
N PRO B 421 -34.40 35.81 -17.12
CA PRO B 421 -35.67 35.58 -17.81
C PRO B 421 -35.91 34.28 -18.59
N GLN B 422 -34.91 33.80 -19.32
CA GLN B 422 -35.13 32.59 -20.12
C GLN B 422 -34.38 31.32 -19.75
N TYR B 423 -33.25 31.47 -19.06
CA TYR B 423 -32.43 30.31 -18.70
C TYR B 423 -33.21 29.13 -18.14
N SER B 424 -33.80 29.32 -16.96
CA SER B 424 -34.57 28.28 -16.30
C SER B 424 -35.46 27.58 -17.32
N ARG B 425 -36.26 28.41 -18.00
CA ARG B 425 -37.22 28.00 -19.03
C ARG B 425 -36.63 27.05 -20.06
N ARG B 426 -35.64 27.53 -20.80
CA ARG B 426 -35.01 26.72 -21.83
C ARG B 426 -34.27 25.51 -21.28
N PHE B 427 -33.71 25.66 -20.07
CA PHE B 427 -32.98 24.58 -19.44
C PHE B 427 -33.85 23.33 -19.25
N HIS B 428 -34.97 23.49 -18.53
CA HIS B 428 -35.89 22.38 -18.28
C HIS B 428 -36.39 21.75 -19.58
N LYS B 429 -36.77 22.59 -20.54
CA LYS B 429 -37.25 22.15 -21.84
C LYS B 429 -36.32 21.14 -22.50
N THR B 430 -35.08 21.56 -22.77
CA THR B 430 -34.08 20.69 -23.40
C THR B 430 -33.89 19.43 -22.61
N LEU B 431 -33.94 19.58 -21.29
CA LEU B 431 -33.77 18.47 -20.38
C LEU B 431 -34.86 17.42 -20.56
N ARG B 432 -36.12 17.81 -20.27
CA ARG B 432 -37.24 16.88 -20.41
C ARG B 432 -37.20 16.26 -21.80
N ARG B 433 -36.68 17.01 -22.76
CA ARG B 433 -36.57 16.52 -24.13
C ARG B 433 -35.49 15.44 -24.23
N LEU B 434 -34.37 15.65 -23.54
CA LEU B 434 -33.26 14.70 -23.57
C LEU B 434 -33.50 13.46 -22.70
N VAL B 435 -34.18 13.63 -21.57
CA VAL B 435 -34.49 12.51 -20.68
C VAL B 435 -36.02 12.48 -20.54
N PRO B 436 -36.69 11.64 -21.35
CA PRO B 436 -38.15 11.50 -21.37
C PRO B 436 -38.73 10.49 -20.39
N ASP B 437 -38.07 9.36 -20.27
CA ASP B 437 -38.50 8.30 -19.39
C ASP B 437 -38.29 8.68 -17.92
N SER B 438 -38.49 9.96 -17.60
CA SER B 438 -38.30 10.43 -16.24
C SER B 438 -39.09 11.69 -15.91
N ASP B 439 -39.62 11.72 -14.69
CA ASP B 439 -40.40 12.85 -14.18
C ASP B 439 -39.52 13.62 -13.18
N VAL B 440 -39.07 14.81 -13.57
CA VAL B 440 -38.18 15.59 -12.73
C VAL B 440 -38.71 16.93 -12.23
N ARG B 441 -38.66 17.13 -10.92
CA ARG B 441 -39.11 18.38 -10.31
C ARG B 441 -37.89 19.20 -9.94
N PHE B 442 -37.94 20.49 -10.25
CA PHE B 442 -36.82 21.37 -9.93
C PHE B 442 -37.22 22.27 -8.79
N LEU B 443 -36.70 22.00 -7.62
CA LEU B 443 -37.01 22.83 -6.46
C LEU B 443 -35.87 23.82 -6.26
N LEU B 444 -36.20 25.10 -6.17
CA LEU B 444 -35.18 26.12 -6.01
C LEU B 444 -34.95 26.46 -4.57
N SER B 445 -33.70 26.35 -4.14
CA SER B 445 -33.34 26.65 -2.77
C SER B 445 -33.55 28.13 -2.56
N GLU B 446 -34.55 28.48 -1.75
CA GLU B 446 -34.81 29.88 -1.47
C GLU B 446 -34.10 30.34 -0.21
N SER B 447 -33.79 29.39 0.67
CA SER B 447 -33.08 29.68 1.93
C SER B 447 -31.58 29.81 1.69
N GLY B 448 -31.06 28.99 0.77
CA GLY B 448 -29.65 29.00 0.46
C GLY B 448 -29.07 27.67 0.90
N SER B 449 -27.77 27.61 1.14
CA SER B 449 -27.13 26.38 1.55
C SER B 449 -27.22 26.20 3.06
N GLY B 450 -27.24 27.32 3.78
CA GLY B 450 -27.32 27.31 5.24
C GLY B 450 -28.16 26.23 5.89
N LYS B 451 -29.43 26.12 5.53
CA LYS B 451 -30.24 25.10 6.14
C LYS B 451 -29.61 23.73 5.92
N GLY B 452 -29.25 23.45 4.67
CA GLY B 452 -28.64 22.17 4.35
C GLY B 452 -27.34 21.89 5.09
N ALA B 453 -26.46 22.88 5.17
CA ALA B 453 -25.20 22.68 5.85
C ALA B 453 -25.46 22.30 7.31
N ALA B 454 -26.32 23.08 7.96
CA ALA B 454 -26.67 22.84 9.35
C ALA B 454 -27.24 21.44 9.52
N MET B 455 -27.97 20.97 8.50
CA MET B 455 -28.57 19.64 8.55
C MET B 455 -27.48 18.59 8.55
N VAL B 456 -26.37 18.91 7.88
CA VAL B 456 -25.25 17.99 7.81
C VAL B 456 -24.46 18.08 9.13
N THR B 457 -24.27 19.30 9.62
CA THR B 457 -23.52 19.54 10.84
C THR B 457 -24.13 18.78 12.02
N ALA B 458 -25.45 18.78 12.08
CA ALA B 458 -26.16 18.09 13.16
C ALA B 458 -25.69 16.63 13.29
N VAL B 459 -25.79 15.88 12.20
CA VAL B 459 -25.36 14.49 12.24
C VAL B 459 -23.87 14.35 12.48
N ALA B 460 -23.08 15.16 11.78
CA ALA B 460 -21.63 15.13 11.94
C ALA B 460 -21.30 15.23 13.41
N TYR B 461 -21.88 16.22 14.06
CA TYR B 461 -21.64 16.44 15.48
C TYR B 461 -22.06 15.25 16.28
N ARG B 462 -23.20 14.69 15.91
CA ARG B 462 -23.73 13.52 16.60
C ARG B 462 -22.70 12.41 16.63
N LEU B 463 -22.07 12.15 15.49
CA LEU B 463 -21.07 11.08 15.39
C LEU B 463 -19.78 11.44 16.08
N ALA B 464 -19.42 12.69 16.01
CA ALA B 464 -18.20 13.11 16.66
C ALA B 464 -18.24 12.73 18.14
N GLU B 465 -19.41 12.90 18.76
CA GLU B 465 -19.55 12.56 20.17
C GLU B 465 -19.39 11.08 20.36
N GLN B 466 -19.97 10.30 19.46
CA GLN B 466 -19.82 8.86 19.56
C GLN B 466 -18.33 8.57 19.54
N HIS B 467 -17.63 9.20 18.59
CA HIS B 467 -16.20 9.00 18.46
C HIS B 467 -15.45 9.46 19.69
N ARG B 468 -15.76 10.67 20.15
CA ARG B 468 -15.10 11.19 21.34
C ARG B 468 -15.17 10.17 22.47
N GLN B 469 -16.35 9.60 22.67
CA GLN B 469 -16.55 8.61 23.73
C GLN B 469 -15.76 7.33 23.52
N ILE B 470 -15.73 6.83 22.29
CA ILE B 470 -15.00 5.62 22.00
C ILE B 470 -13.51 5.81 22.23
N GLU B 471 -12.99 6.97 21.86
CA GLU B 471 -11.59 7.25 22.04
C GLU B 471 -11.23 7.41 23.50
N GLU B 472 -12.10 8.08 24.26
CA GLU B 472 -11.85 8.29 25.68
C GLU B 472 -11.62 6.96 26.38
N THR B 473 -12.48 5.98 26.07
CA THR B 473 -12.37 4.65 26.66
C THR B 473 -11.08 3.98 26.22
N LEU B 474 -10.85 3.92 24.91
CA LEU B 474 -9.66 3.28 24.37
C LEU B 474 -8.37 3.92 24.86
N ALA B 475 -8.43 5.21 25.19
CA ALA B 475 -7.25 5.92 25.65
C ALA B 475 -6.62 5.31 26.91
N HIS B 476 -7.42 4.58 27.70
CA HIS B 476 -6.89 3.97 28.92
C HIS B 476 -5.99 2.80 28.59
N PHE B 477 -5.95 2.40 27.33
CA PHE B 477 -5.11 1.29 26.96
C PHE B 477 -3.83 1.79 26.33
N HIS B 478 -3.60 3.10 26.43
CA HIS B 478 -2.40 3.70 25.85
C HIS B 478 -1.38 4.05 26.91
N LEU B 479 -0.22 3.39 26.84
CA LEU B 479 0.85 3.62 27.78
C LEU B 479 1.93 4.48 27.16
N THR B 480 2.35 5.50 27.90
CA THR B 480 3.41 6.39 27.45
C THR B 480 4.76 5.75 27.73
N LYS B 481 5.80 6.25 27.08
CA LYS B 481 7.14 5.74 27.28
C LYS B 481 7.45 5.83 28.76
N ASP B 482 7.00 6.93 29.37
CA ASP B 482 7.22 7.13 30.79
C ASP B 482 6.48 6.10 31.63
N MET B 483 5.26 5.73 31.23
CA MET B 483 4.51 4.73 31.97
C MET B 483 5.27 3.41 31.85
N LEU B 484 5.84 3.18 30.67
CA LEU B 484 6.56 1.95 30.43
C LEU B 484 7.85 1.85 31.25
N LEU B 485 8.45 2.98 31.59
CA LEU B 485 9.67 2.93 32.39
C LEU B 485 9.30 2.61 33.83
N GLU B 486 8.15 3.09 34.28
CA GLU B 486 7.70 2.84 35.63
C GLU B 486 7.46 1.34 35.81
N VAL B 487 6.80 0.73 34.82
CA VAL B 487 6.51 -0.70 34.83
C VAL B 487 7.83 -1.47 34.87
N LYS B 488 8.82 -0.97 34.16
CA LYS B 488 10.13 -1.63 34.13
C LYS B 488 10.76 -1.50 35.51
N LYS B 489 10.65 -0.30 36.07
CA LYS B 489 11.17 0.00 37.40
C LYS B 489 10.55 -0.98 38.39
N ARG B 490 9.23 -0.96 38.45
CA ARG B 490 8.46 -1.83 39.34
C ARG B 490 8.84 -3.29 39.18
N MET B 491 8.97 -3.73 37.94
CA MET B 491 9.33 -5.12 37.69
C MET B 491 10.64 -5.42 38.42
N ARG B 492 11.61 -4.52 38.34
CA ARG B 492 12.89 -4.75 38.99
C ARG B 492 12.78 -4.85 40.50
N ALA B 493 12.02 -3.93 41.10
CA ALA B 493 11.84 -3.93 42.55
C ALA B 493 11.30 -5.27 43.00
N GLU B 494 10.27 -5.74 42.30
CA GLU B 494 9.67 -7.01 42.65
C GLU B 494 10.62 -8.17 42.41
N MET B 495 11.48 -8.03 41.41
CA MET B 495 12.45 -9.07 41.08
C MET B 495 13.33 -9.30 42.29
N GLU B 496 13.73 -8.20 42.90
CA GLU B 496 14.61 -8.25 44.06
C GLU B 496 13.95 -8.85 45.28
N LEU B 497 12.81 -8.30 45.68
CA LEU B 497 12.09 -8.79 46.84
C LEU B 497 11.98 -10.31 46.81
N GLY B 498 11.91 -10.87 45.61
CA GLY B 498 11.78 -12.31 45.47
C GLY B 498 13.03 -13.11 45.65
N LEU B 499 14.18 -12.50 45.36
CA LEU B 499 15.47 -13.18 45.51
C LEU B 499 15.98 -13.12 46.95
N ARG B 500 15.76 -11.99 47.62
CA ARG B 500 16.20 -11.82 49.01
C ARG B 500 15.37 -12.69 49.93
N LYS B 501 16.03 -13.65 50.57
CA LYS B 501 15.39 -14.61 51.47
C LYS B 501 14.56 -13.99 52.59
N GLN B 502 14.88 -12.77 52.96
CA GLN B 502 14.18 -12.07 54.02
C GLN B 502 12.84 -11.48 53.55
N THR B 503 12.74 -11.23 52.26
CA THR B 503 11.51 -10.65 51.73
C THR B 503 10.78 -11.61 50.78
N HIS B 504 11.44 -12.70 50.40
CA HIS B 504 10.86 -13.69 49.50
C HIS B 504 9.54 -14.21 50.02
N ASN B 505 9.41 -14.28 51.33
CA ASN B 505 8.20 -14.80 51.96
C ASN B 505 6.92 -14.17 51.44
N ASN B 506 6.94 -12.87 51.21
CA ASN B 506 5.75 -12.17 50.73
C ASN B 506 5.94 -11.43 49.42
N ALA B 507 6.76 -11.99 48.54
CA ALA B 507 7.00 -11.37 47.25
C ALA B 507 6.07 -12.04 46.27
N VAL B 508 5.49 -11.26 45.35
CA VAL B 508 4.56 -11.77 44.34
C VAL B 508 5.29 -12.47 43.19
N VAL B 509 6.41 -11.90 42.74
CA VAL B 509 7.22 -12.55 41.71
C VAL B 509 8.16 -13.41 42.55
N LYS B 510 7.83 -14.69 42.65
CA LYS B 510 8.57 -15.62 43.49
C LYS B 510 10.02 -16.00 43.10
N MET B 511 10.48 -15.58 41.92
CA MET B 511 11.83 -15.94 41.47
C MET B 511 12.27 -17.32 41.94
N LEU B 512 11.53 -18.36 41.58
CA LEU B 512 11.87 -19.72 41.97
C LEU B 512 13.07 -20.34 41.28
N PRO B 513 14.06 -20.80 42.06
CA PRO B 513 15.25 -21.42 41.46
C PRO B 513 14.89 -22.76 40.82
N SER B 514 15.52 -23.05 39.68
CA SER B 514 15.27 -24.26 38.91
C SER B 514 16.29 -25.37 39.15
N PHE B 515 17.42 -25.00 39.72
CA PHE B 515 18.49 -25.94 40.00
C PHE B 515 19.16 -26.41 38.73
N VAL B 516 19.22 -25.49 37.76
CA VAL B 516 19.89 -25.72 36.48
C VAL B 516 20.93 -24.61 36.60
N ARG B 517 22.20 -24.97 36.60
CA ARG B 517 23.25 -23.97 36.77
C ARG B 517 24.10 -23.65 35.56
N ARG B 518 23.89 -24.37 34.47
CA ARG B 518 24.68 -24.14 33.27
C ARG B 518 23.97 -24.56 32.00
N THR B 519 24.17 -23.76 30.95
CA THR B 519 23.59 -24.04 29.65
C THR B 519 24.37 -25.22 29.09
N PRO B 520 23.81 -25.93 28.10
CA PRO B 520 24.51 -27.08 27.53
C PRO B 520 26.00 -26.88 27.30
N ASP B 521 26.80 -27.86 27.74
CA ASP B 521 28.25 -27.79 27.57
C ASP B 521 28.67 -28.52 26.31
N GLY B 522 27.79 -29.38 25.78
CA GLY B 522 28.09 -30.12 24.56
C GLY B 522 28.58 -31.53 24.84
N THR B 523 28.28 -32.01 26.03
CA THR B 523 28.70 -33.35 26.41
C THR B 523 27.50 -34.22 26.72
N GLU B 524 26.32 -33.60 26.77
CA GLU B 524 25.08 -34.32 27.06
C GLU B 524 24.90 -35.44 26.05
N ASN B 525 24.74 -36.66 26.56
CA ASN B 525 24.58 -37.84 25.71
C ASN B 525 23.54 -38.81 26.28
N GLY B 526 22.90 -39.57 25.39
CA GLY B 526 21.93 -40.55 25.84
C GLY B 526 20.54 -40.53 25.23
N ASP B 527 19.68 -41.40 25.77
CA ASP B 527 18.29 -41.52 25.33
C ASP B 527 17.42 -41.11 26.51
N PHE B 528 16.39 -40.31 26.25
CA PHE B 528 15.51 -39.84 27.30
C PHE B 528 14.07 -39.71 26.84
N LEU B 529 13.16 -39.76 27.81
CA LEU B 529 11.73 -39.60 27.55
C LEU B 529 11.43 -38.21 28.14
N ALA B 530 10.44 -37.52 27.60
CA ALA B 530 10.10 -36.21 28.12
C ALA B 530 8.59 -36.00 28.09
N LEU B 531 8.10 -35.20 29.03
CA LEU B 531 6.68 -34.90 29.08
C LEU B 531 6.52 -33.40 28.90
N ASP B 532 5.43 -33.03 28.24
CA ASP B 532 5.14 -31.62 28.00
C ASP B 532 3.69 -31.39 28.40
N LEU B 533 3.49 -30.84 29.59
CA LEU B 533 2.16 -30.56 30.12
C LEU B 533 2.09 -29.10 30.53
N GLY B 534 0.99 -28.42 30.18
CA GLY B 534 0.86 -27.04 30.54
C GLY B 534 0.48 -26.11 29.40
N GLY B 535 0.97 -26.41 28.20
CA GLY B 535 0.66 -25.59 27.05
C GLY B 535 -0.68 -25.96 26.45
N THR B 536 -0.84 -25.72 25.14
CA THR B 536 -2.09 -26.04 24.45
C THR B 536 -2.18 -27.54 24.14
N ASN B 537 -1.04 -28.17 23.92
CA ASN B 537 -1.00 -29.58 23.59
C ASN B 537 -0.14 -30.39 24.56
N PHE B 538 -0.73 -31.41 25.17
CA PHE B 538 -0.01 -32.28 26.08
C PHE B 538 0.60 -33.33 25.15
N ARG B 539 1.90 -33.52 25.22
CA ARG B 539 2.55 -34.49 24.36
C ARG B 539 3.64 -35.26 25.07
N VAL B 540 3.94 -36.45 24.54
CA VAL B 540 4.98 -37.30 25.11
C VAL B 540 6.08 -37.41 24.09
N LEU B 541 7.34 -37.34 24.52
CA LEU B 541 8.45 -37.42 23.60
C LEU B 541 9.58 -38.37 23.95
N LEU B 542 10.32 -38.74 22.91
CA LEU B 542 11.47 -39.62 22.98
C LEU B 542 12.58 -38.81 22.33
N VAL B 543 13.66 -38.55 23.06
CA VAL B 543 14.77 -37.76 22.53
C VAL B 543 16.12 -38.45 22.74
N LYS B 544 16.89 -38.56 21.67
CA LYS B 544 18.22 -39.18 21.72
C LYS B 544 19.26 -38.13 21.40
N ILE B 545 20.21 -37.94 22.31
CA ILE B 545 21.27 -36.97 22.09
C ILE B 545 22.60 -37.68 21.93
N ARG B 546 23.16 -37.61 20.72
CA ARG B 546 24.43 -38.22 20.44
C ARG B 546 25.44 -37.08 20.43
N SER B 547 26.43 -37.17 21.29
CA SER B 547 27.43 -36.11 21.39
C SER B 547 28.84 -36.57 20.99
N GLY B 548 29.79 -35.64 21.08
CA GLY B 548 31.16 -35.96 20.75
C GLY B 548 31.54 -35.66 19.31
N LYS B 549 31.49 -36.68 18.45
CA LYS B 549 31.84 -36.52 17.05
C LYS B 549 30.93 -35.48 16.43
N LYS B 550 29.98 -35.93 15.63
CA LYS B 550 29.04 -35.01 15.03
C LYS B 550 27.82 -35.10 15.94
N ARG B 551 27.64 -34.07 16.75
CA ARG B 551 26.53 -34.01 17.70
C ARG B 551 25.19 -34.05 16.99
N THR B 552 24.34 -35.00 17.39
CA THR B 552 23.02 -35.12 16.80
C THR B 552 21.93 -35.25 17.85
N VAL B 553 20.70 -34.93 17.45
CA VAL B 553 19.53 -35.00 18.32
C VAL B 553 18.37 -35.56 17.52
N GLU B 554 17.82 -36.68 17.96
CA GLU B 554 16.69 -37.28 17.25
C GLU B 554 15.54 -37.38 18.22
N MET B 555 14.42 -36.74 17.89
CA MET B 555 13.28 -36.79 18.79
C MET B 555 11.96 -37.07 18.12
N HIS B 556 11.18 -37.95 18.75
CA HIS B 556 9.86 -38.28 18.24
C HIS B 556 8.91 -37.95 19.36
N ASN B 557 7.68 -37.59 19.00
CA ASN B 557 6.67 -37.27 19.98
C ASN B 557 5.30 -37.63 19.45
N LYS B 558 4.31 -37.53 20.32
CA LYS B 558 2.94 -37.82 19.97
C LYS B 558 2.07 -37.01 20.91
N ILE B 559 1.03 -36.39 20.35
CA ILE B 559 0.13 -35.57 21.13
C ILE B 559 -0.95 -36.45 21.73
N TYR B 560 -1.44 -36.06 22.90
CA TYR B 560 -2.48 -36.79 23.58
C TYR B 560 -3.43 -35.78 24.18
N ALA B 561 -4.72 -35.94 23.90
CA ALA B 561 -5.72 -35.04 24.45
C ALA B 561 -5.81 -35.20 25.96
N ILE B 562 -6.57 -34.30 26.60
CA ILE B 562 -6.78 -34.32 28.05
C ILE B 562 -8.11 -33.60 28.27
N PRO B 563 -9.21 -34.37 28.38
CA PRO B 563 -10.53 -33.77 28.59
C PRO B 563 -10.51 -32.72 29.71
N ILE B 564 -11.14 -31.58 29.45
CA ILE B 564 -11.17 -30.50 30.44
C ILE B 564 -11.74 -31.00 31.76
N GLU B 565 -12.48 -32.10 31.71
CA GLU B 565 -13.08 -32.68 32.90
C GLU B 565 -11.96 -33.23 33.76
N ILE B 566 -11.00 -33.87 33.12
CA ILE B 566 -9.85 -34.43 33.80
C ILE B 566 -8.94 -33.30 34.27
N MET B 567 -8.84 -32.27 33.42
CA MET B 567 -8.03 -31.09 33.68
C MET B 567 -8.48 -30.38 34.96
N GLN B 568 -9.76 -30.50 35.25
CA GLN B 568 -10.31 -29.89 36.45
C GLN B 568 -10.95 -30.95 37.34
N GLY B 569 -10.57 -32.21 37.12
CA GLY B 569 -11.10 -33.30 37.92
C GLY B 569 -10.32 -33.45 39.23
N THR B 570 -9.68 -34.60 39.40
CA THR B 570 -8.92 -34.83 40.62
C THR B 570 -7.51 -35.26 40.28
N GLY B 571 -6.55 -34.84 41.09
CA GLY B 571 -5.17 -35.19 40.86
C GLY B 571 -4.97 -36.65 40.55
N GLU B 572 -5.86 -37.50 41.06
CA GLU B 572 -5.78 -38.94 40.84
C GLU B 572 -5.99 -39.29 39.37
N GLU B 573 -7.15 -38.95 38.84
CA GLU B 573 -7.49 -39.23 37.46
C GLU B 573 -6.50 -38.54 36.52
N LEU B 574 -6.15 -37.31 36.85
CA LEU B 574 -5.22 -36.54 36.02
C LEU B 574 -3.94 -37.30 35.78
N PHE B 575 -3.20 -37.56 36.86
CA PHE B 575 -1.92 -38.27 36.75
C PHE B 575 -2.06 -39.71 36.31
N ASP B 576 -3.26 -40.26 36.46
CA ASP B 576 -3.48 -41.63 36.02
C ASP B 576 -3.48 -41.55 34.51
N HIS B 577 -4.29 -40.61 34.00
CA HIS B 577 -4.41 -40.39 32.57
C HIS B 577 -3.06 -40.17 31.93
N ILE B 578 -2.24 -39.33 32.54
CA ILE B 578 -0.91 -39.04 32.03
C ILE B 578 -0.11 -40.32 31.84
N VAL B 579 -0.03 -41.13 32.89
CA VAL B 579 0.71 -42.37 32.83
C VAL B 579 0.18 -43.28 31.73
N SER B 580 -1.13 -43.28 31.55
CA SER B 580 -1.74 -44.10 30.52
C SER B 580 -1.12 -43.69 29.19
N CYS B 581 -1.07 -42.39 28.96
CA CYS B 581 -0.51 -41.85 27.73
C CYS B 581 0.94 -42.25 27.62
N ILE B 582 1.66 -42.16 28.72
CA ILE B 582 3.07 -42.54 28.74
C ILE B 582 3.24 -43.99 28.34
N SER B 583 2.29 -44.83 28.73
CA SER B 583 2.36 -46.24 28.39
C SER B 583 2.19 -46.44 26.88
N ASP B 584 1.09 -45.93 26.35
CA ASP B 584 0.76 -46.03 24.94
C ASP B 584 1.90 -45.59 24.03
N PHE B 585 2.56 -44.50 24.42
CA PHE B 585 3.68 -43.97 23.63
C PHE B 585 4.88 -44.92 23.71
N LEU B 586 5.06 -45.57 24.85
CA LEU B 586 6.17 -46.51 25.02
C LEU B 586 5.97 -47.68 24.07
N ASP B 587 4.72 -48.02 23.80
CA ASP B 587 4.39 -49.08 22.88
C ASP B 587 4.74 -48.54 21.49
N TYR B 588 4.12 -47.40 21.17
CA TYR B 588 4.30 -46.69 19.91
C TYR B 588 5.76 -46.63 19.48
N MET B 589 6.61 -46.17 20.38
CA MET B 589 8.03 -46.09 20.08
C MET B 589 8.66 -47.48 20.18
N GLY B 590 7.95 -48.39 20.85
CA GLY B 590 8.43 -49.75 21.03
C GLY B 590 9.33 -49.92 22.25
N ILE B 591 9.95 -48.83 22.68
CA ILE B 591 10.87 -48.84 23.84
C ILE B 591 10.27 -49.27 25.18
N LYS B 592 9.09 -49.89 25.16
CA LYS B 592 8.49 -50.34 26.41
C LYS B 592 9.28 -51.49 27.00
N GLY B 593 9.97 -51.23 28.11
CA GLY B 593 10.76 -52.27 28.75
C GLY B 593 11.74 -51.76 29.78
N PRO B 594 12.94 -51.35 29.37
CA PRO B 594 13.95 -50.84 30.31
C PRO B 594 13.50 -49.64 31.15
N ARG B 595 14.37 -49.22 32.05
CA ARG B 595 14.11 -48.10 32.94
C ARG B 595 14.76 -46.84 32.37
N MET B 596 14.00 -46.06 31.61
CA MET B 596 14.52 -44.85 31.00
C MET B 596 14.37 -43.63 31.88
N PRO B 597 15.33 -42.70 31.81
CA PRO B 597 15.29 -41.47 32.61
C PRO B 597 14.30 -40.52 31.94
N LEU B 598 13.46 -39.85 32.74
CA LEU B 598 12.46 -38.96 32.19
C LEU B 598 12.47 -37.53 32.72
N GLY B 599 12.33 -36.58 31.80
CA GLY B 599 12.28 -35.17 32.14
C GLY B 599 10.81 -34.75 32.08
N PHE B 600 10.33 -34.10 33.13
CA PHE B 600 8.94 -33.68 33.21
C PHE B 600 8.76 -32.16 33.09
N THR B 601 8.30 -31.69 31.92
CA THR B 601 8.08 -30.28 31.76
C THR B 601 6.68 -30.00 32.27
N PHE B 602 6.61 -29.36 33.43
CA PHE B 602 5.37 -29.01 34.11
C PHE B 602 5.32 -27.48 34.16
N SER B 603 4.53 -26.86 33.29
CA SER B 603 4.42 -25.40 33.21
C SER B 603 3.60 -24.71 34.27
N PHE B 604 3.95 -24.90 35.54
CA PHE B 604 3.25 -24.26 36.65
C PHE B 604 4.26 -23.93 37.72
N PRO B 605 3.90 -23.03 38.65
CA PRO B 605 4.80 -22.62 39.74
C PRO B 605 5.06 -23.74 40.74
N CYS B 606 6.31 -24.18 40.81
CA CYS B 606 6.72 -25.25 41.73
C CYS B 606 7.85 -24.74 42.62
N GLN B 607 7.92 -25.26 43.84
CA GLN B 607 8.97 -24.89 44.78
C GLN B 607 9.96 -26.04 44.74
N GLN B 608 11.16 -25.80 44.20
CA GLN B 608 12.18 -26.84 44.08
C GLN B 608 13.16 -26.88 45.23
N THR B 609 13.63 -28.09 45.52
CA THR B 609 14.60 -28.34 46.57
C THR B 609 15.82 -28.86 45.83
N SER B 610 15.52 -29.52 44.71
CA SER B 610 16.53 -30.10 43.85
C SER B 610 15.89 -30.27 42.49
N LEU B 611 16.68 -30.72 41.53
CA LEU B 611 16.22 -30.93 40.16
C LEU B 611 15.07 -31.94 40.01
N ASP B 612 14.76 -32.70 41.05
CA ASP B 612 13.69 -33.70 40.96
C ASP B 612 12.62 -33.62 42.04
N ALA B 613 12.40 -32.43 42.57
CA ALA B 613 11.40 -32.23 43.61
C ALA B 613 10.64 -30.92 43.36
N GLY B 614 9.35 -31.04 43.08
CA GLY B 614 8.57 -29.85 42.82
C GLY B 614 7.23 -29.83 43.53
N ILE B 615 7.06 -28.85 44.43
CA ILE B 615 5.82 -28.73 45.15
C ILE B 615 4.93 -27.71 44.44
N LEU B 616 3.86 -28.20 43.81
CA LEU B 616 2.94 -27.31 43.10
C LEU B 616 2.46 -26.22 44.04
N ILE B 617 3.01 -25.03 43.86
CA ILE B 617 2.63 -23.90 44.68
C ILE B 617 1.16 -23.54 44.48
N THR B 618 0.75 -23.43 43.22
CA THR B 618 -0.64 -23.10 42.88
C THR B 618 -0.91 -23.42 41.43
N TRP B 619 -2.18 -23.49 41.04
CA TRP B 619 -2.51 -23.77 39.65
C TRP B 619 -2.64 -22.43 38.95
N THR B 620 -2.50 -22.45 37.63
CA THR B 620 -2.63 -21.25 36.83
C THR B 620 -3.24 -21.64 35.49
N LYS B 621 -3.61 -20.66 34.69
CA LYS B 621 -4.23 -20.91 33.40
C LYS B 621 -5.58 -21.64 33.59
N GLY B 622 -5.84 -22.67 32.81
CA GLY B 622 -7.12 -23.37 32.94
C GLY B 622 -7.13 -24.66 33.74
N PHE B 623 -5.99 -25.02 34.31
CA PHE B 623 -5.89 -26.23 35.11
C PHE B 623 -6.45 -26.04 36.51
N LYS B 624 -7.10 -27.07 37.05
CA LYS B 624 -7.68 -26.97 38.38
C LYS B 624 -7.91 -28.31 39.08
N ALA B 625 -7.05 -29.29 38.84
CA ALA B 625 -7.23 -30.61 39.48
C ALA B 625 -7.16 -30.51 41.00
N THR B 626 -7.88 -31.40 41.68
CA THR B 626 -7.91 -31.40 43.13
C THR B 626 -6.82 -32.26 43.74
N ASP B 627 -6.45 -31.94 44.98
CA ASP B 627 -5.43 -32.67 45.72
C ASP B 627 -4.09 -32.71 44.98
N CYS B 628 -3.68 -31.59 44.42
CA CYS B 628 -2.42 -31.52 43.70
C CYS B 628 -1.62 -30.41 44.32
N VAL B 629 -2.27 -29.27 44.54
CA VAL B 629 -1.60 -28.14 45.13
C VAL B 629 -1.08 -28.57 46.48
N GLY B 630 0.19 -28.28 46.75
CA GLY B 630 0.80 -28.66 48.01
C GLY B 630 1.64 -29.92 47.92
N HIS B 631 1.38 -30.76 46.92
CA HIS B 631 2.13 -32.00 46.77
C HIS B 631 3.35 -31.84 45.86
N ASP B 632 4.16 -32.89 45.80
CA ASP B 632 5.33 -32.89 44.94
C ASP B 632 4.85 -33.60 43.68
N VAL B 633 4.90 -32.89 42.56
CA VAL B 633 4.46 -33.43 41.28
C VAL B 633 5.25 -34.63 40.78
N VAL B 634 6.51 -34.75 41.19
CA VAL B 634 7.33 -35.88 40.79
C VAL B 634 6.74 -37.11 41.47
N THR B 635 6.51 -36.97 42.77
CA THR B 635 5.93 -38.03 43.58
C THR B 635 4.55 -38.37 43.00
N LEU B 636 3.69 -37.37 42.90
CA LEU B 636 2.34 -37.56 42.35
C LEU B 636 2.40 -38.43 41.10
N LEU B 637 3.43 -38.22 40.27
CA LEU B 637 3.60 -38.98 39.04
C LEU B 637 4.19 -40.34 39.35
N ARG B 638 5.18 -40.36 40.24
CA ARG B 638 5.83 -41.60 40.64
C ARG B 638 4.78 -42.60 41.10
N ASP B 639 3.84 -42.13 41.91
CA ASP B 639 2.78 -42.97 42.43
C ASP B 639 1.92 -43.56 41.31
N ALA B 640 1.35 -42.68 40.49
CA ALA B 640 0.51 -43.11 39.39
C ALA B 640 1.19 -44.20 38.59
N ILE B 641 2.52 -44.11 38.49
CA ILE B 641 3.31 -45.08 37.75
C ILE B 641 3.33 -46.43 38.48
N LYS B 642 3.58 -46.38 39.79
CA LYS B 642 3.62 -47.57 40.63
C LYS B 642 2.27 -48.28 40.64
N ARG B 643 1.20 -47.49 40.62
CA ARG B 643 -0.15 -48.03 40.63
C ARG B 643 -0.42 -48.89 39.40
N ARG B 644 -0.09 -48.36 38.22
CA ARG B 644 -0.32 -49.09 36.98
C ARG B 644 0.48 -50.38 36.93
N GLU B 645 1.76 -50.29 37.28
CA GLU B 645 2.63 -51.46 37.28
C GLU B 645 2.79 -52.03 35.88
N GLU B 646 2.93 -51.15 34.89
CA GLU B 646 3.09 -51.57 33.51
C GLU B 646 4.54 -51.37 33.06
N PHE B 647 5.30 -50.53 33.77
CA PHE B 647 6.67 -50.24 33.38
C PHE B 647 7.33 -49.51 34.54
N ASP B 648 8.59 -49.09 34.37
CA ASP B 648 9.31 -48.42 35.44
C ASP B 648 10.12 -47.31 34.79
N LEU B 649 10.11 -46.14 35.43
CA LEU B 649 10.79 -44.96 34.94
C LEU B 649 11.70 -44.35 35.97
N ASP B 650 12.58 -43.50 35.47
CA ASP B 650 13.55 -42.81 36.28
C ASP B 650 13.33 -41.30 36.17
N VAL B 651 12.34 -40.76 36.88
CA VAL B 651 12.10 -39.31 36.83
C VAL B 651 13.30 -38.54 37.38
N VAL B 652 14.16 -38.13 36.46
CA VAL B 652 15.37 -37.40 36.82
C VAL B 652 15.16 -35.91 37.04
N ALA B 653 14.13 -35.33 36.42
CA ALA B 653 13.94 -33.90 36.57
C ALA B 653 12.55 -33.37 36.28
N VAL B 654 12.29 -32.20 36.83
CA VAL B 654 11.04 -31.48 36.63
C VAL B 654 11.52 -30.13 36.10
N VAL B 655 10.89 -29.65 35.03
CA VAL B 655 11.29 -28.40 34.40
C VAL B 655 10.14 -27.51 33.95
N ASN B 656 10.32 -26.20 34.05
CA ASN B 656 9.29 -25.24 33.61
C ASN B 656 9.56 -24.92 32.13
N ASP B 657 8.51 -24.84 31.33
CA ASP B 657 8.67 -24.59 29.92
C ASP B 657 9.57 -23.40 29.55
N THR B 658 9.63 -22.39 30.41
CA THR B 658 10.48 -21.27 30.08
C THR B 658 11.93 -21.69 30.17
N VAL B 659 12.24 -22.55 31.13
CA VAL B 659 13.60 -23.04 31.29
C VAL B 659 13.89 -24.10 30.22
N GLY B 660 12.89 -24.89 29.88
CA GLY B 660 13.07 -25.89 28.86
C GLY B 660 13.38 -25.18 27.56
N THR B 661 12.63 -24.12 27.27
CA THR B 661 12.82 -23.33 26.05
C THR B 661 14.23 -22.73 25.98
N MET B 662 14.67 -22.09 27.06
CA MET B 662 15.99 -21.48 27.07
C MET B 662 17.07 -22.49 26.69
N MET B 663 17.00 -23.68 27.28
CA MET B 663 17.99 -24.71 27.00
C MET B 663 17.92 -25.19 25.55
N THR B 664 16.72 -25.35 25.02
CA THR B 664 16.55 -25.78 23.64
C THR B 664 17.31 -24.81 22.73
N CYS B 665 17.11 -23.52 22.96
CA CYS B 665 17.74 -22.47 22.17
C CYS B 665 19.22 -22.24 22.48
N ALA B 666 19.62 -22.52 23.72
CA ALA B 666 21.03 -22.31 24.08
C ALA B 666 21.87 -23.50 23.59
N TYR B 667 21.19 -24.55 23.15
CA TYR B 667 21.86 -25.74 22.63
C TYR B 667 22.60 -25.35 21.37
N GLU B 668 22.04 -24.40 20.63
CA GLU B 668 22.62 -23.91 19.39
C GLU B 668 23.25 -22.53 19.59
N GLU B 669 22.56 -21.66 20.31
CA GLU B 669 23.05 -20.31 20.57
C GLU B 669 23.56 -20.14 22.00
N PRO B 670 24.87 -20.16 22.17
CA PRO B 670 25.55 -20.00 23.47
C PRO B 670 25.29 -18.70 24.22
N THR B 671 24.72 -17.71 23.56
CA THR B 671 24.45 -16.45 24.24
C THR B 671 23.02 -16.35 24.75
N CYS B 672 22.29 -17.45 24.59
CA CYS B 672 20.90 -17.53 25.03
C CYS B 672 20.89 -17.78 26.54
N GLU B 673 20.58 -16.74 27.30
CA GLU B 673 20.54 -16.83 28.75
C GLU B 673 19.18 -16.41 29.32
N VAL B 674 18.20 -16.26 28.44
CA VAL B 674 16.85 -15.89 28.83
C VAL B 674 15.82 -16.73 28.10
N GLY B 675 14.76 -17.11 28.81
CA GLY B 675 13.70 -17.89 28.22
C GLY B 675 12.41 -17.09 28.32
N LEU B 676 11.53 -17.22 27.34
CA LEU B 676 10.29 -16.47 27.39
C LEU B 676 9.18 -17.26 26.72
N ILE B 677 7.99 -17.15 27.28
CA ILE B 677 6.85 -17.84 26.74
C ILE B 677 5.70 -16.84 26.70
N VAL B 678 5.00 -16.82 25.58
CA VAL B 678 3.87 -15.93 25.44
C VAL B 678 2.86 -16.71 24.63
N GLY B 679 2.11 -17.55 25.34
CA GLY B 679 1.09 -18.37 24.71
C GLY B 679 -0.14 -18.34 25.58
N THR B 680 -0.57 -19.51 26.06
CA THR B 680 -1.75 -19.58 26.92
C THR B 680 -1.48 -18.63 28.08
N GLY B 681 -0.30 -18.77 28.67
CA GLY B 681 0.10 -17.91 29.76
C GLY B 681 1.44 -17.31 29.38
N SER B 682 1.95 -16.39 30.18
CA SER B 682 3.24 -15.78 29.89
C SER B 682 4.14 -15.79 31.12
N ASN B 683 5.39 -16.20 30.93
CA ASN B 683 6.35 -16.29 32.01
C ASN B 683 7.72 -16.08 31.42
N ALA B 684 8.72 -15.91 32.26
CA ALA B 684 10.08 -15.70 31.78
C ALA B 684 11.10 -16.20 32.77
N CYS B 685 12.28 -16.55 32.27
CA CYS B 685 13.36 -17.02 33.12
C CYS B 685 14.71 -16.51 32.63
N TYR B 686 15.71 -16.53 33.50
CA TYR B 686 17.03 -16.07 33.11
C TYR B 686 18.10 -16.63 34.03
N MET B 687 19.37 -16.33 33.76
CA MET B 687 20.48 -16.83 34.55
C MET B 687 20.96 -15.79 35.57
N GLU B 688 20.66 -16.06 36.84
CA GLU B 688 21.02 -15.18 37.94
C GLU B 688 22.34 -15.64 38.55
N GLU B 689 23.03 -14.72 39.22
CA GLU B 689 24.30 -15.01 39.87
C GLU B 689 23.98 -15.68 41.21
N MET B 690 24.58 -16.84 41.46
CA MET B 690 24.35 -17.59 42.71
C MET B 690 24.47 -16.75 43.96
N LYS B 691 25.24 -15.67 43.91
CA LYS B 691 25.40 -14.83 45.08
C LYS B 691 24.17 -13.97 45.32
N ASN B 692 23.30 -13.91 44.33
CA ASN B 692 22.07 -13.11 44.45
C ASN B 692 20.88 -13.97 44.87
N VAL B 693 20.97 -15.27 44.63
CA VAL B 693 19.92 -16.23 44.99
C VAL B 693 19.97 -16.60 46.47
N GLU B 694 19.72 -15.61 47.34
CA GLU B 694 19.74 -15.82 48.78
C GLU B 694 18.94 -17.02 49.31
N MET B 695 18.14 -17.63 48.46
CA MET B 695 17.34 -18.77 48.89
C MET B 695 18.05 -20.11 48.68
N VAL B 696 19.16 -20.10 47.94
CA VAL B 696 19.92 -21.33 47.73
C VAL B 696 21.37 -21.12 48.13
N GLU B 697 21.81 -21.91 49.10
CA GLU B 697 23.17 -21.85 49.65
C GLU B 697 24.31 -21.79 48.64
N GLY B 698 25.16 -20.79 48.80
CA GLY B 698 26.31 -20.63 47.92
C GLY B 698 26.31 -19.30 47.18
N ASP B 699 27.42 -19.00 46.52
CA ASP B 699 27.57 -17.77 45.74
C ASP B 699 28.63 -18.03 44.67
N GLN B 700 28.64 -19.27 44.21
CA GLN B 700 29.57 -19.71 43.19
C GLN B 700 28.82 -20.13 41.94
N GLY B 701 29.10 -19.45 40.84
CA GLY B 701 28.44 -19.77 39.59
C GLY B 701 27.08 -19.12 39.48
N GLN B 702 26.20 -19.71 38.68
CA GLN B 702 24.88 -19.13 38.50
C GLN B 702 23.78 -20.19 38.56
N MET B 703 22.54 -19.70 38.58
CA MET B 703 21.37 -20.56 38.66
C MET B 703 20.24 -20.02 37.79
N CYS B 704 19.48 -20.91 37.17
CA CYS B 704 18.38 -20.51 36.31
C CYS B 704 17.16 -20.22 37.18
N ILE B 705 16.69 -18.97 37.12
CA ILE B 705 15.54 -18.53 37.90
C ILE B 705 14.24 -18.43 37.11
N ASN B 706 13.26 -19.25 37.49
CA ASN B 706 11.94 -19.23 36.85
C ASN B 706 11.16 -18.15 37.57
N MET B 707 11.15 -16.96 37.00
CA MET B 707 10.49 -15.83 37.63
C MET B 707 9.01 -15.99 38.02
N GLU B 708 8.22 -16.63 37.16
CA GLU B 708 6.79 -16.76 37.40
C GLU B 708 6.28 -15.32 37.48
N TRP B 709 6.67 -14.51 36.50
CA TRP B 709 6.30 -13.10 36.46
C TRP B 709 4.84 -12.83 36.14
N GLY B 710 4.07 -13.88 35.93
CA GLY B 710 2.67 -13.67 35.61
C GLY B 710 1.96 -13.07 36.79
N ALA B 711 2.47 -13.36 37.99
CA ALA B 711 1.86 -12.86 39.21
C ALA B 711 2.19 -11.39 39.50
N PHE B 712 3.04 -10.79 38.67
CA PHE B 712 3.42 -9.39 38.86
C PHE B 712 2.14 -8.59 38.92
N GLY B 713 2.02 -7.72 39.91
CA GLY B 713 0.81 -6.91 40.02
C GLY B 713 -0.25 -7.53 40.90
N ASP B 714 -0.02 -8.73 41.39
CA ASP B 714 -0.99 -9.38 42.25
C ASP B 714 -1.05 -8.72 43.64
N ASN B 715 -0.23 -7.69 43.85
CA ASN B 715 -0.21 -6.99 45.14
C ASN B 715 -0.70 -5.58 44.95
N GLY B 716 -1.15 -5.27 43.74
CA GLY B 716 -1.65 -3.94 43.46
C GLY B 716 -0.74 -3.03 42.66
N CYS B 717 0.56 -3.33 42.59
CA CYS B 717 1.50 -2.47 41.86
C CYS B 717 1.09 -2.07 40.46
N LEU B 718 0.11 -2.75 39.88
CA LEU B 718 -0.33 -2.43 38.53
C LEU B 718 -1.72 -1.81 38.47
N ASP B 719 -2.42 -1.79 39.60
CA ASP B 719 -3.78 -1.24 39.65
C ASP B 719 -3.78 0.16 39.08
N ASP B 720 -2.57 0.64 38.85
CA ASP B 720 -2.30 1.94 38.30
C ASP B 720 -2.77 2.04 36.85
N ILE B 721 -2.48 0.99 36.08
CA ILE B 721 -2.83 0.97 34.67
C ILE B 721 -3.90 -0.05 34.25
N ARG B 722 -4.42 -0.82 35.21
CA ARG B 722 -5.45 -1.80 34.91
C ARG B 722 -6.77 -1.07 34.69
N THR B 723 -7.63 -1.63 33.86
CA THR B 723 -8.92 -1.01 33.55
C THR B 723 -10.15 -1.77 34.00
N HIS B 724 -11.30 -1.14 33.82
CA HIS B 724 -12.55 -1.74 34.18
C HIS B 724 -12.67 -3.08 33.50
N TYR B 725 -12.19 -3.16 32.27
CA TYR B 725 -12.28 -4.41 31.52
C TYR B 725 -11.27 -5.44 31.99
N ASP B 726 -10.17 -4.98 32.56
CA ASP B 726 -9.17 -5.93 33.03
C ASP B 726 -9.72 -6.55 34.30
N ARG B 727 -10.37 -5.72 35.10
CA ARG B 727 -10.93 -6.21 36.35
C ARG B 727 -12.05 -7.18 36.06
N LEU B 728 -12.94 -6.85 35.14
CA LEU B 728 -14.01 -7.80 34.85
C LEU B 728 -13.43 -9.16 34.45
N VAL B 729 -12.45 -9.15 33.54
CA VAL B 729 -11.82 -10.40 33.09
C VAL B 729 -11.21 -11.15 34.27
N ASP B 730 -10.59 -10.42 35.18
CA ASP B 730 -9.99 -11.05 36.32
C ASP B 730 -11.08 -11.65 37.18
N GLU B 731 -12.04 -10.81 37.55
CA GLU B 731 -13.16 -11.21 38.41
C GLU B 731 -13.92 -12.46 37.99
N TYR B 732 -13.86 -12.81 36.71
CA TYR B 732 -14.58 -13.97 36.20
C TYR B 732 -13.66 -15.13 35.84
N SER B 733 -12.38 -15.01 36.17
CA SER B 733 -11.43 -16.07 35.86
C SER B 733 -11.49 -17.17 36.90
N LEU B 734 -10.87 -18.30 36.60
CA LEU B 734 -10.83 -19.42 37.54
C LEU B 734 -10.03 -19.07 38.79
N ASN B 735 -9.14 -18.10 38.65
CA ASN B 735 -8.27 -17.67 39.73
C ASN B 735 -8.36 -16.18 40.00
N ALA B 736 -9.56 -15.71 40.32
CA ALA B 736 -9.76 -14.29 40.59
C ALA B 736 -8.68 -13.77 41.51
N GLY B 737 -8.10 -12.62 41.18
CA GLY B 737 -7.08 -12.03 42.01
C GLY B 737 -5.64 -12.37 41.74
N LYS B 738 -5.35 -13.51 41.12
CA LYS B 738 -3.97 -13.85 40.85
C LYS B 738 -3.59 -13.73 39.38
N GLN B 739 -2.28 -13.66 39.13
CA GLN B 739 -1.75 -13.57 37.78
C GLN B 739 -2.25 -12.36 36.99
N ARG B 740 -2.38 -11.21 37.63
CA ARG B 740 -2.89 -10.01 36.96
C ARG B 740 -2.10 -9.57 35.71
N TYR B 741 -0.78 -9.58 35.78
CA TYR B 741 0.09 -9.19 34.66
C TYR B 741 -0.15 -10.09 33.45
N GLU B 742 0.07 -11.39 33.62
CA GLU B 742 -0.13 -12.34 32.55
C GLU B 742 -1.51 -12.19 31.91
N LYS B 743 -2.50 -11.76 32.69
CA LYS B 743 -3.86 -11.59 32.18
C LYS B 743 -4.05 -10.34 31.29
N MET B 744 -2.99 -9.56 31.11
CA MET B 744 -3.05 -8.37 30.24
C MET B 744 -2.16 -8.67 29.05
N ILE B 745 -1.66 -9.91 28.98
CA ILE B 745 -0.72 -10.33 27.93
C ILE B 745 -0.96 -11.63 27.16
N SER B 746 -1.21 -12.73 27.87
CA SER B 746 -1.35 -14.03 27.21
C SER B 746 -2.55 -14.27 26.34
N GLY B 747 -2.41 -15.26 25.46
CA GLY B 747 -3.46 -15.60 24.51
C GLY B 747 -4.76 -16.09 25.10
N MET B 748 -4.70 -16.60 26.32
CA MET B 748 -5.90 -17.11 26.95
C MET B 748 -6.82 -16.01 27.45
N TYR B 749 -6.27 -14.81 27.65
CA TYR B 749 -7.07 -13.70 28.17
C TYR B 749 -7.31 -12.52 27.26
N LEU B 750 -6.36 -12.21 26.38
CA LEU B 750 -6.54 -11.08 25.49
C LEU B 750 -7.94 -11.04 24.90
N GLY B 751 -8.37 -12.16 24.34
CA GLY B 751 -9.69 -12.20 23.73
C GLY B 751 -10.78 -11.72 24.64
N GLU B 752 -10.73 -12.14 25.90
CA GLU B 752 -11.75 -11.76 26.87
C GLU B 752 -11.78 -10.25 27.11
N ILE B 753 -10.62 -9.61 27.15
CA ILE B 753 -10.61 -8.16 27.35
C ILE B 753 -11.40 -7.54 26.21
N VAL B 754 -11.12 -8.02 25.01
CA VAL B 754 -11.80 -7.51 23.82
C VAL B 754 -13.31 -7.72 23.89
N ARG B 755 -13.73 -8.97 24.11
CA ARG B 755 -15.15 -9.28 24.21
C ARG B 755 -15.82 -8.30 25.16
N ASN B 756 -15.22 -8.11 26.33
CA ASN B 756 -15.79 -7.22 27.32
C ASN B 756 -15.86 -5.78 26.86
N ILE B 757 -14.88 -5.33 26.09
CA ILE B 757 -14.95 -3.95 25.61
C ILE B 757 -16.07 -3.87 24.59
N LEU B 758 -16.19 -4.88 23.74
CA LEU B 758 -17.21 -4.92 22.71
C LEU B 758 -18.62 -4.91 23.28
N ILE B 759 -18.87 -5.75 24.29
CA ILE B 759 -20.21 -5.79 24.90
C ILE B 759 -20.60 -4.40 25.38
N ASP B 760 -19.66 -3.71 26.01
CA ASP B 760 -19.90 -2.36 26.52
C ASP B 760 -20.25 -1.37 25.40
N PHE B 761 -19.50 -1.39 24.31
CA PHE B 761 -19.77 -0.48 23.21
C PHE B 761 -21.15 -0.81 22.62
N THR B 762 -21.50 -2.09 22.62
CA THR B 762 -22.78 -2.53 22.09
C THR B 762 -23.93 -1.95 22.90
N LYS B 763 -23.83 -2.08 24.22
CA LYS B 763 -24.86 -1.58 25.09
C LYS B 763 -25.02 -0.09 24.88
N LYS B 764 -23.93 0.62 24.66
CA LYS B 764 -24.01 2.07 24.45
C LYS B 764 -24.49 2.40 23.04
N GLY B 765 -24.75 1.36 22.25
CA GLY B 765 -25.23 1.53 20.89
C GLY B 765 -24.21 2.00 19.88
N PHE B 766 -22.99 1.50 19.95
CA PHE B 766 -21.93 1.89 19.00
C PHE B 766 -21.60 0.75 18.03
N LEU B 767 -22.05 -0.47 18.38
CA LEU B 767 -21.78 -1.67 17.59
C LEU B 767 -23.00 -2.56 17.44
N PHE B 768 -23.12 -3.19 16.27
CA PHE B 768 -24.21 -4.10 16.02
C PHE B 768 -25.61 -3.60 16.41
N ARG B 769 -25.91 -2.36 16.07
CA ARG B 769 -27.22 -1.79 16.38
C ARG B 769 -27.66 -1.90 17.84
N GLY B 770 -26.71 -2.14 18.74
CA GLY B 770 -27.02 -2.20 20.15
C GLY B 770 -27.57 -3.50 20.71
N GLN B 771 -27.49 -4.57 19.91
CA GLN B 771 -27.99 -5.87 20.34
C GLN B 771 -26.86 -6.79 20.82
N ILE B 772 -26.91 -7.26 22.06
CA ILE B 772 -25.88 -8.17 22.52
C ILE B 772 -26.31 -9.59 22.14
N SER B 773 -25.60 -10.21 21.21
CA SER B 773 -25.95 -11.54 20.77
C SER B 773 -25.44 -12.62 21.70
N GLU B 774 -25.90 -13.85 21.47
CA GLU B 774 -25.49 -14.97 22.29
C GLU B 774 -24.00 -15.25 22.10
N THR B 775 -23.54 -15.09 20.86
CA THR B 775 -22.13 -15.30 20.53
C THR B 775 -21.28 -14.34 21.37
N LEU B 776 -21.67 -13.07 21.36
CA LEU B 776 -20.95 -12.05 22.10
C LEU B 776 -20.89 -12.38 23.56
N LYS B 777 -21.83 -13.19 24.02
CA LYS B 777 -21.93 -13.58 25.42
C LYS B 777 -21.17 -14.86 25.71
N THR B 778 -20.67 -15.51 24.66
CA THR B 778 -19.93 -16.73 24.85
C THR B 778 -18.47 -16.42 25.17
N ARG B 779 -18.01 -16.87 26.32
CA ARG B 779 -16.63 -16.61 26.68
C ARG B 779 -15.73 -17.52 25.88
N GLY B 780 -14.55 -17.02 25.53
CA GLY B 780 -13.56 -17.77 24.76
C GLY B 780 -13.73 -17.63 23.25
N ILE B 781 -14.76 -16.91 22.83
CA ILE B 781 -15.04 -16.73 21.42
C ILE B 781 -13.87 -16.18 20.59
N PHE B 782 -13.11 -15.24 21.14
CA PHE B 782 -11.99 -14.65 20.39
C PHE B 782 -10.65 -15.33 20.58
N GLU B 783 -10.52 -16.54 20.04
CA GLU B 783 -9.26 -17.30 20.13
C GLU B 783 -8.06 -16.50 19.66
N THR B 784 -6.86 -17.00 19.96
CA THR B 784 -5.61 -16.36 19.56
C THR B 784 -5.53 -16.38 18.04
N LYS B 785 -6.03 -17.45 17.46
CA LYS B 785 -6.02 -17.65 16.02
C LYS B 785 -6.83 -16.59 15.29
N PHE B 786 -7.92 -16.13 15.89
CA PHE B 786 -8.77 -15.11 15.28
C PHE B 786 -8.23 -13.71 15.47
N LEU B 787 -7.70 -13.44 16.67
CA LEU B 787 -7.14 -12.13 16.98
C LEU B 787 -5.99 -11.86 16.02
N SER B 788 -5.35 -12.94 15.60
CA SER B 788 -4.22 -12.87 14.69
C SER B 788 -4.64 -12.66 13.23
N GLN B 789 -5.78 -13.21 12.83
CA GLN B 789 -6.31 -13.06 11.47
C GLN B 789 -6.83 -11.64 11.26
N ILE B 790 -7.74 -11.23 12.15
CA ILE B 790 -8.34 -9.91 12.12
C ILE B 790 -7.33 -8.77 12.03
N GLU B 791 -6.18 -8.93 12.67
CA GLU B 791 -5.17 -7.89 12.66
C GLU B 791 -4.20 -7.96 11.50
N SER B 792 -4.28 -9.04 10.72
CA SER B 792 -3.40 -9.20 9.56
C SER B 792 -3.45 -7.92 8.76
N ASP B 793 -2.30 -7.49 8.25
CA ASP B 793 -2.22 -6.27 7.46
C ASP B 793 -2.60 -6.52 6.00
N ARG B 794 -2.48 -7.78 5.58
CA ARG B 794 -2.80 -8.18 4.22
C ARG B 794 -4.30 -8.39 4.06
N LEU B 795 -5.05 -8.18 5.14
CA LEU B 795 -6.49 -8.34 5.14
C LEU B 795 -7.20 -7.12 4.60
N ALA B 796 -8.42 -7.33 4.10
CA ALA B 796 -9.25 -6.26 3.56
C ALA B 796 -10.55 -6.22 4.37
N LEU B 797 -11.09 -5.03 4.58
CA LEU B 797 -12.31 -4.86 5.36
C LEU B 797 -13.38 -5.87 5.02
N LEU B 798 -13.57 -6.13 3.74
CA LEU B 798 -14.58 -7.10 3.33
C LEU B 798 -14.30 -8.43 4.02
N GLN B 799 -13.03 -8.82 4.05
CA GLN B 799 -12.62 -10.08 4.68
C GLN B 799 -12.84 -10.05 6.18
N VAL B 800 -12.47 -8.95 6.83
CA VAL B 800 -12.67 -8.83 8.27
C VAL B 800 -14.14 -9.06 8.58
N ARG B 801 -15.02 -8.34 7.90
CA ARG B 801 -16.45 -8.51 8.12
C ARG B 801 -16.87 -9.95 7.91
N ALA B 802 -16.24 -10.63 6.96
CA ALA B 802 -16.58 -12.02 6.69
C ALA B 802 -16.28 -12.84 7.93
N ILE B 803 -15.02 -12.85 8.35
CA ILE B 803 -14.60 -13.59 9.52
C ILE B 803 -15.55 -13.39 10.70
N LEU B 804 -15.90 -12.14 10.98
CA LEU B 804 -16.76 -11.83 12.10
C LEU B 804 -18.11 -12.50 11.96
N GLN B 805 -18.68 -12.43 10.77
CA GLN B 805 -19.98 -13.03 10.52
C GLN B 805 -19.90 -14.52 10.72
N GLN B 806 -18.75 -15.10 10.38
CA GLN B 806 -18.56 -16.53 10.55
C GLN B 806 -18.67 -16.85 12.03
N LEU B 807 -18.17 -15.95 12.87
CA LEU B 807 -18.20 -16.14 14.31
C LEU B 807 -19.61 -16.07 14.86
N GLY B 808 -20.51 -15.52 14.06
CA GLY B 808 -21.88 -15.40 14.52
C GLY B 808 -22.25 -13.96 14.78
N LEU B 809 -21.33 -13.04 14.51
CA LEU B 809 -21.57 -11.62 14.71
C LEU B 809 -22.02 -10.97 13.41
N ASN B 810 -23.22 -10.40 13.42
CA ASN B 810 -23.74 -9.73 12.25
C ASN B 810 -23.12 -8.34 12.28
N SER B 811 -22.09 -8.13 11.48
CA SER B 811 -21.44 -6.84 11.47
C SER B 811 -21.46 -6.17 10.13
N THR B 812 -21.62 -4.86 10.17
CA THR B 812 -21.60 -4.06 8.96
C THR B 812 -20.14 -3.80 8.75
N CYS B 813 -19.82 -2.97 7.77
CA CYS B 813 -18.42 -2.68 7.51
C CYS B 813 -17.92 -1.69 8.60
N ASP B 814 -18.77 -0.76 9.02
CA ASP B 814 -18.40 0.22 10.05
C ASP B 814 -18.10 -0.50 11.36
N ASP B 815 -18.83 -1.58 11.62
CA ASP B 815 -18.65 -2.39 12.81
C ASP B 815 -17.26 -3.01 12.75
N SER B 816 -16.98 -3.71 11.65
CA SER B 816 -15.71 -4.37 11.46
C SER B 816 -14.55 -3.43 11.74
N ILE B 817 -14.64 -2.19 11.28
CA ILE B 817 -13.56 -1.23 11.51
C ILE B 817 -13.33 -1.02 13.00
N LEU B 818 -14.40 -0.87 13.77
CA LEU B 818 -14.27 -0.66 15.21
C LEU B 818 -13.74 -1.88 15.95
N VAL B 819 -14.17 -3.06 15.56
CA VAL B 819 -13.71 -4.29 16.21
C VAL B 819 -12.21 -4.50 15.95
N LYS B 820 -11.78 -4.28 14.73
CA LYS B 820 -10.36 -4.44 14.39
C LYS B 820 -9.57 -3.44 15.24
N THR B 821 -10.06 -2.21 15.34
CA THR B 821 -9.37 -1.19 16.11
C THR B 821 -9.23 -1.64 17.54
N VAL B 822 -10.33 -2.06 18.14
CA VAL B 822 -10.30 -2.52 19.52
C VAL B 822 -9.24 -3.59 19.70
N CYS B 823 -9.19 -4.54 18.76
CA CYS B 823 -8.22 -5.63 18.81
C CYS B 823 -6.79 -5.11 18.79
N GLY B 824 -6.56 -4.08 18.01
CA GLY B 824 -5.21 -3.52 17.91
C GLY B 824 -4.75 -2.87 19.19
N VAL B 825 -5.61 -2.06 19.78
CA VAL B 825 -5.26 -1.38 21.01
C VAL B 825 -4.86 -2.37 22.09
N VAL B 826 -5.68 -3.39 22.25
CA VAL B 826 -5.46 -4.38 23.28
C VAL B 826 -4.19 -5.17 23.03
N SER B 827 -4.00 -5.63 21.81
CA SER B 827 -2.81 -6.42 21.48
C SER B 827 -1.53 -5.59 21.56
N ARG B 828 -1.63 -4.30 21.23
CA ARG B 828 -0.45 -3.43 21.31
C ARG B 828 -0.04 -3.28 22.76
N ARG B 829 -0.98 -2.90 23.62
CA ARG B 829 -0.67 -2.74 25.03
C ARG B 829 -0.03 -4.00 25.59
N ALA B 830 -0.51 -5.16 25.15
CA ALA B 830 0.02 -6.43 25.62
C ALA B 830 1.48 -6.60 25.26
N ALA B 831 1.86 -6.22 24.04
CA ALA B 831 3.25 -6.34 23.63
C ALA B 831 4.11 -5.35 24.42
N GLN B 832 3.65 -4.12 24.59
CA GLN B 832 4.41 -3.12 25.33
C GLN B 832 4.70 -3.54 26.75
N LEU B 833 3.65 -3.94 27.47
CA LEU B 833 3.80 -4.37 28.85
C LEU B 833 4.78 -5.53 28.90
N CYS B 834 4.72 -6.42 27.91
CA CYS B 834 5.62 -7.57 27.90
C CYS B 834 7.05 -7.11 27.67
N GLY B 835 7.18 -6.06 26.86
CA GLY B 835 8.49 -5.51 26.56
C GLY B 835 9.10 -4.87 27.79
N ALA B 836 8.33 -4.07 28.50
CA ALA B 836 8.84 -3.44 29.72
C ALA B 836 9.28 -4.52 30.70
N GLY B 837 8.57 -5.64 30.71
CA GLY B 837 8.94 -6.74 31.59
C GLY B 837 10.29 -7.32 31.22
N MET B 838 10.44 -7.72 29.97
CA MET B 838 11.70 -8.27 29.48
C MET B 838 12.82 -7.24 29.59
N ALA B 839 12.51 -5.97 29.35
CA ALA B 839 13.53 -4.93 29.43
C ALA B 839 14.14 -4.90 30.82
N ALA B 840 13.31 -5.08 31.84
CA ALA B 840 13.82 -5.08 33.21
C ALA B 840 14.78 -6.25 33.37
N VAL B 841 14.42 -7.42 32.85
CA VAL B 841 15.26 -8.61 32.97
C VAL B 841 16.65 -8.39 32.38
N VAL B 842 16.71 -8.11 31.08
CA VAL B 842 17.99 -7.92 30.41
C VAL B 842 18.89 -6.86 31.03
N ASP B 843 18.32 -5.78 31.54
CA ASP B 843 19.17 -4.77 32.16
C ASP B 843 19.69 -5.20 33.52
N LYS B 844 19.09 -6.22 34.11
CA LYS B 844 19.58 -6.71 35.40
C LYS B 844 20.78 -7.60 35.09
N ILE B 845 20.63 -8.43 34.07
CA ILE B 845 21.71 -9.32 33.67
C ILE B 845 22.92 -8.48 33.29
N ARG B 846 22.68 -7.28 32.80
CA ARG B 846 23.77 -6.40 32.40
C ARG B 846 24.46 -5.76 33.60
N GLU B 847 23.67 -5.35 34.58
CA GLU B 847 24.23 -4.73 35.76
C GLU B 847 24.95 -5.77 36.60
N ASN B 848 24.44 -7.00 36.57
CA ASN B 848 25.05 -8.10 37.32
C ASN B 848 26.48 -8.32 36.85
N ARG B 849 26.69 -8.33 35.54
CA ARG B 849 28.02 -8.53 35.01
C ARG B 849 28.72 -7.17 34.89
N GLY B 850 28.15 -6.17 35.56
CA GLY B 850 28.73 -4.83 35.51
C GLY B 850 29.17 -4.37 34.13
N LEU B 851 28.31 -4.54 33.12
CA LEU B 851 28.65 -4.11 31.77
C LEU B 851 27.96 -2.78 31.43
N ASP B 852 28.44 -2.12 30.38
CA ASP B 852 27.88 -0.84 29.93
C ASP B 852 27.15 -1.13 28.62
N ARG B 853 27.19 -2.40 28.23
CA ARG B 853 26.56 -2.84 27.02
C ARG B 853 26.57 -4.34 27.09
N LEU B 854 25.40 -4.95 26.90
CA LEU B 854 25.28 -6.40 26.94
C LEU B 854 24.56 -6.94 25.71
N ASN B 855 25.10 -8.01 25.17
CA ASN B 855 24.53 -8.66 24.00
C ASN B 855 24.02 -9.98 24.52
N VAL B 856 22.72 -10.22 24.36
CA VAL B 856 22.12 -11.46 24.83
C VAL B 856 20.93 -11.83 23.97
N THR B 857 20.77 -13.13 23.72
CA THR B 857 19.63 -13.59 22.93
C THR B 857 18.63 -14.27 23.85
N VAL B 858 17.36 -14.21 23.44
CA VAL B 858 16.27 -14.78 24.21
C VAL B 858 15.60 -15.92 23.46
N GLY B 859 15.38 -17.04 24.15
CA GLY B 859 14.70 -18.17 23.54
C GLY B 859 13.21 -17.96 23.77
N VAL B 860 12.43 -17.97 22.68
CA VAL B 860 10.98 -17.74 22.76
C VAL B 860 10.12 -18.87 22.26
N ASP B 861 8.87 -18.85 22.68
CA ASP B 861 7.89 -19.85 22.25
C ASP B 861 6.51 -19.41 22.72
N GLY B 862 5.48 -19.94 22.06
CA GLY B 862 4.13 -19.57 22.43
C GLY B 862 3.32 -19.23 21.20
N THR B 863 2.12 -19.79 21.08
CA THR B 863 1.27 -19.55 19.94
C THR B 863 1.00 -18.05 19.69
N LEU B 864 0.65 -17.29 20.73
CA LEU B 864 0.39 -15.88 20.51
C LEU B 864 1.60 -15.21 19.87
N TYR B 865 2.81 -15.53 20.35
CA TYR B 865 4.02 -14.93 19.81
C TYR B 865 4.26 -15.34 18.37
N LYS B 866 4.03 -16.61 18.08
CA LYS B 866 4.25 -17.14 16.74
C LYS B 866 3.25 -16.68 15.69
N LEU B 867 1.95 -16.68 16.03
CA LEU B 867 0.90 -16.31 15.07
C LEU B 867 0.52 -14.83 14.96
N HIS B 868 0.69 -14.07 16.02
CA HIS B 868 0.28 -12.69 15.92
C HIS B 868 1.14 -11.87 14.98
N PRO B 869 0.50 -11.11 14.08
CA PRO B 869 1.17 -10.26 13.10
C PRO B 869 1.98 -9.05 13.62
N HIS B 870 1.75 -8.62 14.86
CA HIS B 870 2.50 -7.47 15.36
C HIS B 870 3.12 -7.56 16.76
N PHE B 871 2.63 -8.49 17.58
CA PHE B 871 3.14 -8.65 18.93
C PHE B 871 4.66 -8.61 19.03
N SER B 872 5.33 -9.56 18.40
CA SER B 872 6.78 -9.62 18.47
C SER B 872 7.47 -8.35 18.04
N ARG B 873 7.06 -7.82 16.89
CA ARG B 873 7.68 -6.60 16.40
C ARG B 873 7.58 -5.48 17.41
N ILE B 874 6.37 -5.18 17.86
CA ILE B 874 6.17 -4.11 18.82
C ILE B 874 6.89 -4.41 20.12
N MET B 875 7.01 -5.70 20.43
CA MET B 875 7.69 -6.09 21.65
C MET B 875 9.17 -5.74 21.54
N HIS B 876 9.81 -6.31 20.53
CA HIS B 876 11.23 -6.09 20.31
C HIS B 876 11.56 -4.60 20.33
N GLN B 877 10.70 -3.81 19.70
CA GLN B 877 10.86 -2.36 19.61
C GLN B 877 10.90 -1.71 21.00
N THR B 878 10.00 -2.16 21.87
CA THR B 878 9.87 -1.63 23.21
C THR B 878 11.05 -1.97 24.12
N VAL B 879 11.59 -3.17 23.96
CA VAL B 879 12.73 -3.59 24.75
C VAL B 879 13.90 -2.67 24.38
N LYS B 880 14.11 -2.55 23.07
CA LYS B 880 15.16 -1.71 22.52
C LYS B 880 15.06 -0.26 23.00
N GLU B 881 13.84 0.21 23.22
CA GLU B 881 13.64 1.59 23.65
C GLU B 881 13.80 1.79 25.16
N LEU B 882 13.50 0.76 25.94
CA LEU B 882 13.59 0.85 27.40
C LEU B 882 14.95 0.40 27.95
N SER B 883 15.67 -0.41 27.18
CA SER B 883 16.99 -0.87 27.59
C SER B 883 17.95 -0.70 26.42
N PRO B 884 18.33 0.56 26.13
CA PRO B 884 19.23 0.93 25.03
C PRO B 884 20.66 0.46 25.19
N LYS B 885 20.99 -0.02 26.39
CA LYS B 885 22.33 -0.50 26.64
C LYS B 885 22.46 -2.01 26.45
N CYS B 886 21.37 -2.64 25.98
CA CYS B 886 21.39 -4.08 25.73
C CYS B 886 21.00 -4.35 24.29
N ASN B 887 21.69 -5.30 23.65
CA ASN B 887 21.38 -5.67 22.29
C ASN B 887 20.79 -7.07 22.35
N VAL B 888 19.48 -7.13 22.51
CA VAL B 888 18.77 -8.40 22.62
C VAL B 888 18.40 -8.96 21.28
N SER B 889 18.38 -10.28 21.18
CA SER B 889 18.01 -10.97 19.96
C SER B 889 17.04 -12.05 20.40
N PHE B 890 16.01 -12.28 19.60
CA PHE B 890 15.03 -13.28 19.96
C PHE B 890 15.10 -14.44 19.00
N LEU B 891 15.43 -15.60 19.53
CA LEU B 891 15.53 -16.81 18.74
C LEU B 891 14.27 -17.60 19.06
N LEU B 892 13.58 -18.08 18.03
CA LEU B 892 12.35 -18.84 18.24
C LEU B 892 12.59 -20.33 18.29
N SER B 893 12.04 -20.96 19.32
CA SER B 893 12.19 -22.39 19.50
C SER B 893 11.19 -23.06 18.56
N GLU B 894 11.69 -23.89 17.65
CA GLU B 894 10.83 -24.59 16.69
C GLU B 894 10.69 -26.07 17.03
N ASP B 895 11.46 -26.52 18.02
CA ASP B 895 11.41 -27.92 18.42
C ASP B 895 10.71 -28.10 19.77
N GLY B 896 10.24 -27.00 20.36
CA GLY B 896 9.56 -27.10 21.62
C GLY B 896 10.49 -27.30 22.82
N SER B 897 9.90 -27.42 24.00
CA SER B 897 10.65 -27.59 25.23
C SER B 897 11.36 -28.93 25.35
N GLY B 898 10.79 -29.96 24.73
CA GLY B 898 11.38 -31.30 24.80
C GLY B 898 12.90 -31.37 24.72
N LYS B 899 13.48 -30.82 23.66
CA LYS B 899 14.91 -30.83 23.50
C LYS B 899 15.66 -30.32 24.72
N GLY B 900 15.16 -29.26 25.32
CA GLY B 900 15.79 -28.70 26.50
C GLY B 900 15.55 -29.51 27.76
N ALA B 901 14.41 -30.20 27.84
CA ALA B 901 14.11 -31.00 29.01
C ALA B 901 15.09 -32.17 29.08
N ALA B 902 15.30 -32.81 27.93
CA ALA B 902 16.22 -33.95 27.85
C ALA B 902 17.65 -33.51 28.13
N LEU B 903 18.02 -32.32 27.70
CA LEU B 903 19.36 -31.78 27.92
C LEU B 903 19.59 -31.45 29.38
N ILE B 904 18.51 -31.45 30.17
CA ILE B 904 18.58 -31.15 31.59
C ILE B 904 18.59 -32.51 32.28
N THR B 905 17.76 -33.40 31.76
CA THR B 905 17.66 -34.75 32.29
C THR B 905 19.04 -35.42 32.24
N ALA B 906 19.77 -35.13 31.18
CA ALA B 906 21.10 -35.69 31.01
C ALA B 906 22.00 -35.33 32.18
N VAL B 907 22.11 -34.04 32.46
CA VAL B 907 22.93 -33.58 33.56
C VAL B 907 22.38 -34.15 34.86
N GLY B 908 21.06 -34.12 35.01
CA GLY B 908 20.47 -34.66 36.21
C GLY B 908 21.05 -36.03 36.47
N VAL B 909 20.99 -36.91 35.48
CA VAL B 909 21.52 -38.25 35.62
C VAL B 909 23.00 -38.22 35.95
N ARG B 910 23.77 -37.48 35.16
CA ARG B 910 25.21 -37.36 35.34
C ARG B 910 25.61 -36.99 36.77
N LEU B 911 24.75 -36.26 37.47
CA LEU B 911 25.00 -35.85 38.85
C LEU B 911 24.45 -36.87 39.84
N ARG B 912 23.53 -37.71 39.35
CA ARG B 912 22.91 -38.74 40.15
C ARG B 912 23.85 -39.95 40.18
N THR B 913 24.46 -40.25 39.04
CA THR B 913 25.40 -41.37 38.93
C THR B 913 26.64 -41.08 39.74
N GLU B 914 27.05 -39.81 39.76
CA GLU B 914 28.23 -39.39 40.51
C GLU B 914 27.84 -39.22 41.97
#